data_3EKM
#
_entry.id   3EKM
#
_cell.length_a   102.361
_cell.length_b   136.606
_cell.length_c   102.556
_cell.angle_alpha   90.00
_cell.angle_beta   119.78
_cell.angle_gamma   90.00
#
_symmetry.space_group_name_H-M   'P 1 21 1'
#
loop_
_entity.id
_entity.type
_entity.pdbx_description
1 polymer 'Diaminopimelate epimerase, chloroplastic'
2 non-polymer '(2R,6S)-2,6-DIAMINO-2-METHYLHEPTANEDIOIC ACID'
3 water water
#
_entity_poly.entity_id   1
_entity_poly.type   'polypeptide(L)'
_entity_poly.pdbx_seq_one_letter_code
;AAASMDAVTAEKFSPASFLDKKETGVLHFVKYHGLGNDFILVDNRDSSEPKITQEQAAKLCDRNFGVGADGVIFAMPGVN
GTDYAMRIFNSDGSEPEMCGNGVRCFARFIAELENLQGKHSFTIHTGAGLIVPEIQDDGQVKVDMGTPILKAQDVPTKLS
GNKGEAVVEAELVVDGVSWNVTCVSMGNPHCITFGKKGGPNLKVDDLNLPEIGPKFEHHEMFPARTNTEFVEVLSRSHLK
MRVWERGAGATLACGTGACALVVAAVLEGRADRKCTVDLPGGPLEIEWKQEDNHIYMTGPAEAVFYGSALLHHHHHH
;
_entity_poly.pdbx_strand_id   A,B,C,D,E,F
#
loop_
_chem_comp.id
_chem_comp.type
_chem_comp.name
_chem_comp.formula
ZDR non-polymer '(2R,6S)-2,6-DIAMINO-2-METHYLHEPTANEDIOIC ACID' 'C8 H16 N2 O4'
#
# COMPACT_ATOMS: atom_id res chain seq x y z
N GLY A 25 20.23 -17.82 12.34
CA GLY A 25 19.24 -16.70 12.46
C GLY A 25 19.05 -15.92 11.16
N VAL A 26 18.12 -14.97 11.17
CA VAL A 26 17.84 -14.14 10.00
C VAL A 26 17.61 -12.72 10.46
N LEU A 27 17.98 -11.77 9.62
CA LEU A 27 17.79 -10.35 9.93
C LEU A 27 17.09 -9.70 8.77
N HIS A 28 15.87 -9.23 9.01
CA HIS A 28 15.09 -8.57 7.98
C HIS A 28 15.47 -7.12 8.02
N PHE A 29 15.65 -6.50 6.85
CA PHE A 29 16.07 -5.11 6.81
C PHE A 29 15.66 -4.48 5.49
N VAL A 30 15.89 -3.18 5.40
CA VAL A 30 15.62 -2.42 4.19
C VAL A 30 16.87 -1.63 3.91
N LYS A 31 17.32 -1.62 2.67
CA LYS A 31 18.54 -0.90 2.31
C LYS A 31 18.18 0.49 1.84
N TYR A 32 18.86 1.49 2.40
CA TYR A 32 18.63 2.89 2.04
C TYR A 32 19.98 3.52 1.80
N HIS A 33 19.97 4.71 1.22
CA HIS A 33 21.22 5.42 1.00
C HIS A 33 20.91 6.89 0.94
N GLY A 34 21.80 7.69 1.53
CA GLY A 34 21.65 9.13 1.53
C GLY A 34 22.85 9.67 0.78
N LEU A 35 22.64 10.04 -0.48
CA LEU A 35 23.71 10.55 -1.32
C LEU A 35 24.83 9.53 -1.46
N GLY A 36 24.49 8.24 -1.48
CA GLY A 36 25.54 7.24 -1.63
C GLY A 36 26.04 6.62 -0.34
N ASN A 37 25.77 7.28 0.77
CA ASN A 37 26.14 6.78 2.10
C ASN A 37 25.01 5.78 2.36
N ASP A 38 25.28 4.49 2.12
CA ASP A 38 24.24 3.45 2.23
C ASP A 38 24.22 2.74 3.55
N PHE A 39 23.02 2.40 4.02
CA PHE A 39 22.86 1.74 5.31
C PHE A 39 21.84 0.64 5.27
N ILE A 40 21.94 -0.22 6.27
CA ILE A 40 21.03 -1.33 6.48
C ILE A 40 20.13 -0.88 7.61
N LEU A 41 18.84 -0.66 7.34
CA LEU A 41 17.92 -0.20 8.37
C LEU A 41 17.09 -1.36 8.89
N VAL A 42 16.98 -1.45 10.21
CA VAL A 42 16.23 -2.54 10.81
C VAL A 42 15.22 -2.01 11.79
N ASP A 43 14.03 -2.61 11.76
CA ASP A 43 12.94 -2.24 12.65
C ASP A 43 13.25 -2.87 13.98
N ASN A 44 13.65 -2.05 14.96
CA ASN A 44 14.01 -2.55 16.28
C ASN A 44 13.14 -1.86 17.31
N ARG A 45 11.91 -1.55 16.91
CA ARG A 45 10.97 -0.83 17.78
C ARG A 45 10.44 -1.70 18.90
N ASP A 46 10.67 -3.00 18.87
CA ASP A 46 10.14 -3.86 19.94
C ASP A 46 11.06 -3.90 21.14
N SER A 47 12.30 -3.44 21.01
CA SER A 47 13.22 -3.55 22.14
C SER A 47 14.28 -2.46 22.11
N SER A 48 14.82 -2.13 23.29
CA SER A 48 15.85 -1.12 23.42
C SER A 48 17.20 -1.76 23.20
N GLU A 49 17.19 -3.07 22.95
CA GLU A 49 18.41 -3.84 22.73
C GLU A 49 18.54 -4.17 21.24
N PRO A 50 19.63 -3.72 20.58
CA PRO A 50 19.82 -3.99 19.16
C PRO A 50 19.71 -5.48 18.87
N LYS A 51 19.04 -5.82 17.78
CA LYS A 51 18.82 -7.21 17.39
C LYS A 51 20.11 -7.94 17.09
N ILE A 52 21.14 -7.23 16.63
CA ILE A 52 22.41 -7.90 16.33
C ILE A 52 23.53 -7.25 17.10
N THR A 53 24.67 -7.95 17.17
CA THR A 53 25.85 -7.45 17.88
C THR A 53 26.63 -6.58 16.93
N GLN A 54 27.59 -5.85 17.48
CA GLN A 54 28.43 -4.98 16.68
C GLN A 54 29.27 -5.83 15.73
N GLU A 55 29.70 -7.00 16.21
CA GLU A 55 30.51 -7.89 15.40
C GLU A 55 29.70 -8.36 14.21
N GLN A 56 28.44 -8.69 14.45
CA GLN A 56 27.57 -9.16 13.36
C GLN A 56 27.35 -8.04 12.37
N ALA A 57 27.24 -6.80 12.86
CA ALA A 57 27.02 -5.66 11.97
C ALA A 57 28.21 -5.51 11.06
N ALA A 58 29.41 -5.63 11.62
CA ALA A 58 30.64 -5.50 10.84
C ALA A 58 30.64 -6.51 9.71
N LYS A 59 30.23 -7.75 9.99
CA LYS A 59 30.20 -8.79 8.97
C LYS A 59 29.14 -8.50 7.92
N LEU A 60 27.98 -8.01 8.34
CA LEU A 60 26.90 -7.73 7.40
C LEU A 60 27.30 -6.60 6.49
N CYS A 61 28.14 -5.69 6.96
CA CYS A 61 28.54 -4.54 6.16
C CYS A 61 29.60 -4.90 5.13
N ASP A 62 30.23 -6.06 5.24
CA ASP A 62 31.25 -6.43 4.25
C ASP A 62 30.54 -6.44 2.91
N ARG A 63 31.10 -5.76 1.93
CA ARG A 63 30.43 -5.65 0.64
C ARG A 63 30.51 -6.89 -0.21
N ASN A 64 31.46 -7.80 0.04
CA ASN A 64 31.56 -9.00 -0.79
C ASN A 64 31.06 -10.22 -0.06
N PHE A 65 31.31 -10.30 1.25
CA PHE A 65 30.89 -11.47 2.00
C PHE A 65 29.61 -11.22 2.75
N GLY A 66 29.14 -9.98 2.77
CA GLY A 66 27.91 -9.66 3.49
C GLY A 66 26.89 -8.93 2.64
N VAL A 67 26.05 -8.11 3.28
CA VAL A 67 25.04 -7.34 2.57
C VAL A 67 25.72 -6.16 1.92
N GLY A 68 26.65 -5.54 2.63
CA GLY A 68 27.36 -4.39 2.10
C GLY A 68 26.70 -3.06 2.49
N ALA A 69 27.40 -2.26 3.29
CA ALA A 69 26.87 -0.97 3.73
C ALA A 69 27.92 -0.24 4.52
N ASP A 70 27.66 1.04 4.77
CA ASP A 70 28.58 1.87 5.54
C ASP A 70 28.21 1.73 7.01
N GLY A 71 27.04 1.15 7.27
CA GLY A 71 26.61 0.97 8.64
C GLY A 71 25.22 0.36 8.78
N VAL A 72 24.87 0.02 10.00
CA VAL A 72 23.56 -0.56 10.31
C VAL A 72 22.88 0.44 11.24
N ILE A 73 21.63 0.77 10.93
CA ILE A 73 20.86 1.74 11.72
C ILE A 73 19.63 1.05 12.28
N PHE A 74 19.41 1.21 13.59
CA PHE A 74 18.28 0.59 14.27
C PHE A 74 17.27 1.63 14.68
N ALA A 75 16.01 1.38 14.36
CA ALA A 75 14.92 2.27 14.76
C ALA A 75 14.46 1.68 16.08
N MET A 76 14.71 2.39 17.17
CA MET A 76 14.40 1.90 18.51
C MET A 76 13.29 2.70 19.15
N PRO A 77 12.76 2.20 20.27
CA PRO A 77 11.68 2.90 20.99
C PRO A 77 12.17 4.21 21.54
N GLY A 78 11.25 5.17 21.66
CA GLY A 78 11.60 6.48 22.17
C GLY A 78 12.23 6.48 23.54
N VAL A 79 12.91 7.57 23.86
CA VAL A 79 13.57 7.71 25.15
C VAL A 79 13.27 9.08 25.72
N ASN A 80 12.86 9.09 26.99
CA ASN A 80 12.52 10.31 27.70
C ASN A 80 11.56 11.14 26.88
N GLY A 81 10.52 10.50 26.35
CA GLY A 81 9.53 11.22 25.58
C GLY A 81 9.66 11.39 24.07
N THR A 82 10.77 10.96 23.47
CA THR A 82 10.94 11.13 22.02
C THR A 82 10.11 10.08 21.30
N ASP A 83 9.79 10.33 20.05
CA ASP A 83 9.00 9.37 19.26
C ASP A 83 9.79 8.10 19.10
N TYR A 84 11.10 8.23 18.83
CA TYR A 84 11.95 7.06 18.64
C TYR A 84 13.36 7.36 19.09
N ALA A 85 14.20 6.34 19.03
CA ALA A 85 15.61 6.46 19.38
C ALA A 85 16.35 5.82 18.23
N MET A 86 17.55 6.29 17.95
CA MET A 86 18.32 5.72 16.86
C MET A 86 19.71 5.37 17.33
N ARG A 87 20.15 4.19 16.93
CA ARG A 87 21.50 3.73 17.25
C ARG A 87 22.06 3.22 15.96
N ILE A 88 23.37 3.39 15.79
CA ILE A 88 24.02 2.97 14.56
C ILE A 88 25.36 2.35 14.85
N PHE A 89 25.72 1.38 14.01
CA PHE A 89 26.99 0.68 14.09
C PHE A 89 27.70 0.96 12.77
N ASN A 90 28.95 1.42 12.83
CA ASN A 90 29.73 1.69 11.62
C ASN A 90 30.03 0.36 10.96
N SER A 91 30.50 0.39 9.72
CA SER A 91 30.82 -0.85 9.02
C SER A 91 31.99 -1.55 9.68
N ASP A 92 32.68 -0.88 10.60
CA ASP A 92 33.80 -1.51 11.29
C ASP A 92 33.31 -2.02 12.63
N GLY A 93 32.04 -1.80 12.93
CA GLY A 93 31.49 -2.28 14.18
C GLY A 93 31.37 -1.26 15.31
N SER A 94 32.17 -0.20 15.27
CA SER A 94 32.13 0.82 16.32
C SER A 94 30.79 1.51 16.29
N GLU A 95 30.41 2.15 17.40
CA GLU A 95 29.12 2.82 17.46
C GLU A 95 29.29 4.31 17.62
N PRO A 96 28.95 5.09 16.57
CA PRO A 96 29.04 6.54 16.57
C PRO A 96 27.82 7.10 17.29
N GLU A 97 27.83 8.38 17.61
CA GLU A 97 26.70 8.94 18.35
C GLU A 97 25.64 9.59 17.48
N MET A 98 25.86 9.69 16.17
CA MET A 98 24.86 10.28 15.27
C MET A 98 25.25 10.01 13.85
N CYS A 99 24.29 10.22 12.95
CA CYS A 99 24.51 10.01 11.52
C CYS A 99 23.47 10.83 10.77
N GLY A 100 23.94 11.84 10.05
CA GLY A 100 23.06 12.71 9.30
C GLY A 100 22.34 12.08 8.12
N ASN A 101 23.10 11.44 7.24
CA ASN A 101 22.48 10.78 6.08
C ASN A 101 21.59 9.68 6.59
N GLY A 102 22.04 9.00 7.65
CA GLY A 102 21.26 7.91 8.20
C GLY A 102 19.93 8.32 8.83
N VAL A 103 19.91 9.45 9.53
CA VAL A 103 18.68 9.90 10.17
C VAL A 103 17.67 10.29 9.09
N ARG A 104 18.14 10.73 7.93
CA ARG A 104 17.21 11.08 6.86
C ARG A 104 16.56 9.79 6.35
N CYS A 105 17.36 8.72 6.25
CA CYS A 105 16.83 7.43 5.79
C CYS A 105 15.90 6.90 6.85
N PHE A 106 16.23 7.16 8.11
CA PHE A 106 15.45 6.73 9.27
C PHE A 106 14.04 7.31 9.16
N ALA A 107 13.94 8.59 8.85
CA ALA A 107 12.64 9.27 8.75
C ALA A 107 11.78 8.63 7.66
N ARG A 108 12.36 8.36 6.49
CA ARG A 108 11.59 7.77 5.41
C ARG A 108 11.24 6.33 5.75
N PHE A 109 12.13 5.67 6.50
CA PHE A 109 11.92 4.26 6.90
C PHE A 109 10.68 4.19 7.78
N ILE A 110 10.56 5.13 8.72
CA ILE A 110 9.41 5.16 9.61
C ILE A 110 8.16 5.46 8.81
N ALA A 111 8.25 6.43 7.90
CA ALA A 111 7.11 6.81 7.06
C ALA A 111 6.62 5.62 6.28
N GLU A 112 7.53 4.75 5.86
CA GLU A 112 7.14 3.56 5.09
C GLU A 112 6.52 2.52 5.99
N LEU A 113 7.17 2.25 7.13
CA LEU A 113 6.68 1.25 8.07
C LEU A 113 5.28 1.61 8.54
N GLU A 114 5.06 2.90 8.81
CA GLU A 114 3.79 3.38 9.31
C GLU A 114 2.91 3.85 8.18
N ASN A 115 3.40 3.75 6.95
CA ASN A 115 2.63 4.17 5.78
C ASN A 115 2.07 5.56 6.04
N LEU A 116 2.94 6.49 6.40
CA LEU A 116 2.54 7.87 6.65
C LEU A 116 2.58 8.59 5.33
N GLN A 117 1.75 9.61 5.16
CA GLN A 117 1.71 10.35 3.91
C GLN A 117 1.88 11.82 4.18
N GLY A 118 2.58 12.50 3.29
CA GLY A 118 2.80 13.92 3.45
C GLY A 118 3.92 14.28 4.39
N LYS A 119 3.90 15.50 4.90
CA LYS A 119 4.93 16.00 5.81
C LYS A 119 4.72 15.43 7.19
N HIS A 120 5.81 14.94 7.78
CA HIS A 120 5.83 14.36 9.12
C HIS A 120 7.20 14.60 9.70
N SER A 121 7.25 14.85 11.00
CA SER A 121 8.52 15.07 11.69
C SER A 121 8.51 14.14 12.88
N PHE A 122 9.69 13.77 13.38
CA PHE A 122 9.74 12.87 14.51
C PHE A 122 10.83 13.33 15.45
N THR A 123 10.66 13.07 16.75
CA THR A 123 11.69 13.42 17.72
C THR A 123 12.49 12.15 17.89
N ILE A 124 13.82 12.26 17.73
CA ILE A 124 14.64 11.07 17.85
C ILE A 124 15.73 11.28 18.87
N HIS A 125 15.88 10.32 19.76
CA HIS A 125 16.92 10.36 20.79
C HIS A 125 18.14 9.66 20.21
N THR A 126 19.29 10.32 20.27
CA THR A 126 20.52 9.72 19.75
C THR A 126 21.66 10.01 20.71
N GLY A 127 22.83 9.45 20.42
CA GLY A 127 23.98 9.67 21.26
C GLY A 127 24.42 11.13 21.26
N ALA A 128 23.84 11.94 20.40
CA ALA A 128 24.18 13.35 20.31
C ALA A 128 23.07 14.18 20.90
N GLY A 129 22.04 13.53 21.43
CA GLY A 129 20.92 14.26 22.01
C GLY A 129 19.71 14.19 21.10
N LEU A 130 18.86 15.22 21.15
CA LEU A 130 17.64 15.28 20.36
C LEU A 130 17.94 15.65 18.92
N ILE A 131 17.37 14.89 17.99
CA ILE A 131 17.53 15.14 16.56
C ILE A 131 16.13 15.10 15.98
N VAL A 132 15.76 16.07 15.13
CA VAL A 132 14.39 16.12 14.62
C VAL A 132 14.33 16.19 13.11
N PRO A 133 14.13 15.05 12.44
CA PRO A 133 14.04 15.07 10.99
C PRO A 133 12.62 15.36 10.55
N GLU A 134 12.46 16.11 9.46
CA GLU A 134 11.13 16.45 8.95
C GLU A 134 11.08 16.16 7.46
N ILE A 135 10.13 15.33 7.06
CA ILE A 135 9.98 14.99 5.65
C ILE A 135 9.32 16.15 4.96
N GLN A 136 9.95 16.63 3.89
CA GLN A 136 9.46 17.76 3.12
C GLN A 136 8.49 17.32 2.05
N ASP A 137 7.87 18.28 1.39
CA ASP A 137 6.90 18.01 0.33
C ASP A 137 7.58 17.31 -0.82
N ASP A 138 8.76 17.81 -1.20
CA ASP A 138 9.50 17.25 -2.33
C ASP A 138 10.04 15.88 -2.00
N GLY A 139 9.82 15.38 -0.79
CA GLY A 139 10.31 14.06 -0.44
C GLY A 139 11.65 14.06 0.29
N GLN A 140 12.33 15.20 0.33
CA GLN A 140 13.60 15.30 1.02
C GLN A 140 13.33 15.35 2.49
N VAL A 141 14.40 15.45 3.28
CA VAL A 141 14.26 15.49 4.72
C VAL A 141 15.11 16.61 5.24
N LYS A 142 14.49 17.51 5.99
CA LYS A 142 15.18 18.63 6.61
C LYS A 142 15.34 18.20 8.05
N VAL A 143 16.58 18.20 8.53
CA VAL A 143 16.85 17.72 9.88
C VAL A 143 17.42 18.79 10.78
N ASP A 144 16.91 18.84 12.00
CA ASP A 144 17.44 19.74 13.01
C ASP A 144 18.51 18.88 13.65
N MET A 145 19.77 19.16 13.32
CA MET A 145 20.90 18.35 13.78
C MET A 145 21.39 18.78 15.15
N GLY A 146 20.65 19.64 15.82
CA GLY A 146 21.08 20.08 17.14
C GLY A 146 22.08 21.21 17.04
N THR A 147 22.90 21.37 18.07
CA THR A 147 23.87 22.45 18.13
C THR A 147 25.29 21.89 18.17
N PRO A 148 26.25 22.58 17.53
CA PRO A 148 27.65 22.15 17.48
C PRO A 148 28.36 22.33 18.81
N ILE A 149 29.24 21.37 19.13
CA ILE A 149 30.02 21.41 20.36
C ILE A 149 31.43 21.80 19.97
N LEU A 150 31.95 22.88 20.55
CA LEU A 150 33.27 23.38 20.18
C LEU A 150 34.29 23.24 21.29
N LYS A 151 33.88 22.98 22.52
CA LYS A 151 34.86 22.85 23.59
C LYS A 151 35.75 21.66 23.26
N ALA A 152 37.05 21.93 23.13
CA ALA A 152 38.07 20.94 22.75
C ALA A 152 37.92 19.63 23.48
N GLN A 153 37.89 19.63 24.81
CA GLN A 153 37.82 18.38 25.54
C GLN A 153 36.51 17.65 25.36
N ASP A 154 35.51 18.29 24.79
CA ASP A 154 34.22 17.59 24.61
C ASP A 154 34.08 17.07 23.19
N VAL A 155 35.00 17.45 22.30
CA VAL A 155 34.91 17.02 20.90
C VAL A 155 34.90 15.51 20.76
N PRO A 156 35.89 14.80 21.34
CA PRO A 156 37.03 15.26 22.12
C PRO A 156 38.32 15.33 21.31
N THR A 157 39.20 16.23 21.71
CA THR A 157 40.50 16.38 21.07
C THR A 157 41.47 16.84 22.15
N LYS A 158 42.75 16.52 21.97
CA LYS A 158 43.76 16.91 22.94
C LYS A 158 44.43 18.19 22.47
N LEU A 159 44.03 18.69 21.31
CA LEU A 159 44.58 19.95 20.82
C LEU A 159 44.09 21.03 21.77
N SER A 160 44.88 22.08 21.95
CA SER A 160 44.49 23.17 22.86
C SER A 160 43.66 24.16 22.11
N GLY A 161 42.66 24.71 22.80
CA GLY A 161 41.81 25.71 22.18
C GLY A 161 42.63 26.96 21.93
N ASN A 162 42.46 27.57 20.76
CA ASN A 162 43.21 28.77 20.42
C ASN A 162 42.23 29.89 20.16
N LYS A 163 40.95 29.59 20.31
CA LYS A 163 39.87 30.57 20.16
C LYS A 163 38.89 30.18 21.21
N GLY A 164 39.13 30.68 22.42
CA GLY A 164 38.27 30.31 23.53
C GLY A 164 38.72 28.89 23.80
N GLU A 165 37.79 27.98 24.01
CA GLU A 165 38.13 26.59 24.25
C GLU A 165 37.99 25.83 22.95
N ALA A 166 37.74 26.55 21.86
CA ALA A 166 37.55 25.92 20.55
C ALA A 166 38.87 25.87 19.80
N VAL A 167 39.03 24.82 19.01
CA VAL A 167 40.22 24.62 18.19
C VAL A 167 39.85 25.09 16.80
N VAL A 168 40.38 26.23 16.40
CA VAL A 168 40.05 26.80 15.09
C VAL A 168 41.32 27.11 14.32
N GLU A 169 41.46 26.48 13.16
CA GLU A 169 42.61 26.65 12.29
C GLU A 169 43.88 26.51 13.12
N ALA A 170 43.95 25.45 13.91
CA ALA A 170 45.10 25.19 14.78
C ALA A 170 45.99 24.19 14.10
N GLU A 171 47.28 24.21 14.45
CA GLU A 171 48.26 23.32 13.85
C GLU A 171 48.12 21.90 14.38
N LEU A 172 48.13 20.96 13.44
CA LEU A 172 48.04 19.53 13.75
C LEU A 172 49.14 18.88 12.94
N VAL A 173 50.09 18.23 13.61
CA VAL A 173 51.19 17.59 12.88
C VAL A 173 50.78 16.18 12.53
N VAL A 174 50.58 15.94 11.25
CA VAL A 174 50.18 14.62 10.78
C VAL A 174 51.34 13.99 10.04
N ASP A 175 51.84 12.88 10.58
CA ASP A 175 52.97 12.15 9.99
C ASP A 175 54.09 13.13 9.64
N GLY A 176 54.42 14.02 10.57
CA GLY A 176 55.47 15.00 10.35
C GLY A 176 55.16 16.23 9.52
N VAL A 177 53.93 16.33 9.00
CA VAL A 177 53.54 17.47 8.17
C VAL A 177 52.52 18.32 8.94
N SER A 178 52.72 19.64 8.92
CA SER A 178 51.82 20.53 9.66
C SER A 178 50.60 20.93 8.86
N TRP A 179 49.43 20.55 9.38
CA TRP A 179 48.15 20.91 8.77
C TRP A 179 47.45 21.85 9.74
N ASN A 180 46.48 22.61 9.24
CA ASN A 180 45.70 23.49 10.09
C ASN A 180 44.31 22.87 10.13
N VAL A 181 43.75 22.71 11.32
CA VAL A 181 42.45 22.07 11.42
C VAL A 181 41.57 22.80 12.41
N THR A 182 40.27 22.55 12.29
CA THR A 182 39.25 23.10 13.18
C THR A 182 38.49 21.90 13.66
N CYS A 183 38.22 21.82 14.97
CA CYS A 183 37.52 20.67 15.53
C CYS A 183 36.13 21.05 16.00
N VAL A 184 35.15 20.25 15.62
CA VAL A 184 33.78 20.48 16.06
C VAL A 184 33.09 19.15 16.17
N SER A 185 32.20 19.05 17.16
CA SER A 185 31.46 17.82 17.39
C SER A 185 29.99 18.04 17.11
N MET A 186 29.38 17.03 16.50
CA MET A 186 27.95 17.02 16.19
C MET A 186 27.47 15.80 16.92
N GLY A 187 28.12 15.53 18.05
CA GLY A 187 27.82 14.35 18.84
C GLY A 187 29.07 13.51 18.59
N ASN A 188 29.38 13.32 17.32
CA ASN A 188 30.56 12.57 16.92
C ASN A 188 31.64 13.60 16.58
N PRO A 189 32.92 13.21 16.67
CA PRO A 189 34.04 14.12 16.39
C PRO A 189 34.36 14.40 14.93
N HIS A 190 34.72 15.65 14.64
CA HIS A 190 35.04 16.04 13.27
C HIS A 190 36.27 16.92 13.28
N CYS A 191 37.16 16.66 12.34
CA CYS A 191 38.39 17.42 12.16
C CYS A 191 38.31 17.96 10.76
N ILE A 192 38.13 19.27 10.63
CA ILE A 192 37.97 19.89 9.31
C ILE A 192 39.22 20.65 8.94
N THR A 193 39.65 20.52 7.68
CA THR A 193 40.84 21.23 7.24
C THR A 193 40.59 21.81 5.86
N PHE A 194 41.14 23.00 5.63
CA PHE A 194 41.03 23.67 4.35
C PHE A 194 42.42 23.71 3.73
N GLY A 195 43.35 22.94 4.29
CA GLY A 195 44.70 22.93 3.76
C GLY A 195 45.80 22.82 4.80
N LYS A 196 47.03 22.64 4.33
CA LYS A 196 48.18 22.53 5.23
C LYS A 196 48.52 23.89 5.78
N LYS A 197 49.23 23.92 6.90
CA LYS A 197 49.63 25.18 7.51
C LYS A 197 50.54 25.88 6.54
N GLY A 198 50.23 27.14 6.25
CA GLY A 198 51.04 27.91 5.33
C GLY A 198 50.97 27.38 3.91
N GLY A 199 49.92 26.62 3.61
CA GLY A 199 49.78 26.07 2.28
C GLY A 199 48.64 26.70 1.48
N PRO A 200 48.49 26.34 0.20
CA PRO A 200 47.43 26.88 -0.65
C PRO A 200 46.10 26.15 -0.45
N ASN A 201 45.05 26.62 -1.12
CA ASN A 201 43.74 25.97 -1.00
C ASN A 201 43.88 24.56 -1.52
N LEU A 202 42.95 23.70 -1.15
CA LEU A 202 42.99 22.32 -1.56
C LEU A 202 42.19 22.07 -2.81
N LYS A 203 42.64 21.08 -3.57
CA LYS A 203 41.97 20.57 -4.75
C LYS A 203 41.61 19.19 -4.24
N VAL A 204 40.54 19.15 -3.46
CA VAL A 204 40.06 17.96 -2.79
C VAL A 204 40.16 16.68 -3.62
N ASP A 205 39.82 16.74 -4.91
CA ASP A 205 39.87 15.54 -5.73
C ASP A 205 41.28 15.05 -5.97
N ASP A 206 42.29 15.86 -5.66
CA ASP A 206 43.68 15.44 -5.89
C ASP A 206 44.24 14.73 -4.69
N LEU A 207 43.49 14.68 -3.60
CA LEU A 207 43.97 14.04 -2.38
C LEU A 207 43.88 12.54 -2.51
N ASN A 208 44.78 11.85 -1.80
CA ASN A 208 44.79 10.40 -1.77
C ASN A 208 44.27 10.06 -0.39
N LEU A 209 42.94 9.97 -0.27
CA LEU A 209 42.28 9.74 1.02
C LEU A 209 42.71 8.46 1.70
N PRO A 210 42.75 7.33 0.99
CA PRO A 210 43.16 6.12 1.68
C PRO A 210 44.56 6.16 2.26
N GLU A 211 45.32 7.18 1.85
CA GLU A 211 46.68 7.32 2.32
C GLU A 211 46.73 8.34 3.47
N ILE A 212 46.15 9.52 3.27
CA ILE A 212 46.17 10.57 4.29
C ILE A 212 45.09 10.36 5.35
N GLY A 213 43.93 9.89 4.93
CA GLY A 213 42.81 9.67 5.86
C GLY A 213 43.10 8.97 7.17
N PRO A 214 43.65 7.74 7.14
CA PRO A 214 43.96 6.99 8.35
C PRO A 214 44.87 7.69 9.33
N LYS A 215 45.69 8.61 8.83
CA LYS A 215 46.62 9.34 9.70
C LYS A 215 45.86 10.33 10.55
N PHE A 216 44.72 10.82 10.05
CA PHE A 216 43.91 11.76 10.81
C PHE A 216 43.02 10.97 11.73
N GLU A 217 42.38 9.95 11.18
CA GLU A 217 41.43 9.10 11.90
C GLU A 217 41.98 8.57 13.21
N HIS A 218 43.19 8.02 13.19
CA HIS A 218 43.78 7.41 14.39
C HIS A 218 44.79 8.33 15.04
N HIS A 219 44.77 9.61 14.69
CA HIS A 219 45.76 10.52 15.27
C HIS A 219 45.65 10.51 16.78
N GLU A 220 46.79 10.61 17.43
CA GLU A 220 46.90 10.61 18.89
C GLU A 220 46.16 11.79 19.51
N MET A 221 45.91 12.85 18.74
CA MET A 221 45.21 14.01 19.30
C MET A 221 43.70 13.78 19.34
N PHE A 222 43.24 12.62 18.87
CA PHE A 222 41.80 12.32 18.87
C PHE A 222 41.59 11.00 19.57
N PRO A 223 41.39 11.04 20.89
CA PRO A 223 41.17 9.89 21.77
C PRO A 223 40.11 8.91 21.31
N ALA A 224 39.05 9.40 20.66
CA ALA A 224 37.99 8.51 20.20
C ALA A 224 38.02 8.43 18.69
N ARG A 225 39.18 8.74 18.11
CA ARG A 225 39.35 8.77 16.67
C ARG A 225 38.52 9.92 16.17
N THR A 226 38.51 10.17 14.86
CA THR A 226 37.73 11.28 14.36
C THR A 226 37.39 11.08 12.91
N ASN A 227 36.38 11.84 12.47
CA ASN A 227 35.97 11.87 11.08
C ASN A 227 36.75 13.03 10.55
N THR A 228 37.15 13.00 9.28
CA THR A 228 37.94 14.10 8.76
C THR A 228 37.37 14.57 7.45
N GLU A 229 37.12 15.87 7.33
CA GLU A 229 36.61 16.37 6.06
C GLU A 229 37.56 17.40 5.49
N PHE A 230 37.88 17.22 4.21
CA PHE A 230 38.79 18.11 3.48
C PHE A 230 37.89 19.01 2.68
N VAL A 231 38.13 20.32 2.72
CA VAL A 231 37.23 21.25 2.07
C VAL A 231 37.93 22.24 1.18
N GLU A 232 37.26 22.59 0.08
CA GLU A 232 37.74 23.62 -0.82
C GLU A 232 36.56 24.54 -1.03
N VAL A 233 36.78 25.82 -0.75
CA VAL A 233 35.72 26.84 -0.86
C VAL A 233 35.52 27.25 -2.29
N LEU A 234 34.28 27.17 -2.76
CA LEU A 234 33.98 27.57 -4.12
C LEU A 234 33.45 28.99 -4.07
N SER A 235 32.77 29.33 -2.98
CA SER A 235 32.22 30.65 -2.74
C SER A 235 31.85 30.68 -1.28
N ARG A 236 31.45 31.84 -0.76
CA ARG A 236 31.10 31.94 0.65
C ARG A 236 29.80 31.23 0.97
N SER A 237 29.18 30.59 -0.03
CA SER A 237 27.93 29.88 0.23
C SER A 237 27.95 28.57 -0.54
N HIS A 238 29.14 28.15 -0.97
CA HIS A 238 29.28 26.93 -1.76
C HIS A 238 30.60 26.26 -1.42
N LEU A 239 30.54 25.10 -0.79
CA LEU A 239 31.74 24.37 -0.36
C LEU A 239 31.74 22.98 -0.97
N LYS A 240 32.92 22.51 -1.35
CA LYS A 240 33.11 21.18 -1.92
C LYS A 240 33.93 20.40 -0.91
N MET A 241 33.61 19.12 -0.71
CA MET A 241 34.35 18.35 0.29
C MET A 241 34.43 16.89 -0.04
N ARG A 242 35.30 16.22 0.70
CA ARG A 242 35.53 14.78 0.64
C ARG A 242 35.75 14.40 2.06
N VAL A 243 35.40 13.19 2.44
CA VAL A 243 35.54 12.83 3.85
C VAL A 243 36.12 11.44 4.03
N TRP A 244 36.87 11.29 5.11
CA TRP A 244 37.42 10.01 5.51
C TRP A 244 36.79 9.83 6.88
N GLU A 245 35.80 8.95 6.96
CA GLU A 245 35.04 8.72 8.19
C GLU A 245 35.71 7.79 9.14
N ARG A 246 35.42 8.02 10.41
CA ARG A 246 35.90 7.16 11.46
C ARG A 246 35.19 5.83 11.22
N GLY A 247 35.97 4.75 11.20
CA GLY A 247 35.41 3.42 11.00
C GLY A 247 34.57 3.13 9.76
N ALA A 248 34.64 3.97 8.72
CA ALA A 248 33.83 3.71 7.53
C ALA A 248 34.61 4.06 6.28
N GLY A 249 35.72 4.78 6.43
CA GLY A 249 36.53 5.13 5.28
C GLY A 249 36.03 6.27 4.42
N ALA A 250 36.35 6.22 3.13
CA ALA A 250 35.96 7.24 2.18
C ALA A 250 34.58 6.95 1.67
N THR A 251 33.58 7.59 2.27
CA THR A 251 32.19 7.39 1.87
C THR A 251 31.81 8.45 0.85
N LEU A 252 30.63 8.29 0.24
CA LEU A 252 30.18 9.24 -0.76
C LEU A 252 29.58 10.48 -0.11
N ALA A 253 29.30 10.43 1.19
CA ALA A 253 28.71 11.59 1.86
C ALA A 253 28.66 11.38 3.36
N CYS A 254 28.58 12.48 4.09
CA CYS A 254 28.50 12.46 5.56
C CYS A 254 27.72 13.67 5.99
N GLY A 255 26.53 13.44 6.54
CA GLY A 255 25.69 14.53 6.98
C GLY A 255 26.23 15.33 8.16
N THR A 256 26.65 14.64 9.22
CA THR A 256 27.21 15.34 10.38
C THR A 256 28.47 16.05 9.95
N GLY A 257 29.19 15.45 9.01
CA GLY A 257 30.41 16.05 8.50
C GLY A 257 30.16 17.36 7.75
N ALA A 258 29.08 17.38 6.96
CA ALA A 258 28.73 18.58 6.19
C ALA A 258 28.33 19.68 7.14
N CYS A 259 27.69 19.32 8.26
CA CYS A 259 27.28 20.33 9.24
C CYS A 259 28.52 20.89 9.92
N ALA A 260 29.40 20.00 10.34
CA ALA A 260 30.62 20.40 11.04
C ALA A 260 31.52 21.27 10.18
N LEU A 261 31.64 20.97 8.90
CA LEU A 261 32.54 21.76 8.05
C LEU A 261 31.98 23.15 7.78
N VAL A 262 30.66 23.31 7.80
CA VAL A 262 30.08 24.64 7.59
C VAL A 262 30.38 25.45 8.84
N VAL A 263 30.27 24.80 10.00
CA VAL A 263 30.57 25.48 11.28
C VAL A 263 32.00 25.95 11.25
N ALA A 264 32.91 25.08 10.82
CA ALA A 264 34.33 25.39 10.75
C ALA A 264 34.57 26.50 9.76
N ALA A 265 33.90 26.44 8.61
CA ALA A 265 34.07 27.46 7.58
C ALA A 265 33.68 28.82 8.14
N VAL A 266 32.61 28.86 8.92
CA VAL A 266 32.15 30.12 9.51
C VAL A 266 33.16 30.60 10.54
N LEU A 267 33.56 29.71 11.43
CA LEU A 267 34.53 30.06 12.49
C LEU A 267 35.83 30.58 11.90
N GLU A 268 36.23 30.06 10.75
CA GLU A 268 37.47 30.50 10.11
C GLU A 268 37.22 31.70 9.23
N GLY A 269 35.96 32.12 9.16
CA GLY A 269 35.60 33.28 8.34
C GLY A 269 35.72 33.07 6.86
N ARG A 270 35.57 31.82 6.40
CA ARG A 270 35.69 31.51 4.97
C ARG A 270 34.33 31.43 4.31
N ALA A 271 33.25 31.29 5.07
CA ALA A 271 31.93 31.19 4.46
C ALA A 271 30.83 31.63 5.40
N ASP A 272 29.64 31.80 4.85
CA ASP A 272 28.47 32.23 5.62
C ASP A 272 27.81 31.04 6.26
N ARG A 273 26.86 31.32 7.15
CA ARG A 273 26.13 30.30 7.91
C ARG A 273 25.22 29.45 7.05
N LYS A 274 24.87 29.90 5.85
CA LYS A 274 24.01 29.11 4.99
C LYS A 274 24.81 28.74 3.75
N CYS A 275 25.01 27.44 3.52
CA CYS A 275 25.80 26.99 2.38
C CYS A 275 25.22 25.77 1.74
N THR A 276 25.66 25.57 0.50
CA THR A 276 25.34 24.38 -0.26
C THR A 276 26.64 23.62 -0.17
N VAL A 277 26.61 22.38 0.29
CA VAL A 277 27.84 21.59 0.39
C VAL A 277 27.81 20.50 -0.65
N ASP A 278 28.87 20.42 -1.47
CA ASP A 278 28.95 19.39 -2.50
C ASP A 278 29.77 18.23 -1.98
N LEU A 279 29.13 17.07 -1.85
CA LEU A 279 29.82 15.87 -1.39
C LEU A 279 29.97 14.96 -2.60
N PRO A 280 30.82 13.93 -2.51
CA PRO A 280 30.98 13.05 -3.67
C PRO A 280 29.68 12.54 -4.26
N GLY A 281 28.73 12.19 -3.40
CA GLY A 281 27.47 11.67 -3.90
C GLY A 281 26.39 12.68 -4.23
N GLY A 282 26.64 13.96 -3.99
CA GLY A 282 25.62 14.98 -4.27
C GLY A 282 25.64 16.11 -3.24
N PRO A 283 24.76 17.12 -3.37
CA PRO A 283 24.70 18.27 -2.45
C PRO A 283 23.77 18.17 -1.27
N LEU A 284 24.10 18.94 -0.24
CA LEU A 284 23.30 19.04 0.97
C LEU A 284 23.17 20.51 1.27
N GLU A 285 22.03 20.93 1.80
CA GLU A 285 21.84 22.32 2.16
C GLU A 285 22.05 22.42 3.63
N ILE A 286 22.96 23.30 4.05
CA ILE A 286 23.29 23.43 5.47
C ILE A 286 23.10 24.86 5.92
N GLU A 287 22.55 25.01 7.12
CA GLU A 287 22.37 26.34 7.69
C GLU A 287 22.53 26.27 9.20
N TRP A 288 23.49 27.05 9.71
CA TRP A 288 23.76 27.11 11.13
C TRP A 288 23.14 28.42 11.60
N LYS A 289 21.93 28.35 12.15
CA LYS A 289 21.17 29.52 12.59
C LYS A 289 21.76 30.14 13.83
N GLN A 290 22.01 31.44 13.77
CA GLN A 290 22.55 32.17 14.93
C GLN A 290 21.45 32.42 15.93
N GLU A 291 20.21 32.42 15.46
CA GLU A 291 19.05 32.67 16.31
C GLU A 291 18.96 31.66 17.43
N ASP A 292 19.34 30.40 17.18
CA ASP A 292 19.24 29.39 18.23
C ASP A 292 20.44 28.45 18.26
N ASN A 293 21.42 28.69 17.38
CA ASN A 293 22.66 27.91 17.32
C ASN A 293 22.44 26.50 16.76
N HIS A 294 21.22 26.19 16.32
CA HIS A 294 20.96 24.85 15.75
C HIS A 294 21.43 24.81 14.31
N ILE A 295 21.70 23.61 13.81
CA ILE A 295 22.14 23.42 12.42
C ILE A 295 21.10 22.58 11.69
N TYR A 296 20.65 23.07 10.54
CA TYR A 296 19.66 22.36 9.76
C TYR A 296 20.29 21.84 8.49
N MET A 297 20.00 20.57 8.20
CA MET A 297 20.55 19.88 7.03
C MET A 297 19.41 19.30 6.23
N THR A 298 19.40 19.62 4.94
CA THR A 298 18.36 19.12 4.05
C THR A 298 19.00 18.32 2.95
N GLY A 299 18.46 17.14 2.68
CA GLY A 299 19.01 16.28 1.65
C GLY A 299 18.07 15.12 1.33
N PRO A 300 18.40 14.29 0.33
CA PRO A 300 17.56 13.16 -0.04
C PRO A 300 17.83 11.91 0.75
N ALA A 301 17.04 10.88 0.47
CA ALA A 301 17.14 9.57 1.10
C ALA A 301 16.26 8.66 0.24
N GLU A 302 16.80 7.53 -0.21
CA GLU A 302 16.03 6.64 -1.08
C GLU A 302 16.20 5.19 -0.67
N ALA A 303 15.10 4.43 -0.78
CA ALA A 303 15.14 3.01 -0.48
C ALA A 303 15.72 2.33 -1.71
N VAL A 304 16.47 1.25 -1.53
CA VAL A 304 17.09 0.56 -2.66
C VAL A 304 16.50 -0.82 -2.83
N PHE A 305 16.47 -1.59 -1.74
CA PHE A 305 15.91 -2.94 -1.79
C PHE A 305 15.71 -3.38 -0.37
N TYR A 306 15.06 -4.52 -0.18
CA TYR A 306 14.85 -5.03 1.16
C TYR A 306 15.14 -6.50 1.14
N GLY A 307 15.61 -7.04 2.26
CA GLY A 307 15.93 -8.45 2.29
C GLY A 307 16.10 -9.09 3.65
N SER A 308 16.51 -10.35 3.64
CA SER A 308 16.72 -11.10 4.88
C SER A 308 18.10 -11.69 4.78
N ALA A 309 18.95 -11.37 5.74
CA ALA A 309 20.32 -11.86 5.73
C ALA A 309 20.49 -12.95 6.73
N LEU A 310 21.31 -13.91 6.38
CA LEU A 310 21.62 -15.05 7.25
C LEU A 310 22.58 -14.54 8.31
N LEU A 311 22.39 -14.98 9.56
CA LEU A 311 23.26 -14.54 10.64
C LEU A 311 24.05 -15.73 11.18
N GLY B 25 8.09 27.85 -9.07
CA GLY B 25 7.56 27.20 -7.82
C GLY B 25 6.62 26.04 -8.09
N VAL B 26 6.29 25.30 -7.03
CA VAL B 26 5.41 24.15 -7.10
C VAL B 26 4.55 24.15 -5.86
N LEU B 27 3.30 23.72 -6.00
CA LEU B 27 2.40 23.63 -4.85
C LEU B 27 1.90 22.21 -4.77
N HIS B 28 2.15 21.57 -3.63
CA HIS B 28 1.69 20.21 -3.40
C HIS B 28 0.35 20.34 -2.72
N PHE B 29 -0.61 19.49 -3.12
CA PHE B 29 -1.95 19.59 -2.56
C PHE B 29 -2.68 18.29 -2.74
N VAL B 30 -3.88 18.24 -2.16
CA VAL B 30 -4.75 17.07 -2.26
C VAL B 30 -6.11 17.62 -2.66
N LYS B 31 -6.73 17.00 -3.65
CA LYS B 31 -8.04 17.46 -4.12
C LYS B 31 -9.10 16.72 -3.36
N TYR B 32 -10.07 17.45 -2.83
CA TYR B 32 -11.19 16.88 -2.08
C TYR B 32 -12.45 17.52 -2.62
N HIS B 33 -13.59 16.96 -2.24
CA HIS B 33 -14.85 17.55 -2.64
C HIS B 33 -15.89 17.15 -1.62
N GLY B 34 -16.78 18.08 -1.33
CA GLY B 34 -17.87 17.85 -0.41
C GLY B 34 -19.15 18.03 -1.22
N LEU B 35 -19.76 16.92 -1.64
CA LEU B 35 -20.99 16.95 -2.42
C LEU B 35 -20.76 17.69 -3.71
N GLY B 36 -19.57 17.59 -4.28
CA GLY B 36 -19.32 18.27 -5.55
C GLY B 36 -18.67 19.63 -5.44
N ASN B 37 -18.67 20.20 -4.23
CA ASN B 37 -18.04 21.48 -3.96
C ASN B 37 -16.59 21.04 -3.77
N ASP B 38 -15.78 21.18 -4.81
CA ASP B 38 -14.39 20.69 -4.79
C ASP B 38 -13.37 21.75 -4.41
N PHE B 39 -12.36 21.32 -3.66
CA PHE B 39 -11.33 22.24 -3.20
C PHE B 39 -9.94 21.66 -3.32
N ILE B 40 -8.98 22.56 -3.28
CA ILE B 40 -7.57 22.24 -3.30
C ILE B 40 -7.11 22.44 -1.87
N LEU B 41 -6.75 21.35 -1.18
CA LEU B 41 -6.31 21.46 0.21
C LEU B 41 -4.80 21.43 0.27
N VAL B 42 -4.22 22.35 1.04
CA VAL B 42 -2.78 22.40 1.17
C VAL B 42 -2.39 22.41 2.64
N ASP B 43 -1.32 21.67 2.94
CA ASP B 43 -0.77 21.55 4.28
C ASP B 43 0.03 22.81 4.52
N ASN B 44 -0.51 23.71 5.34
CA ASN B 44 0.14 24.99 5.61
C ASN B 44 0.36 25.10 7.11
N ARG B 45 0.57 23.95 7.77
CA ARG B 45 0.75 23.91 9.22
C ARG B 45 2.11 24.45 9.60
N ASP B 46 2.97 24.65 8.60
CA ASP B 46 4.33 25.15 8.81
C ASP B 46 4.38 26.64 9.03
N SER B 47 3.47 27.39 8.40
CA SER B 47 3.48 28.84 8.54
C SER B 47 2.10 29.39 8.83
N SER B 48 2.06 30.56 9.45
CA SER B 48 0.80 31.21 9.77
C SER B 48 0.37 32.06 8.59
N GLU B 49 1.13 32.01 7.51
CA GLU B 49 0.78 32.75 6.31
C GLU B 49 0.64 31.75 5.18
N PRO B 50 -0.40 31.92 4.34
CA PRO B 50 -0.69 31.06 3.20
C PRO B 50 0.46 30.97 2.21
N LYS B 51 0.76 29.73 1.78
CA LYS B 51 1.86 29.44 0.85
C LYS B 51 1.69 30.16 -0.47
N ILE B 52 0.46 30.45 -0.88
CA ILE B 52 0.26 31.14 -2.16
C ILE B 52 -0.56 32.39 -1.95
N THR B 53 -0.53 33.28 -2.94
CA THR B 53 -1.28 34.52 -2.89
C THR B 53 -2.70 34.25 -3.38
N GLN B 54 -3.58 35.22 -3.16
CA GLN B 54 -4.97 35.09 -3.58
C GLN B 54 -5.04 35.05 -5.09
N GLU B 55 -4.15 35.80 -5.75
CA GLU B 55 -4.12 35.85 -7.21
C GLU B 55 -3.74 34.49 -7.75
N GLN B 56 -2.75 33.85 -7.12
CA GLN B 56 -2.31 32.53 -7.54
C GLN B 56 -3.44 31.53 -7.33
N ALA B 57 -4.19 31.69 -6.24
CA ALA B 57 -5.28 30.76 -5.95
C ALA B 57 -6.32 30.88 -7.05
N ALA B 58 -6.61 32.11 -7.46
CA ALA B 58 -7.60 32.33 -8.51
C ALA B 58 -7.18 31.60 -9.78
N LYS B 59 -5.90 31.67 -10.12
CA LYS B 59 -5.40 31.02 -11.33
C LYS B 59 -5.47 29.52 -11.21
N LEU B 60 -5.11 28.99 -10.04
CA LEU B 60 -5.11 27.54 -9.84
C LEU B 60 -6.53 27.00 -9.92
N CYS B 61 -7.50 27.83 -9.54
CA CYS B 61 -8.88 27.38 -9.54
C CYS B 61 -9.48 27.36 -10.94
N ASP B 62 -8.85 28.02 -11.91
CA ASP B 62 -9.41 28.00 -13.28
C ASP B 62 -9.47 26.55 -13.70
N ARG B 63 -10.63 26.11 -14.16
CA ARG B 63 -10.81 24.70 -14.50
C ARG B 63 -10.16 24.25 -15.78
N ASN B 64 -9.82 25.16 -16.69
CA ASN B 64 -9.19 24.72 -17.95
C ASN B 64 -7.71 25.05 -17.96
N PHE B 65 -7.33 26.20 -17.42
CA PHE B 65 -5.93 26.61 -17.43
C PHE B 65 -5.26 26.29 -16.12
N GLY B 66 -6.01 25.84 -15.12
CA GLY B 66 -5.42 25.52 -13.84
C GLY B 66 -5.78 24.14 -13.33
N VAL B 67 -5.77 23.97 -12.01
CA VAL B 67 -6.11 22.68 -11.41
C VAL B 67 -7.63 22.54 -11.46
N GLY B 68 -8.34 23.64 -11.22
CA GLY B 68 -9.79 23.60 -11.23
C GLY B 68 -10.40 23.28 -9.87
N ALA B 69 -11.11 24.25 -9.30
CA ALA B 69 -11.73 24.06 -7.98
C ALA B 69 -12.59 25.26 -7.65
N ASP B 70 -13.40 25.12 -6.61
CA ASP B 70 -14.25 26.22 -6.15
C ASP B 70 -13.47 27.06 -5.16
N GLY B 71 -12.32 26.55 -4.72
CA GLY B 71 -11.50 27.28 -3.77
C GLY B 71 -10.27 26.53 -3.28
N VAL B 72 -9.41 27.24 -2.55
CA VAL B 72 -8.19 26.67 -1.98
C VAL B 72 -8.34 26.78 -0.49
N ILE B 73 -8.10 25.68 0.23
CA ILE B 73 -8.23 25.66 1.68
C ILE B 73 -6.88 25.31 2.29
N PHE B 74 -6.46 26.13 3.26
CA PHE B 74 -5.17 25.93 3.91
C PHE B 74 -5.33 25.44 5.32
N ALA B 75 -4.62 24.38 5.67
CA ALA B 75 -4.64 23.85 7.02
C ALA B 75 -3.52 24.60 7.72
N MET B 76 -3.88 25.50 8.64
CA MET B 76 -2.88 26.33 9.32
C MET B 76 -2.75 25.96 10.78
N PRO B 77 -1.70 26.49 11.44
CA PRO B 77 -1.47 26.20 12.85
C PRO B 77 -2.56 26.79 13.72
N GLY B 78 -2.85 26.11 14.83
CA GLY B 78 -3.88 26.57 15.75
C GLY B 78 -3.72 27.99 16.24
N VAL B 79 -4.83 28.58 16.69
CA VAL B 79 -4.86 29.93 17.19
C VAL B 79 -5.64 29.95 18.48
N ASN B 80 -5.07 30.54 19.51
CA ASN B 80 -5.72 30.64 20.82
C ASN B 80 -6.10 29.27 21.33
N GLY B 81 -5.23 28.29 21.15
CA GLY B 81 -5.49 26.96 21.67
C GLY B 81 -6.22 25.94 20.80
N THR B 82 -6.70 26.34 19.62
CA THR B 82 -7.42 25.41 18.76
C THR B 82 -6.39 24.46 18.17
N ASP B 83 -6.85 23.27 17.76
CA ASP B 83 -5.95 22.29 17.16
C ASP B 83 -5.37 22.85 15.88
N TYR B 84 -6.21 23.52 15.09
CA TYR B 84 -5.74 24.10 13.82
C TYR B 84 -6.55 25.32 13.50
N ALA B 85 -6.16 25.97 12.41
CA ALA B 85 -6.83 27.16 11.90
C ALA B 85 -7.07 26.89 10.42
N MET B 86 -8.13 27.46 9.86
CA MET B 86 -8.41 27.24 8.46
C MET B 86 -8.66 28.56 7.77
N ARG B 87 -8.06 28.71 6.61
CA ARG B 87 -8.26 29.89 5.79
C ARG B 87 -8.58 29.37 4.41
N ILE B 88 -9.40 30.12 3.67
CA ILE B 88 -9.79 29.70 2.35
C ILE B 88 -9.85 30.88 1.40
N PHE B 89 -9.53 30.60 0.14
CA PHE B 89 -9.57 31.59 -0.92
C PHE B 89 -10.58 31.07 -1.93
N ASN B 90 -11.56 31.89 -2.31
CA ASN B 90 -12.56 31.49 -3.30
C ASN B 90 -11.86 31.36 -4.64
N SER B 91 -12.54 30.78 -5.62
CA SER B 91 -11.95 30.60 -6.94
C SER B 91 -11.76 31.95 -7.60
N ASP B 92 -12.30 33.02 -7.03
CA ASP B 92 -12.11 34.35 -7.61
C ASP B 92 -11.01 35.06 -6.85
N GLY B 93 -10.46 34.37 -5.85
CA GLY B 93 -9.37 34.96 -5.08
C GLY B 93 -9.76 35.61 -3.75
N SER B 94 -11.02 36.01 -3.60
CA SER B 94 -11.47 36.64 -2.36
C SER B 94 -11.37 35.64 -1.23
N GLU B 95 -11.32 36.12 0.00
CA GLU B 95 -11.22 35.23 1.16
C GLU B 95 -12.46 35.32 2.02
N PRO B 96 -13.25 34.23 2.05
CA PRO B 96 -14.49 34.15 2.85
C PRO B 96 -14.09 33.78 4.27
N GLU B 97 -15.02 33.88 5.22
CA GLU B 97 -14.66 33.60 6.61
C GLU B 97 -14.94 32.17 7.04
N MET B 98 -15.57 31.36 6.20
CA MET B 98 -15.84 29.97 6.57
C MET B 98 -16.29 29.21 5.34
N CYS B 99 -16.31 27.89 5.46
CA CYS B 99 -16.72 27.02 4.37
C CYS B 99 -17.10 25.68 4.98
N GLY B 100 -18.40 25.36 4.89
CA GLY B 100 -18.90 24.13 5.45
C GLY B 100 -18.45 22.85 4.77
N ASN B 101 -18.55 22.79 3.45
CA ASN B 101 -18.13 21.59 2.74
C ASN B 101 -16.64 21.48 2.89
N GLY B 102 -15.96 22.62 2.87
CA GLY B 102 -14.51 22.63 2.99
C GLY B 102 -13.98 22.16 4.33
N VAL B 103 -14.66 22.50 5.42
CA VAL B 103 -14.19 22.10 6.73
C VAL B 103 -14.36 20.61 6.89
N ARG B 104 -15.32 20.03 6.17
CA ARG B 104 -15.51 18.58 6.27
C ARG B 104 -14.34 17.91 5.58
N CYS B 105 -13.89 18.49 4.46
CA CYS B 105 -12.75 17.93 3.72
C CYS B 105 -11.51 18.14 4.57
N PHE B 106 -11.46 19.27 5.26
CA PHE B 106 -10.34 19.64 6.11
C PHE B 106 -10.15 18.58 7.17
N ALA B 107 -11.26 18.15 7.78
CA ALA B 107 -11.23 17.16 8.84
C ALA B 107 -10.64 15.84 8.36
N ARG B 108 -11.07 15.37 7.20
CA ARG B 108 -10.55 14.09 6.70
C ARG B 108 -9.13 14.28 6.25
N PHE B 109 -8.78 15.48 5.78
CA PHE B 109 -7.43 15.78 5.32
C PHE B 109 -6.50 15.67 6.51
N ILE B 110 -6.87 16.30 7.62
CA ILE B 110 -6.05 16.30 8.83
C ILE B 110 -5.96 14.90 9.38
N ALA B 111 -7.06 14.15 9.31
CA ALA B 111 -7.07 12.78 9.82
C ALA B 111 -5.92 12.01 9.21
N GLU B 112 -5.64 12.25 7.93
CA GLU B 112 -4.56 11.55 7.22
C GLU B 112 -3.21 12.03 7.68
N LEU B 113 -3.04 13.35 7.74
CA LEU B 113 -1.77 13.93 8.15
C LEU B 113 -1.43 13.54 9.59
N GLU B 114 -2.43 13.17 10.39
CA GLU B 114 -2.16 12.78 11.77
C GLU B 114 -2.21 11.28 11.88
N ASN B 115 -2.49 10.60 10.77
CA ASN B 115 -2.56 9.14 10.74
C ASN B 115 -3.58 8.67 11.78
N LEU B 116 -4.71 9.38 11.87
CA LEU B 116 -5.76 9.05 12.82
C LEU B 116 -6.72 8.10 12.17
N GLN B 117 -7.36 7.26 12.98
CA GLN B 117 -8.32 6.30 12.46
C GLN B 117 -9.63 6.47 13.19
N GLY B 118 -10.72 6.21 12.49
CA GLY B 118 -12.03 6.32 13.11
C GLY B 118 -12.52 7.70 13.46
N LYS B 119 -13.42 7.74 14.44
CA LYS B 119 -14.03 8.97 14.91
C LYS B 119 -12.97 9.84 15.52
N HIS B 120 -13.11 11.14 15.33
CA HIS B 120 -12.16 12.10 15.87
C HIS B 120 -12.68 13.49 15.59
N SER B 121 -12.55 14.40 16.54
CA SER B 121 -13.03 15.76 16.35
C SER B 121 -11.88 16.71 16.54
N PHE B 122 -11.94 17.83 15.84
CA PHE B 122 -10.90 18.85 15.91
C PHE B 122 -11.54 20.18 16.16
N THR B 123 -10.81 21.06 16.85
CA THR B 123 -11.27 22.41 17.10
C THR B 123 -10.55 23.23 16.06
N ILE B 124 -11.29 24.06 15.33
CA ILE B 124 -10.67 24.84 14.27
C ILE B 124 -11.01 26.29 14.40
N HIS B 125 -9.99 27.13 14.28
CA HIS B 125 -10.17 28.57 14.34
C HIS B 125 -10.43 29.03 12.92
N THR B 126 -11.50 29.80 12.71
CA THR B 126 -11.82 30.30 11.38
C THR B 126 -12.24 31.74 11.52
N GLY B 127 -12.43 32.40 10.39
CA GLY B 127 -12.85 33.79 10.42
C GLY B 127 -14.29 33.95 10.89
N ALA B 128 -14.95 32.82 11.16
CA ALA B 128 -16.33 32.81 11.63
C ALA B 128 -16.31 32.40 13.08
N GLY B 129 -15.12 32.18 13.63
CA GLY B 129 -15.00 31.75 15.01
C GLY B 129 -14.65 30.27 15.11
N LEU B 130 -14.95 29.67 16.26
CA LEU B 130 -14.66 28.26 16.49
C LEU B 130 -15.62 27.38 15.72
N ILE B 131 -15.07 26.38 15.05
CA ILE B 131 -15.83 25.40 14.27
C ILE B 131 -15.29 24.04 14.73
N VAL B 132 -16.17 23.07 14.97
CA VAL B 132 -15.70 21.76 15.46
C VAL B 132 -16.22 20.61 14.63
N PRO B 133 -15.44 20.15 13.65
CA PRO B 133 -15.89 19.02 12.83
C PRO B 133 -15.63 17.71 13.56
N GLU B 134 -16.46 16.70 13.30
CA GLU B 134 -16.28 15.40 13.94
C GLU B 134 -16.54 14.32 12.91
N ILE B 135 -15.56 13.44 12.73
CA ILE B 135 -15.67 12.36 11.76
C ILE B 135 -16.56 11.28 12.36
N GLN B 136 -17.48 10.78 11.56
CA GLN B 136 -18.43 9.74 12.01
C GLN B 136 -17.95 8.38 11.53
N ASP B 137 -18.64 7.32 11.97
CA ASP B 137 -18.27 5.95 11.61
C ASP B 137 -18.43 5.67 10.14
N ASP B 138 -19.42 6.31 9.49
CA ASP B 138 -19.65 6.07 8.06
C ASP B 138 -18.74 6.91 7.21
N GLY B 139 -17.76 7.57 7.82
CA GLY B 139 -16.86 8.40 7.04
C GLY B 139 -17.35 9.82 6.80
N GLN B 140 -18.58 10.11 7.24
CA GLN B 140 -19.14 11.44 7.08
C GLN B 140 -18.63 12.30 8.21
N VAL B 141 -18.88 13.61 8.12
CA VAL B 141 -18.43 14.53 9.14
C VAL B 141 -19.60 15.36 9.64
N LYS B 142 -19.78 15.38 10.95
CA LYS B 142 -20.83 16.18 11.58
C LYS B 142 -20.09 17.39 12.11
N VAL B 143 -20.51 18.58 11.71
CA VAL B 143 -19.80 19.78 12.12
C VAL B 143 -20.64 20.73 12.94
N ASP B 144 -20.05 21.19 14.03
CA ASP B 144 -20.67 22.19 14.91
C ASP B 144 -20.29 23.47 14.21
N MET B 145 -21.23 24.06 13.48
CA MET B 145 -20.98 25.27 12.70
C MET B 145 -21.14 26.54 13.50
N GLY B 146 -21.25 26.46 14.82
CA GLY B 146 -21.41 27.68 15.60
C GLY B 146 -22.83 28.20 15.64
N THR B 147 -23.02 29.45 16.03
CA THR B 147 -24.35 30.06 16.11
C THR B 147 -24.51 31.03 14.98
N PRO B 148 -25.75 31.21 14.48
CA PRO B 148 -25.98 32.15 13.38
C PRO B 148 -26.03 33.59 13.83
N ILE B 149 -25.58 34.49 12.96
CA ILE B 149 -25.59 35.92 13.21
C ILE B 149 -26.76 36.47 12.40
N LEU B 150 -27.73 37.07 13.09
CA LEU B 150 -28.92 37.57 12.43
C LEU B 150 -28.99 39.09 12.44
N LYS B 151 -28.16 39.76 13.25
CA LYS B 151 -28.19 41.21 13.29
C LYS B 151 -27.81 41.76 11.93
N ALA B 152 -28.78 42.43 11.30
CA ALA B 152 -28.67 43.00 9.96
C ALA B 152 -27.32 43.58 9.60
N GLN B 153 -26.90 44.63 10.30
CA GLN B 153 -25.65 45.29 9.96
C GLN B 153 -24.43 44.41 10.17
N ASP B 154 -24.59 43.26 10.84
CA ASP B 154 -23.45 42.38 11.07
C ASP B 154 -23.41 41.27 10.03
N VAL B 155 -24.45 41.12 9.23
CA VAL B 155 -24.48 40.05 8.22
C VAL B 155 -23.29 40.11 7.26
N PRO B 156 -23.00 41.29 6.67
CA PRO B 156 -23.68 42.57 6.79
C PRO B 156 -24.59 42.86 5.62
N THR B 157 -25.66 43.59 5.88
CA THR B 157 -26.59 44.00 4.84
C THR B 157 -27.09 45.37 5.19
N LYS B 158 -27.45 46.15 4.18
CA LYS B 158 -27.93 47.49 4.42
C LYS B 158 -29.44 47.50 4.55
N LEU B 159 -30.07 46.33 4.37
CA LEU B 159 -31.52 46.25 4.52
C LEU B 159 -31.82 46.42 6.00
N SER B 160 -32.96 47.03 6.33
CA SER B 160 -33.33 47.28 7.72
C SER B 160 -33.98 46.06 8.28
N GLY B 161 -33.77 45.81 9.57
CA GLY B 161 -34.39 44.67 10.20
C GLY B 161 -35.89 44.92 10.28
N ASN B 162 -36.70 43.90 10.05
CA ASN B 162 -38.15 44.05 10.09
C ASN B 162 -38.70 43.06 11.08
N LYS B 163 -37.82 42.36 11.78
CA LYS B 163 -38.21 41.40 12.79
C LYS B 163 -37.09 41.37 13.78
N GLY B 164 -37.13 42.32 14.71
CA GLY B 164 -36.06 42.42 15.69
C GLY B 164 -34.98 43.17 14.94
N GLU B 165 -33.75 42.70 15.02
CA GLU B 165 -32.65 43.35 14.31
C GLU B 165 -32.34 42.52 13.08
N ALA B 166 -33.20 41.53 12.83
CA ALA B 166 -33.01 40.60 11.71
C ALA B 166 -33.84 40.97 10.51
N VAL B 167 -33.33 40.61 9.33
CA VAL B 167 -34.01 40.84 8.06
C VAL B 167 -34.67 39.53 7.70
N VAL B 168 -35.98 39.46 7.86
CA VAL B 168 -36.71 38.23 7.56
C VAL B 168 -37.83 38.51 6.56
N GLU B 169 -37.76 37.81 5.42
CA GLU B 169 -38.76 37.94 4.35
C GLU B 169 -38.99 39.41 4.08
N ALA B 170 -37.91 40.15 3.87
CA ALA B 170 -37.97 41.58 3.60
C ALA B 170 -37.82 41.79 2.11
N GLU B 171 -38.34 42.90 1.62
CA GLU B 171 -38.31 43.23 0.21
C GLU B 171 -36.93 43.67 -0.23
N LEU B 172 -36.48 43.10 -1.34
CA LEU B 172 -35.18 43.42 -1.92
C LEU B 172 -35.46 43.66 -3.39
N VAL B 173 -35.15 44.84 -3.89
CA VAL B 173 -35.41 45.13 -5.29
C VAL B 173 -34.20 44.75 -6.10
N VAL B 174 -34.33 43.70 -6.91
CA VAL B 174 -33.23 43.22 -7.72
C VAL B 174 -33.53 43.51 -9.17
N ASP B 175 -32.72 44.38 -9.77
CA ASP B 175 -32.89 44.77 -11.17
C ASP B 175 -34.34 45.16 -11.43
N GLY B 176 -34.91 45.96 -10.54
CA GLY B 176 -36.27 46.43 -10.71
C GLY B 176 -37.38 45.48 -10.31
N VAL B 177 -37.04 44.26 -9.89
CA VAL B 177 -38.04 43.26 -9.50
C VAL B 177 -37.95 43.04 -8.00
N SER B 178 -39.11 43.03 -7.32
CA SER B 178 -39.15 42.88 -5.87
C SER B 178 -39.14 41.44 -5.46
N TRP B 179 -38.12 41.08 -4.67
CA TRP B 179 -37.97 39.73 -4.14
C TRP B 179 -38.07 39.87 -2.63
N ASN B 180 -38.39 38.78 -1.96
CA ASN B 180 -38.43 38.78 -0.50
C ASN B 180 -37.24 37.92 -0.09
N VAL B 181 -36.43 38.43 0.84
CA VAL B 181 -35.26 37.68 1.26
C VAL B 181 -35.09 37.74 2.76
N THR B 182 -34.32 36.78 3.27
CA THR B 182 -33.97 36.68 4.68
C THR B 182 -32.46 36.64 4.71
N CYS B 183 -31.83 37.43 5.58
CA CYS B 183 -30.37 37.49 5.64
C CYS B 183 -29.86 36.87 6.90
N VAL B 184 -28.84 36.03 6.77
CA VAL B 184 -28.23 35.40 7.92
C VAL B 184 -26.76 35.17 7.62
N SER B 185 -25.94 35.28 8.64
CA SER B 185 -24.50 35.08 8.48
C SER B 185 -24.07 33.88 9.28
N MET B 186 -23.15 33.12 8.68
CA MET B 186 -22.54 31.94 9.29
C MET B 186 -21.08 32.28 9.29
N GLY B 187 -20.81 33.57 9.42
CA GLY B 187 -19.45 34.08 9.37
C GLY B 187 -19.46 34.84 8.05
N ASN B 188 -19.88 34.14 6.99
CA ASN B 188 -19.99 34.73 5.67
C ASN B 188 -21.47 35.10 5.48
N PRO B 189 -21.74 36.06 4.58
CA PRO B 189 -23.11 36.52 4.31
C PRO B 189 -23.97 35.65 3.40
N HIS B 190 -25.22 35.49 3.78
CA HIS B 190 -26.16 34.68 3.00
C HIS B 190 -27.47 35.42 2.84
N CYS B 191 -28.00 35.36 1.62
CA CYS B 191 -29.28 35.98 1.27
C CYS B 191 -30.15 34.83 0.78
N ILE B 192 -31.16 34.47 1.57
CA ILE B 192 -32.04 33.35 1.24
C ILE B 192 -33.38 33.84 0.75
N THR B 193 -33.89 33.23 -0.33
CA THR B 193 -35.19 33.62 -0.84
C THR B 193 -36.01 32.39 -1.19
N PHE B 194 -37.31 32.47 -0.93
CA PHE B 194 -38.23 31.39 -1.23
C PHE B 194 -39.14 31.86 -2.35
N GLY B 195 -38.78 32.97 -2.98
CA GLY B 195 -39.57 33.49 -4.07
C GLY B 195 -39.68 35.01 -4.12
N LYS B 196 -40.28 35.53 -5.18
CA LYS B 196 -40.46 36.96 -5.35
C LYS B 196 -41.55 37.44 -4.42
N LYS B 197 -41.56 38.74 -4.15
CA LYS B 197 -42.57 39.33 -3.27
C LYS B 197 -43.90 39.17 -3.94
N GLY B 198 -44.86 38.61 -3.21
CA GLY B 198 -46.19 38.39 -3.76
C GLY B 198 -46.18 37.38 -4.89
N GLY B 199 -45.17 36.50 -4.89
CA GLY B 199 -45.07 35.50 -5.93
C GLY B 199 -45.28 34.08 -5.40
N PRO B 200 -45.38 33.10 -6.29
CA PRO B 200 -45.56 31.70 -5.89
C PRO B 200 -44.26 31.04 -5.46
N ASN B 201 -44.35 29.79 -5.01
CA ASN B 201 -43.15 29.06 -4.60
C ASN B 201 -42.26 28.93 -5.81
N LEU B 202 -41.00 28.62 -5.56
CA LEU B 202 -40.02 28.51 -6.64
C LEU B 202 -39.83 27.09 -7.09
N LYS B 203 -39.50 26.96 -8.37
CA LYS B 203 -39.14 25.70 -9.00
C LYS B 203 -37.68 25.97 -9.29
N VAL B 204 -36.89 25.83 -8.25
CA VAL B 204 -35.46 26.11 -8.27
C VAL B 204 -34.76 25.70 -9.56
N ASP B 205 -35.07 24.53 -10.11
CA ASP B 205 -34.39 24.11 -11.33
C ASP B 205 -34.78 24.93 -12.54
N ASP B 206 -35.82 25.75 -12.44
CA ASP B 206 -36.23 26.57 -13.59
C ASP B 206 -35.51 27.91 -13.59
N LEU B 207 -34.77 28.21 -12.53
CA LEU B 207 -34.07 29.49 -12.45
C LEU B 207 -32.86 29.50 -13.36
N ASN B 208 -32.51 30.69 -13.83
CA ASN B 208 -31.33 30.88 -14.66
C ASN B 208 -30.34 31.58 -13.75
N LEU B 209 -29.59 30.78 -12.98
CA LEU B 209 -28.65 31.30 -11.99
C LEU B 209 -27.62 32.23 -12.56
N PRO B 210 -26.92 31.84 -13.65
CA PRO B 210 -25.92 32.78 -14.17
C PRO B 210 -26.47 34.13 -14.56
N GLU B 211 -27.78 34.23 -14.64
CA GLU B 211 -28.40 35.47 -15.04
C GLU B 211 -28.85 36.24 -13.80
N ILE B 212 -29.59 35.58 -12.91
CA ILE B 212 -30.11 36.23 -11.71
C ILE B 212 -29.08 36.28 -10.58
N GLY B 213 -28.27 35.24 -10.46
CA GLY B 213 -27.26 35.20 -9.41
C GLY B 213 -26.39 36.44 -9.20
N PRO B 214 -25.69 36.90 -10.24
CA PRO B 214 -24.84 38.08 -10.13
C PRO B 214 -25.53 39.34 -9.63
N LYS B 215 -26.83 39.43 -9.85
CA LYS B 215 -27.59 40.61 -9.44
C LYS B 215 -27.74 40.63 -7.93
N PHE B 216 -27.75 39.45 -7.32
CA PHE B 216 -27.86 39.35 -5.87
C PHE B 216 -26.46 39.52 -5.28
N GLU B 217 -25.52 38.77 -5.83
CA GLU B 217 -24.13 38.76 -5.37
C GLU B 217 -23.53 40.14 -5.22
N HIS B 218 -23.69 40.99 -6.23
CA HIS B 218 -23.11 42.33 -6.19
C HIS B 218 -24.13 43.38 -5.84
N HIS B 219 -25.26 42.99 -5.28
CA HIS B 219 -26.30 43.96 -4.94
C HIS B 219 -25.74 45.01 -3.99
N GLU B 220 -26.18 46.25 -4.17
CA GLU B 220 -25.75 47.39 -3.35
C GLU B 220 -26.14 47.22 -1.89
N MET B 221 -27.11 46.35 -1.61
CA MET B 221 -27.52 46.16 -0.21
C MET B 221 -26.59 45.19 0.50
N PHE B 222 -25.57 44.68 -0.19
CA PHE B 222 -24.63 43.74 0.44
C PHE B 222 -23.21 44.25 0.22
N PRO B 223 -22.71 45.08 1.15
CA PRO B 223 -21.38 45.69 1.13
C PRO B 223 -20.22 44.76 0.88
N ALA B 224 -20.32 43.51 1.34
CA ALA B 224 -19.25 42.55 1.16
C ALA B 224 -19.70 41.47 0.20
N ARG B 225 -20.69 41.80 -0.64
CA ARG B 225 -21.29 40.87 -1.59
C ARG B 225 -21.98 39.83 -0.75
N THR B 226 -22.60 38.83 -1.38
CA THR B 226 -23.29 37.83 -0.58
C THR B 226 -23.43 36.54 -1.36
N ASN B 227 -23.70 35.46 -0.63
CA ASN B 227 -23.99 34.17 -1.21
C ASN B 227 -25.49 34.19 -1.30
N THR B 228 -26.07 33.54 -2.30
CA THR B 228 -27.53 33.56 -2.43
C THR B 228 -28.04 32.16 -2.61
N GLU B 229 -29.03 31.77 -1.82
CA GLU B 229 -29.58 30.44 -2.00
C GLU B 229 -31.08 30.56 -2.28
N PHE B 230 -31.51 29.85 -3.32
CA PHE B 230 -32.90 29.82 -3.75
C PHE B 230 -33.45 28.53 -3.22
N VAL B 231 -34.60 28.60 -2.55
CA VAL B 231 -35.14 27.42 -1.90
C VAL B 231 -36.59 27.13 -2.24
N GLU B 232 -36.91 25.85 -2.29
CA GLU B 232 -38.27 25.40 -2.53
C GLU B 232 -38.52 24.35 -1.47
N VAL B 233 -39.56 24.58 -0.67
CA VAL B 233 -39.90 23.67 0.42
C VAL B 233 -40.61 22.45 -0.11
N LEU B 234 -40.12 21.27 0.26
CA LEU B 234 -40.74 20.02 -0.16
C LEU B 234 -41.61 19.54 0.98
N SER B 235 -41.16 19.82 2.21
CA SER B 235 -41.89 19.47 3.43
C SER B 235 -41.25 20.30 4.52
N ARG B 236 -41.82 20.28 5.73
CA ARG B 236 -41.27 21.07 6.81
C ARG B 236 -39.96 20.50 7.31
N SER B 237 -39.49 19.42 6.71
CA SER B 237 -38.22 18.84 7.14
C SER B 237 -37.43 18.43 5.92
N HIS B 238 -37.78 18.98 4.76
CA HIS B 238 -37.12 18.61 3.51
C HIS B 238 -37.13 19.83 2.59
N LEU B 239 -35.95 20.40 2.34
CA LEU B 239 -35.81 21.58 1.51
C LEU B 239 -34.89 21.30 0.33
N LYS B 240 -35.20 21.88 -0.83
CA LYS B 240 -34.40 21.73 -2.03
C LYS B 240 -33.85 23.10 -2.34
N MET B 241 -32.60 23.18 -2.81
CA MET B 241 -32.01 24.50 -3.06
C MET B 241 -30.96 24.46 -4.14
N ARG B 242 -30.61 25.67 -4.56
CA ARG B 242 -29.57 25.93 -5.55
C ARG B 242 -28.90 27.17 -5.02
N VAL B 243 -27.62 27.35 -5.32
CA VAL B 243 -26.93 28.49 -4.76
C VAL B 243 -26.02 29.15 -5.76
N TRP B 244 -25.92 30.47 -5.62
CA TRP B 244 -25.02 31.28 -6.42
C TRP B 244 -24.10 31.87 -5.37
N GLU B 245 -22.89 31.34 -5.28
CA GLU B 245 -21.93 31.76 -4.24
C GLU B 245 -21.19 33.01 -4.59
N ARG B 246 -20.83 33.74 -3.54
CA ARG B 246 -20.03 34.93 -3.69
C ARG B 246 -18.68 34.44 -4.19
N GLY B 247 -18.19 35.04 -5.26
CA GLY B 247 -16.91 34.66 -5.82
C GLY B 247 -16.69 33.24 -6.28
N ALA B 248 -17.73 32.42 -6.44
CA ALA B 248 -17.51 31.04 -6.87
C ALA B 248 -18.56 30.61 -7.86
N GLY B 249 -19.65 31.37 -7.95
CA GLY B 249 -20.70 31.05 -8.90
C GLY B 249 -21.67 29.96 -8.47
N ALA B 250 -22.21 29.25 -9.46
CA ALA B 250 -23.17 28.17 -9.20
C ALA B 250 -22.40 26.91 -8.92
N THR B 251 -22.27 26.57 -7.64
CA THR B 251 -21.56 25.38 -7.23
C THR B 251 -22.55 24.26 -7.00
N LEU B 252 -22.05 23.05 -6.79
CA LEU B 252 -22.92 21.91 -6.59
C LEU B 252 -23.40 21.82 -5.15
N ALA B 253 -22.84 22.63 -4.26
CA ALA B 253 -23.25 22.56 -2.86
C ALA B 253 -22.58 23.66 -2.07
N CYS B 254 -23.18 24.02 -0.94
CA CYS B 254 -22.63 25.04 -0.04
C CYS B 254 -23.10 24.72 1.35
N GLY B 255 -22.15 24.32 2.20
CA GLY B 255 -22.46 23.96 3.57
C GLY B 255 -22.99 25.08 4.44
N THR B 256 -22.31 26.23 4.44
CA THR B 256 -22.77 27.37 5.24
C THR B 256 -24.10 27.82 4.67
N GLY B 257 -24.27 27.67 3.36
CA GLY B 257 -25.51 28.06 2.72
C GLY B 257 -26.68 27.22 3.16
N ALA B 258 -26.44 25.91 3.31
CA ALA B 258 -27.49 24.99 3.72
C ALA B 258 -27.89 25.30 5.15
N CYS B 259 -26.91 25.70 5.97
CA CYS B 259 -27.19 26.04 7.37
C CYS B 259 -28.03 27.30 7.41
N ALA B 260 -27.60 28.31 6.67
CA ALA B 260 -28.28 29.60 6.64
C ALA B 260 -29.72 29.48 6.14
N LEU B 261 -29.96 28.66 5.12
CA LEU B 261 -31.31 28.56 4.57
C LEU B 261 -32.23 27.83 5.52
N VAL B 262 -31.71 26.96 6.38
CA VAL B 262 -32.58 26.28 7.33
C VAL B 262 -32.97 27.30 8.38
N VAL B 263 -32.02 28.15 8.77
CA VAL B 263 -32.27 29.20 9.75
C VAL B 263 -33.37 30.09 9.20
N ALA B 264 -33.23 30.49 7.94
CA ALA B 264 -34.20 31.35 7.29
C ALA B 264 -35.55 30.67 7.21
N ALA B 265 -35.55 29.38 6.87
CA ALA B 265 -36.81 28.63 6.76
C ALA B 265 -37.54 28.65 8.09
N VAL B 266 -36.79 28.48 9.18
CA VAL B 266 -37.39 28.46 10.51
C VAL B 266 -37.92 29.84 10.85
N LEU B 267 -37.12 30.87 10.61
CA LEU B 267 -37.52 32.23 10.92
C LEU B 267 -38.77 32.64 10.15
N GLU B 268 -38.93 32.11 8.94
CA GLU B 268 -40.09 32.45 8.13
C GLU B 268 -41.22 31.48 8.41
N GLY B 269 -40.99 30.55 9.32
CA GLY B 269 -42.00 29.57 9.69
C GLY B 269 -42.37 28.57 8.61
N ARG B 270 -41.45 28.30 7.68
CA ARG B 270 -41.73 27.37 6.60
C ARG B 270 -41.23 25.98 6.92
N ALA B 271 -40.32 25.81 7.89
CA ALA B 271 -39.80 24.47 8.17
C ALA B 271 -39.35 24.32 9.61
N ASP B 272 -39.07 23.07 10.00
CA ASP B 272 -38.61 22.75 11.35
C ASP B 272 -37.12 22.96 11.44
N ARG B 273 -36.61 22.90 12.67
CA ARG B 273 -35.19 23.12 12.94
C ARG B 273 -34.32 21.98 12.48
N LYS B 274 -34.92 20.83 12.18
CA LYS B 274 -34.16 19.69 11.70
C LYS B 274 -34.63 19.39 10.29
N CYS B 275 -33.73 19.51 9.30
CA CYS B 275 -34.10 19.30 7.91
C CYS B 275 -33.05 18.58 7.11
N THR B 276 -33.51 17.98 6.03
CA THR B 276 -32.65 17.34 5.05
C THR B 276 -32.65 18.38 3.96
N VAL B 277 -31.47 18.82 3.54
CA VAL B 277 -31.41 19.82 2.49
C VAL B 277 -30.83 19.16 1.26
N ASP B 278 -31.55 19.24 0.16
CA ASP B 278 -31.08 18.66 -1.11
C ASP B 278 -30.40 19.75 -1.89
N LEU B 279 -29.13 19.52 -2.22
CA LEU B 279 -28.35 20.46 -3.01
C LEU B 279 -28.07 19.74 -4.32
N PRO B 280 -27.69 20.46 -5.37
CA PRO B 280 -27.40 19.81 -6.65
C PRO B 280 -26.47 18.62 -6.55
N GLY B 281 -25.48 18.70 -5.68
CA GLY B 281 -24.53 17.62 -5.54
C GLY B 281 -24.98 16.50 -4.61
N GLY B 282 -26.00 16.76 -3.81
CA GLY B 282 -26.47 15.74 -2.88
C GLY B 282 -27.07 16.34 -1.62
N PRO B 283 -27.53 15.49 -0.67
CA PRO B 283 -28.13 15.94 0.58
C PRO B 283 -27.23 16.19 1.77
N LEU B 284 -27.68 17.10 2.64
CA LEU B 284 -26.97 17.44 3.87
C LEU B 284 -28.01 17.43 4.98
N GLU B 285 -27.61 17.00 6.18
CA GLU B 285 -28.51 16.99 7.33
C GLU B 285 -28.14 18.21 8.13
N ILE B 286 -29.11 19.08 8.32
CA ILE B 286 -28.91 20.34 9.05
C ILE B 286 -29.83 20.37 10.26
N GLU B 287 -29.32 20.87 11.37
CA GLU B 287 -30.12 20.97 12.59
C GLU B 287 -29.72 22.20 13.36
N TRP B 288 -30.68 23.09 13.56
CA TRP B 288 -30.44 24.31 14.33
C TRP B 288 -31.02 24.04 15.69
N LYS B 289 -30.18 23.52 16.59
CA LYS B 289 -30.58 23.16 17.95
C LYS B 289 -31.03 24.37 18.72
N GLN B 290 -32.24 24.28 19.26
CA GLN B 290 -32.81 25.35 20.05
C GLN B 290 -32.10 25.36 21.39
N GLU B 291 -31.69 24.18 21.84
CA GLU B 291 -31.01 23.99 23.11
C GLU B 291 -29.82 24.93 23.26
N ASP B 292 -28.96 25.02 22.25
CA ASP B 292 -27.79 25.88 22.35
C ASP B 292 -27.71 26.94 21.27
N ASN B 293 -28.59 26.89 20.28
CA ASN B 293 -28.59 27.88 19.19
C ASN B 293 -27.46 27.57 18.22
N HIS B 294 -26.84 26.40 18.34
CA HIS B 294 -25.76 25.99 17.45
C HIS B 294 -26.37 25.26 16.27
N ILE B 295 -25.70 25.32 15.13
CA ILE B 295 -26.20 24.65 13.92
C ILE B 295 -25.26 23.51 13.62
N TYR B 296 -25.81 22.32 13.35
CA TYR B 296 -24.99 21.15 13.05
C TYR B 296 -25.27 20.72 11.63
N MET B 297 -24.19 20.39 10.92
CA MET B 297 -24.27 19.99 9.52
C MET B 297 -23.47 18.71 9.34
N THR B 298 -24.13 17.70 8.77
CA THR B 298 -23.49 16.40 8.53
C THR B 298 -23.53 16.11 7.03
N GLY B 299 -22.38 15.80 6.46
CA GLY B 299 -22.29 15.50 5.05
C GLY B 299 -21.01 14.76 4.71
N PRO B 300 -20.86 14.28 3.48
CA PRO B 300 -19.64 13.56 3.08
C PRO B 300 -18.49 14.46 2.68
N ALA B 301 -17.35 13.84 2.38
CA ALA B 301 -16.13 14.53 1.95
C ALA B 301 -15.22 13.44 1.43
N GLU B 302 -14.73 13.58 0.20
CA GLU B 302 -13.90 12.53 -0.39
C GLU B 302 -12.66 13.08 -1.05
N ALA B 303 -11.56 12.36 -0.87
CA ALA B 303 -10.29 12.74 -1.52
C ALA B 303 -10.46 12.30 -2.95
N VAL B 304 -9.83 13.00 -3.89
CA VAL B 304 -9.97 12.66 -5.30
C VAL B 304 -8.63 12.31 -5.87
N PHE B 305 -7.65 13.18 -5.67
CA PHE B 305 -6.32 12.92 -6.20
C PHE B 305 -5.30 13.77 -5.47
N TYR B 306 -4.02 13.39 -5.60
CA TYR B 306 -2.91 14.11 -4.96
C TYR B 306 -2.15 14.74 -6.09
N GLY B 307 -1.69 15.97 -5.90
CA GLY B 307 -0.95 16.61 -6.98
C GLY B 307 0.04 17.71 -6.64
N SER B 308 0.73 18.15 -7.68
CA SER B 308 1.73 19.20 -7.60
C SER B 308 1.45 20.11 -8.77
N ALA B 309 1.23 21.39 -8.50
CA ALA B 309 0.90 22.31 -9.58
C ALA B 309 2.00 23.31 -9.74
N LEU B 310 2.21 23.72 -10.99
CA LEU B 310 3.22 24.71 -11.32
C LEU B 310 2.68 26.06 -10.89
N LEU B 311 3.51 26.87 -10.22
CA LEU B 311 3.08 28.19 -9.77
C LEU B 311 3.80 29.22 -10.60
N GLY C 25 -29.46 -1.68 10.61
CA GLY C 25 -28.30 -0.89 11.14
C GLY C 25 -26.96 -1.53 10.87
N VAL C 26 -25.89 -0.79 11.17
CA VAL C 26 -24.53 -1.28 10.94
C VAL C 26 -23.66 -0.93 12.13
N LEU C 27 -22.80 -1.87 12.54
CA LEU C 27 -21.90 -1.64 13.65
C LEU C 27 -20.49 -1.80 13.16
N HIS C 28 -19.71 -0.73 13.28
CA HIS C 28 -18.31 -0.78 12.86
C HIS C 28 -17.53 -1.20 14.08
N PHE C 29 -16.55 -2.07 13.89
CA PHE C 29 -15.77 -2.56 15.02
C PHE C 29 -14.44 -3.10 14.55
N VAL C 30 -13.61 -3.46 15.52
CA VAL C 30 -12.31 -4.06 15.26
C VAL C 30 -12.23 -5.27 16.14
N LYS C 31 -11.80 -6.39 15.58
CA LYS C 31 -11.69 -7.64 16.34
C LYS C 31 -10.29 -7.74 16.92
N TYR C 32 -10.23 -8.04 18.22
CA TYR C 32 -8.96 -8.19 18.94
C TYR C 32 -9.07 -9.46 19.73
N HIS C 33 -7.94 -9.90 20.28
CA HIS C 33 -7.94 -11.08 21.12
C HIS C 33 -6.74 -10.99 22.04
N GLY C 34 -6.94 -11.41 23.29
CA GLY C 34 -5.88 -11.43 24.26
C GLY C 34 -5.70 -12.89 24.65
N LEU C 35 -4.68 -13.54 24.09
CA LEU C 35 -4.41 -14.94 24.37
C LEU C 35 -5.58 -15.81 23.96
N GLY C 36 -6.29 -15.45 22.90
CA GLY C 36 -7.41 -16.27 22.48
C GLY C 36 -8.78 -15.85 22.99
N ASN C 37 -8.78 -14.97 23.99
CA ASN C 37 -10.01 -14.41 24.56
C ASN C 37 -10.28 -13.28 23.59
N ASP C 38 -11.16 -13.51 22.61
CA ASP C 38 -11.43 -12.54 21.54
C ASP C 38 -12.64 -11.67 21.82
N PHE C 39 -12.53 -10.41 21.40
CA PHE C 39 -13.59 -9.43 21.62
C PHE C 39 -13.83 -8.57 20.41
N ILE C 40 -15.00 -7.94 20.42
CA ILE C 40 -15.44 -7.02 19.41
C ILE C 40 -15.29 -5.66 20.07
N LEU C 41 -14.37 -4.84 19.57
CA LEU C 41 -14.15 -3.51 20.17
C LEU C 41 -14.83 -2.46 19.34
N VAL C 42 -15.54 -1.55 20.00
CA VAL C 42 -16.24 -0.49 19.29
C VAL C 42 -15.90 0.86 19.89
N ASP C 43 -15.70 1.84 18.99
CA ASP C 43 -15.39 3.21 19.35
C ASP C 43 -16.69 3.86 19.79
N ASN C 44 -16.87 4.03 21.09
CA ASN C 44 -18.09 4.60 21.65
C ASN C 44 -17.72 5.85 22.43
N ARG C 45 -16.68 6.54 21.98
CA ARG C 45 -16.19 7.74 22.66
C ARG C 45 -17.13 8.91 22.46
N ASP C 46 -18.14 8.74 21.60
CA ASP C 46 -19.11 9.78 21.27
C ASP C 46 -20.24 9.84 22.28
N SER C 47 -20.46 8.77 23.04
CA SER C 47 -21.57 8.76 23.99
C SER C 47 -21.27 7.86 25.16
N SER C 48 -21.92 8.11 26.28
CA SER C 48 -21.72 7.29 27.46
C SER C 48 -22.75 6.18 27.46
N GLU C 49 -23.45 6.04 26.34
CA GLU C 49 -24.45 4.99 26.20
C GLU C 49 -24.01 4.08 25.08
N PRO C 50 -23.90 2.78 25.35
CA PRO C 50 -23.49 1.79 24.36
C PRO C 50 -24.29 1.84 23.09
N LYS C 51 -23.60 1.78 21.96
CA LYS C 51 -24.24 1.83 20.64
C LYS C 51 -25.22 0.69 20.42
N ILE C 52 -25.00 -0.46 21.07
CA ILE C 52 -25.91 -1.58 20.86
C ILE C 52 -26.44 -2.05 22.19
N THR C 53 -27.49 -2.86 22.14
CA THR C 53 -28.11 -3.39 23.34
C THR C 53 -27.40 -4.66 23.71
N GLN C 54 -27.66 -5.16 24.91
CA GLN C 54 -27.03 -6.39 25.39
C GLN C 54 -27.52 -7.55 24.55
N GLU C 55 -28.78 -7.50 24.12
CA GLU C 55 -29.35 -8.56 23.30
C GLU C 55 -28.63 -8.61 21.97
N GLN C 56 -28.36 -7.43 21.40
CA GLN C 56 -27.68 -7.37 20.13
C GLN C 56 -26.27 -7.93 20.28
N ALA C 57 -25.62 -7.61 21.39
CA ALA C 57 -24.27 -8.08 21.64
C ALA C 57 -24.25 -9.59 21.67
N ALA C 58 -25.23 -10.18 22.35
CA ALA C 58 -25.31 -11.63 22.46
C ALA C 58 -25.40 -12.23 21.07
N LYS C 59 -26.19 -11.63 20.18
CA LYS C 59 -26.34 -12.15 18.82
C LYS C 59 -25.07 -11.99 18.03
N LEU C 60 -24.40 -10.86 18.18
CA LEU C 60 -23.16 -10.60 17.44
C LEU C 60 -22.08 -11.55 17.88
N CYS C 61 -22.14 -12.01 19.13
CA CYS C 61 -21.11 -12.91 19.65
C CYS C 61 -21.31 -14.33 19.18
N ASP C 62 -22.49 -14.69 18.67
CA ASP C 62 -22.69 -16.07 18.20
C ASP C 62 -21.63 -16.29 17.14
N ARG C 63 -20.91 -17.40 17.23
CA ARG C 63 -19.82 -17.66 16.31
C ARG C 63 -20.25 -18.15 14.95
N ASN C 64 -21.45 -18.67 14.81
CA ASN C 64 -21.87 -19.16 13.48
C ASN C 64 -22.84 -18.20 12.83
N PHE C 65 -23.74 -17.61 13.61
CA PHE C 65 -24.75 -16.71 13.06
C PHE C 65 -24.36 -15.28 13.21
N GLY C 66 -23.27 -15.01 13.93
CA GLY C 66 -22.84 -13.63 14.12
C GLY C 66 -21.38 -13.39 13.79
N VAL C 67 -20.77 -12.41 14.45
CA VAL C 67 -19.36 -12.11 14.22
C VAL C 67 -18.53 -13.16 14.95
N GLY C 68 -18.95 -13.50 16.16
CA GLY C 68 -18.23 -14.47 16.96
C GLY C 68 -17.20 -13.84 17.89
N ALA C 69 -17.43 -13.96 19.20
CA ALA C 69 -16.52 -13.37 20.18
C ALA C 69 -16.95 -13.76 21.55
N ASP C 70 -16.08 -13.52 22.53
CA ASP C 70 -16.39 -13.84 23.93
C ASP C 70 -17.08 -12.65 24.55
N GLY C 71 -17.09 -11.52 23.83
CA GLY C 71 -17.73 -10.33 24.35
C GLY C 71 -17.54 -9.10 23.48
N VAL C 72 -18.27 -8.04 23.82
CA VAL C 72 -18.17 -6.78 23.11
C VAL C 72 -17.66 -5.76 24.11
N ILE C 73 -16.65 -4.98 23.69
CA ILE C 73 -16.05 -3.97 24.57
C ILE C 73 -16.22 -2.60 23.95
N PHE C 74 -16.71 -1.65 24.75
CA PHE C 74 -16.95 -0.30 24.28
C PHE C 74 -15.94 0.66 24.87
N ALA C 75 -15.35 1.49 24.03
CA ALA C 75 -14.42 2.51 24.49
C ALA C 75 -15.32 3.73 24.70
N MET C 76 -15.55 4.10 25.95
CA MET C 76 -16.45 5.21 26.28
C MET C 76 -15.68 6.41 26.78
N PRO C 77 -16.38 7.56 26.89
CA PRO C 77 -15.74 8.78 27.38
C PRO C 77 -15.37 8.66 28.84
N GLY C 78 -14.32 9.37 29.24
CA GLY C 78 -13.87 9.32 30.61
C GLY C 78 -14.91 9.68 31.66
N VAL C 79 -14.67 9.25 32.89
CA VAL C 79 -15.56 9.51 34.00
C VAL C 79 -14.72 9.97 35.18
N ASN C 80 -15.04 11.15 35.71
CA ASN C 80 -14.34 11.73 36.85
C ASN C 80 -12.89 11.99 36.55
N GLY C 81 -12.60 12.41 35.32
CA GLY C 81 -11.22 12.72 34.98
C GLY C 81 -10.38 11.61 34.37
N THR C 82 -10.91 10.40 34.23
CA THR C 82 -10.11 9.33 33.61
C THR C 82 -10.04 9.64 32.14
N ASP C 83 -9.05 9.08 31.45
CA ASP C 83 -8.92 9.32 30.02
C ASP C 83 -10.11 8.70 29.31
N TYR C 84 -10.53 7.52 29.75
CA TYR C 84 -11.66 6.86 29.11
C TYR C 84 -12.38 6.00 30.12
N ALA C 85 -13.46 5.38 29.65
CA ALA C 85 -14.26 4.48 30.45
C ALA C 85 -14.44 3.23 29.60
N MET C 86 -14.58 2.08 30.24
CA MET C 86 -14.77 0.85 29.48
C MET C 86 -15.97 0.11 30.03
N ARG C 87 -16.77 -0.42 29.12
CA ARG C 87 -17.92 -1.23 29.47
C ARG C 87 -17.85 -2.43 28.57
N ILE C 88 -18.31 -3.56 29.07
CA ILE C 88 -18.26 -4.78 28.27
C ILE C 88 -19.50 -5.61 28.48
N PHE C 89 -19.90 -6.32 27.43
CA PHE C 89 -21.05 -7.21 27.46
C PHE C 89 -20.52 -8.61 27.16
N ASN C 90 -20.81 -9.58 28.00
CA ASN C 90 -20.37 -10.95 27.77
C ASN C 90 -21.08 -11.47 26.53
N SER C 91 -20.64 -12.61 26.01
CA SER C 91 -21.26 -13.18 24.83
C SER C 91 -22.68 -13.64 25.14
N ASP C 92 -23.06 -13.67 26.42
CA ASP C 92 -24.41 -14.08 26.78
C ASP C 92 -25.24 -12.82 27.03
N GLY C 93 -24.62 -11.66 26.85
CA GLY C 93 -25.33 -10.41 27.05
C GLY C 93 -25.20 -9.73 28.39
N SER C 94 -24.81 -10.47 29.44
CA SER C 94 -24.67 -9.90 30.78
C SER C 94 -23.52 -8.91 30.74
N GLU C 95 -23.48 -8.00 31.72
CA GLU C 95 -22.40 -7.01 31.76
C GLU C 95 -21.54 -7.18 33.00
N PRO C 96 -20.29 -7.63 32.81
CA PRO C 96 -19.35 -7.84 33.91
C PRO C 96 -18.76 -6.48 34.27
N GLU C 97 -18.03 -6.41 35.38
CA GLU C 97 -17.48 -5.11 35.80
C GLU C 97 -16.05 -4.88 35.35
N MET C 98 -15.38 -5.87 34.76
CA MET C 98 -14.02 -5.67 34.29
C MET C 98 -13.62 -6.82 33.40
N CYS C 99 -12.54 -6.63 32.64
CA CYS C 99 -12.03 -7.65 31.75
C CYS C 99 -10.56 -7.38 31.52
N GLY C 100 -9.73 -8.29 32.01
CA GLY C 100 -8.28 -8.14 31.88
C GLY C 100 -7.74 -8.23 30.46
N ASN C 101 -8.08 -9.30 29.74
CA ASN C 101 -7.60 -9.44 28.37
C ASN C 101 -8.21 -8.34 27.55
N GLY C 102 -9.45 -7.97 27.87
CA GLY C 102 -10.12 -6.93 27.13
C GLY C 102 -9.52 -5.55 27.28
N VAL C 103 -9.07 -5.20 28.49
CA VAL C 103 -8.50 -3.89 28.72
C VAL C 103 -7.15 -3.79 28.00
N ARG C 104 -6.48 -4.92 27.79
CA ARG C 104 -5.21 -4.87 27.08
C ARG C 104 -5.51 -4.56 25.62
N CYS C 105 -6.59 -5.14 25.08
CA CYS C 105 -6.97 -4.90 23.69
C CYS C 105 -7.42 -3.45 23.58
N PHE C 106 -8.13 -3.00 24.62
CA PHE C 106 -8.65 -1.63 24.69
C PHE C 106 -7.51 -0.64 24.52
N ALA C 107 -6.40 -0.88 25.22
CA ALA C 107 -5.26 0.04 25.15
C ALA C 107 -4.72 0.11 23.74
N ARG C 108 -4.52 -1.06 23.11
CA ARG C 108 -3.99 -1.06 21.76
C ARG C 108 -4.98 -0.45 20.78
N PHE C 109 -6.28 -0.64 21.04
CA PHE C 109 -7.34 -0.10 20.18
C PHE C 109 -7.20 1.42 20.15
N ILE C 110 -7.17 2.05 21.33
CA ILE C 110 -7.04 3.50 21.42
C ILE C 110 -5.79 3.96 20.70
N ALA C 111 -4.66 3.29 20.94
CA ALA C 111 -3.38 3.65 20.31
C ALA C 111 -3.52 3.68 18.81
N GLU C 112 -4.25 2.73 18.24
CA GLU C 112 -4.43 2.67 16.79
C GLU C 112 -5.29 3.80 16.32
N LEU C 113 -6.26 4.19 17.13
CA LEU C 113 -7.18 5.26 16.76
C LEU C 113 -6.51 6.62 16.86
N GLU C 114 -5.66 6.80 17.87
CA GLU C 114 -5.00 8.09 18.10
C GLU C 114 -3.57 8.15 17.58
N ASN C 115 -3.13 7.13 16.88
CA ASN C 115 -1.76 7.07 16.34
C ASN C 115 -0.75 7.24 17.47
N LEU C 116 -0.91 6.48 18.54
CA LEU C 116 0.03 6.56 19.65
C LEU C 116 1.03 5.44 19.44
N GLN C 117 2.30 5.80 19.26
CA GLN C 117 3.35 4.83 19.01
C GLN C 117 4.20 4.68 20.24
N GLY C 118 4.60 3.44 20.52
CA GLY C 118 5.43 3.20 21.68
C GLY C 118 4.67 3.10 23.00
N LYS C 119 5.41 3.22 24.09
CA LYS C 119 4.85 3.12 25.44
C LYS C 119 3.88 4.25 25.69
N HIS C 120 2.72 3.89 26.24
CA HIS C 120 1.64 4.83 26.56
C HIS C 120 0.77 4.20 27.62
N SER C 121 0.31 5.00 28.58
CA SER C 121 -0.58 4.50 29.62
C SER C 121 -1.83 5.35 29.61
N PHE C 122 -2.96 4.76 29.98
CA PHE C 122 -4.23 5.48 30.01
C PHE C 122 -4.93 5.13 31.30
N THR C 123 -5.70 6.09 31.81
CA THR C 123 -6.48 5.85 33.01
C THR C 123 -7.84 5.41 32.49
N ILE C 124 -8.36 4.31 33.00
CA ILE C 124 -9.64 3.80 32.50
C ILE C 124 -10.59 3.54 33.64
N HIS C 125 -11.78 4.13 33.53
CA HIS C 125 -12.82 3.93 34.53
C HIS C 125 -13.56 2.66 34.12
N THR C 126 -13.81 1.79 35.09
CA THR C 126 -14.52 0.53 34.82
C THR C 126 -15.38 0.23 36.02
N GLY C 127 -16.22 -0.80 35.90
CA GLY C 127 -17.08 -1.18 36.99
C GLY C 127 -16.31 -1.69 38.20
N ALA C 128 -14.99 -1.76 38.08
CA ALA C 128 -14.16 -2.25 39.18
C ALA C 128 -13.33 -1.10 39.71
N GLY C 129 -13.57 0.08 39.15
CA GLY C 129 -12.81 1.23 39.57
C GLY C 129 -11.79 1.62 38.52
N LEU C 130 -10.69 2.22 38.96
CA LEU C 130 -9.64 2.68 38.07
C LEU C 130 -8.77 1.51 37.63
N ILE C 131 -8.48 1.48 36.33
CA ILE C 131 -7.61 0.46 35.75
C ILE C 131 -6.64 1.26 34.89
N VAL C 132 -5.35 0.95 34.98
CA VAL C 132 -4.36 1.71 34.21
C VAL C 132 -3.47 0.80 33.39
N PRO C 133 -3.81 0.58 32.12
CA PRO C 133 -2.97 -0.29 31.28
C PRO C 133 -1.87 0.57 30.70
N GLU C 134 -0.70 -0.01 30.47
CA GLU C 134 0.40 0.74 29.85
C GLU C 134 1.01 -0.12 28.77
N ILE C 135 1.03 0.38 27.54
CA ILE C 135 1.59 -0.37 26.43
C ILE C 135 3.10 -0.40 26.63
N GLN C 136 3.71 -1.56 26.40
CA GLN C 136 5.15 -1.76 26.57
C GLN C 136 5.87 -1.62 25.25
N ASP C 137 7.20 -1.64 25.29
CA ASP C 137 8.00 -1.50 24.08
C ASP C 137 7.71 -2.63 23.10
N ASP C 138 7.52 -3.85 23.60
CA ASP C 138 7.30 -5.00 22.72
C ASP C 138 5.86 -5.13 22.28
N GLY C 139 5.02 -4.14 22.58
CA GLY C 139 3.64 -4.24 22.14
C GLY C 139 2.70 -4.92 23.11
N GLN C 140 3.24 -5.51 24.17
CA GLN C 140 2.43 -6.15 25.18
C GLN C 140 1.90 -5.02 26.03
N VAL C 141 1.00 -5.35 26.97
CA VAL C 141 0.42 -4.33 27.84
C VAL C 141 0.53 -4.79 29.26
N LYS C 142 1.09 -3.93 30.11
CA LYS C 142 1.22 -4.21 31.54
C LYS C 142 0.11 -3.39 32.18
N VAL C 143 -0.79 -4.04 32.89
CA VAL C 143 -1.92 -3.33 33.47
C VAL C 143 -1.92 -3.33 34.98
N ASP C 144 -2.25 -2.17 35.53
CA ASP C 144 -2.39 -1.99 36.97
C ASP C 144 -3.86 -2.35 37.19
N MET C 145 -4.11 -3.53 37.72
CA MET C 145 -5.48 -4.04 37.88
C MET C 145 -6.12 -3.66 39.21
N GLY C 146 -5.53 -2.73 39.93
CA GLY C 146 -6.13 -2.33 41.20
C GLY C 146 -5.87 -3.32 42.31
N THR C 147 -6.65 -3.23 43.39
CA THR C 147 -6.49 -4.10 44.53
C THR C 147 -7.61 -5.10 44.58
N PRO C 148 -7.33 -6.31 45.09
CA PRO C 148 -8.36 -7.35 45.18
C PRO C 148 -9.35 -7.09 46.30
N ILE C 149 -10.57 -7.61 46.12
CA ILE C 149 -11.65 -7.49 47.09
C ILE C 149 -11.88 -8.88 47.62
N LEU C 150 -11.71 -9.05 48.93
CA LEU C 150 -11.83 -10.38 49.54
C LEU C 150 -12.98 -10.49 50.51
N LYS C 151 -13.60 -9.38 50.90
CA LYS C 151 -14.72 -9.47 51.84
C LYS C 151 -15.83 -10.27 51.16
N ALA C 152 -16.22 -11.39 51.78
CA ALA C 152 -17.23 -12.31 51.27
C ALA C 152 -18.43 -11.64 50.63
N GLN C 153 -19.14 -10.82 51.39
CA GLN C 153 -20.35 -10.17 50.92
C GLN C 153 -20.13 -9.28 49.73
N ASP C 154 -18.90 -8.82 49.50
CA ASP C 154 -18.64 -7.90 48.37
C ASP C 154 -18.12 -8.62 47.14
N VAL C 155 -17.79 -9.90 47.26
CA VAL C 155 -17.26 -10.64 46.12
C VAL C 155 -18.23 -10.61 44.93
N PRO C 156 -19.51 -10.97 45.14
CA PRO C 156 -20.17 -11.40 46.37
C PRO C 156 -20.38 -12.89 46.43
N THR C 157 -20.41 -13.42 47.65
CA THR C 157 -20.65 -14.84 47.87
C THR C 157 -21.35 -14.98 49.19
N LYS C 158 -22.18 -16.01 49.34
CA LYS C 158 -22.90 -16.24 50.58
C LYS C 158 -22.10 -17.14 51.49
N LEU C 159 -20.95 -17.61 51.02
CA LEU C 159 -20.10 -18.44 51.86
C LEU C 159 -19.62 -17.55 52.98
N SER C 160 -19.43 -18.11 54.17
CA SER C 160 -18.97 -17.31 55.30
C SER C 160 -17.47 -17.21 55.27
N GLY C 161 -16.94 -16.05 55.63
CA GLY C 161 -15.49 -15.87 55.68
C GLY C 161 -14.94 -16.79 56.75
N ASN C 162 -13.83 -17.47 56.46
CA ASN C 162 -13.24 -18.38 57.43
C ASN C 162 -11.87 -17.86 57.80
N LYS C 163 -11.49 -16.74 57.21
CA LYS C 163 -10.20 -16.12 57.48
C LYS C 163 -10.50 -14.64 57.43
N GLY C 164 -10.97 -14.10 58.55
CA GLY C 164 -11.34 -12.71 58.57
C GLY C 164 -12.66 -12.75 57.81
N GLU C 165 -12.89 -11.81 56.91
CA GLU C 165 -14.13 -11.82 56.14
C GLU C 165 -13.87 -12.44 54.79
N ALA C 166 -12.67 -13.00 54.61
CA ALA C 166 -12.30 -13.61 53.34
C ALA C 166 -12.58 -15.10 53.37
N VAL C 167 -12.95 -15.65 52.21
CA VAL C 167 -13.23 -17.07 52.05
C VAL C 167 -11.99 -17.68 51.44
N VAL C 168 -11.24 -18.43 52.23
CA VAL C 168 -10.00 -19.05 51.75
C VAL C 168 -10.02 -20.54 52.01
N GLU C 169 -9.92 -21.31 50.94
CA GLU C 169 -9.93 -22.78 51.01
C GLU C 169 -11.09 -23.23 51.86
N ALA C 170 -12.28 -22.71 51.58
CA ALA C 170 -13.48 -23.06 52.34
C ALA C 170 -14.24 -24.10 51.56
N GLU C 171 -15.05 -24.89 52.27
CA GLU C 171 -15.83 -25.95 51.65
C GLU C 171 -17.01 -25.40 50.89
N LEU C 172 -17.18 -25.89 49.66
CA LEU C 172 -18.28 -25.49 48.78
C LEU C 172 -18.85 -26.80 48.27
N VAL C 173 -20.11 -27.09 48.57
CA VAL C 173 -20.71 -28.34 48.11
C VAL C 173 -21.29 -28.11 46.73
N VAL C 174 -20.70 -28.76 45.73
CA VAL C 174 -21.14 -28.61 44.35
C VAL C 174 -21.76 -29.92 43.91
N ASP C 175 -23.05 -29.88 43.62
CA ASP C 175 -23.79 -31.06 43.17
C ASP C 175 -23.50 -32.24 44.08
N GLY C 176 -23.52 -31.98 45.39
CA GLY C 176 -23.29 -33.03 46.36
C GLY C 176 -21.85 -33.41 46.67
N VAL C 177 -20.90 -32.78 45.96
CA VAL C 177 -19.47 -33.08 46.15
C VAL C 177 -18.80 -31.89 46.80
N SER C 178 -18.00 -32.15 47.82
CA SER C 178 -17.32 -31.08 48.56
C SER C 178 -16.03 -30.66 47.89
N TRP C 179 -15.96 -29.39 47.54
CA TRP C 179 -14.77 -28.80 46.94
C TRP C 179 -14.29 -27.74 47.91
N ASN C 180 -13.02 -27.34 47.80
CA ASN C 180 -12.49 -26.27 48.62
C ASN C 180 -12.24 -25.13 47.66
N VAL C 181 -12.69 -23.93 48.00
CA VAL C 181 -12.53 -22.81 47.11
C VAL C 181 -12.12 -21.57 47.86
N THR C 182 -11.57 -20.62 47.11
CA THR C 182 -11.17 -19.32 47.66
C THR C 182 -11.87 -18.31 46.78
N CYS C 183 -12.48 -17.30 47.38
CA CYS C 183 -13.23 -16.31 46.60
C CYS C 183 -12.53 -14.96 46.62
N VAL C 184 -12.39 -14.36 45.44
CA VAL C 184 -11.78 -13.05 45.35
C VAL C 184 -12.42 -12.31 44.20
N SER C 185 -12.56 -11.01 44.35
CA SER C 185 -13.16 -10.18 43.32
C SER C 185 -12.14 -9.23 42.76
N MET C 186 -12.21 -9.02 41.45
CA MET C 186 -11.35 -8.10 40.72
C MET C 186 -12.32 -7.15 40.08
N GLY C 187 -13.43 -6.95 40.79
CA GLY C 187 -14.52 -6.13 40.29
C GLY C 187 -15.58 -7.18 40.03
N ASN C 188 -15.20 -8.21 39.26
CA ASN C 188 -16.09 -9.32 38.97
C ASN C 188 -15.74 -10.44 39.93
N PRO C 189 -16.68 -11.37 40.16
CA PRO C 189 -16.45 -12.50 41.08
C PRO C 189 -15.66 -13.67 40.54
N HIS C 190 -14.82 -14.25 41.40
CA HIS C 190 -14.00 -15.39 41.01
C HIS C 190 -14.01 -16.40 42.13
N CYS C 191 -14.12 -17.66 41.74
CA CYS C 191 -14.11 -18.80 42.65
C CYS C 191 -12.94 -19.64 42.20
N ILE C 192 -11.88 -19.69 43.00
CA ILE C 192 -10.67 -20.44 42.63
C ILE C 192 -10.58 -21.71 43.44
N THR C 193 -10.23 -22.81 42.78
CA THR C 193 -10.10 -24.08 43.48
C THR C 193 -8.86 -24.80 43.01
N PHE C 194 -8.19 -25.47 43.95
CA PHE C 194 -6.99 -26.24 43.65
C PHE C 194 -7.30 -27.69 43.87
N GLY C 195 -8.59 -28.01 43.97
CA GLY C 195 -8.98 -29.40 44.18
C GLY C 195 -10.15 -29.60 45.12
N LYS C 196 -10.64 -30.83 45.18
CA LYS C 196 -11.76 -31.17 46.04
C LYS C 196 -11.29 -31.20 47.48
N LYS C 197 -12.23 -31.10 48.41
CA LYS C 197 -11.90 -31.13 49.83
C LYS C 197 -11.34 -32.49 50.15
N GLY C 198 -10.18 -32.52 50.78
CA GLY C 198 -9.55 -33.78 51.11
C GLY C 198 -9.14 -34.57 49.88
N GLY C 199 -8.94 -33.87 48.76
CA GLY C 199 -8.54 -34.55 47.53
C GLY C 199 -7.14 -34.18 47.08
N PRO C 200 -6.63 -34.85 46.03
CA PRO C 200 -5.28 -34.59 45.50
C PRO C 200 -5.25 -33.36 44.61
N ASN C 201 -4.07 -33.00 44.14
CA ASN C 201 -3.92 -31.85 43.25
C ASN C 201 -4.68 -32.15 41.98
N LEU C 202 -4.98 -31.12 41.21
CA LEU C 202 -5.74 -31.27 39.98
C LEU C 202 -4.86 -31.41 38.77
N LYS C 203 -5.37 -32.16 37.81
CA LYS C 203 -4.77 -32.32 36.49
C LYS C 203 -5.83 -31.61 35.65
N VAL C 204 -5.72 -30.29 35.66
CA VAL C 204 -6.65 -29.38 35.00
C VAL C 204 -7.14 -29.87 33.64
N ASP C 205 -6.25 -30.41 32.82
CA ASP C 205 -6.67 -30.85 31.49
C ASP C 205 -7.58 -32.07 31.55
N ASP C 206 -7.68 -32.73 32.69
CA ASP C 206 -8.53 -33.92 32.79
C ASP C 206 -9.95 -33.56 33.19
N LEU C 207 -10.19 -32.29 33.51
CA LEU C 207 -11.52 -31.85 33.93
C LEU C 207 -12.44 -31.73 32.74
N ASN C 208 -13.73 -31.95 32.99
CA ASN C 208 -14.76 -31.81 31.97
C ASN C 208 -15.46 -30.51 32.32
N LEU C 209 -14.91 -29.39 31.85
CA LEU C 209 -15.43 -28.06 32.16
C LEU C 209 -16.89 -27.87 31.82
N PRO C 210 -17.31 -28.22 30.59
CA PRO C 210 -18.72 -28.01 30.28
C PRO C 210 -19.69 -28.75 31.18
N GLU C 211 -19.17 -29.68 31.95
CA GLU C 211 -19.99 -30.47 32.84
C GLU C 211 -19.93 -29.87 34.26
N ILE C 212 -18.72 -29.66 34.76
CA ILE C 212 -18.54 -29.14 36.13
C ILE C 212 -18.69 -27.62 36.19
N GLY C 213 -18.22 -26.92 35.15
CA GLY C 213 -18.30 -25.47 35.13
C GLY C 213 -19.62 -24.82 35.50
N PRO C 214 -20.71 -25.17 34.80
CA PRO C 214 -22.05 -24.60 35.08
C PRO C 214 -22.51 -24.76 36.50
N LYS C 215 -22.02 -25.79 37.17
CA LYS C 215 -22.43 -26.06 38.56
C LYS C 215 -21.82 -25.03 39.47
N PHE C 216 -20.68 -24.46 39.09
CA PHE C 216 -20.05 -23.43 39.92
C PHE C 216 -20.64 -22.10 39.54
N GLU C 217 -20.74 -21.85 38.24
CA GLU C 217 -21.22 -20.59 37.69
C GLU C 217 -22.56 -20.17 38.27
N HIS C 218 -23.52 -21.08 38.32
CA HIS C 218 -24.86 -20.76 38.81
C HIS C 218 -25.07 -21.23 40.23
N HIS C 219 -24.00 -21.52 40.95
CA HIS C 219 -24.15 -22.02 42.32
C HIS C 219 -24.91 -21.00 43.15
N GLU C 220 -25.75 -21.50 44.04
CA GLU C 220 -26.58 -20.68 44.92
C GLU C 220 -25.73 -19.81 45.83
N MET C 221 -24.47 -20.19 46.06
CA MET C 221 -23.61 -19.39 46.95
C MET C 221 -23.05 -18.17 46.23
N PHE C 222 -23.36 -18.02 44.95
CA PHE C 222 -22.86 -16.87 44.20
C PHE C 222 -24.03 -16.15 43.56
N PRO C 223 -24.60 -15.17 44.29
CA PRO C 223 -25.75 -14.36 43.88
C PRO C 223 -25.66 -13.73 42.51
N ALA C 224 -24.45 -13.36 42.09
CA ALA C 224 -24.28 -12.73 40.77
C ALA C 224 -23.56 -13.69 39.85
N ARG C 225 -23.64 -14.99 40.16
CA ARG C 225 -22.95 -16.04 39.40
C ARG C 225 -21.48 -15.78 39.63
N THR C 226 -20.61 -16.60 39.05
CA THR C 226 -19.18 -16.38 39.27
C THR C 226 -18.37 -16.99 38.15
N ASN C 227 -17.11 -16.55 38.07
CA ASN C 227 -16.15 -17.09 37.12
C ASN C 227 -15.45 -18.15 37.96
N THR C 228 -15.03 -19.24 37.34
CA THR C 228 -14.37 -20.28 38.12
C THR C 228 -13.08 -20.67 37.47
N GLU C 229 -12.00 -20.69 38.24
CA GLU C 229 -10.72 -21.09 37.68
C GLU C 229 -10.18 -22.26 38.46
N PHE C 230 -9.79 -23.29 37.72
CA PHE C 230 -9.23 -24.53 38.27
C PHE C 230 -7.73 -24.40 38.10
N VAL C 231 -6.99 -24.67 39.16
CA VAL C 231 -5.55 -24.45 39.11
C VAL C 231 -4.75 -25.64 39.56
N GLU C 232 -3.58 -25.80 38.94
CA GLU C 232 -2.65 -26.84 39.33
C GLU C 232 -1.32 -26.14 39.42
N VAL C 233 -0.70 -26.24 40.60
CA VAL C 233 0.57 -25.59 40.86
C VAL C 233 1.71 -26.37 40.25
N LEU C 234 2.52 -25.69 39.44
CA LEU C 234 3.67 -26.33 38.81
C LEU C 234 4.89 -26.01 39.66
N SER C 235 4.90 -24.83 40.27
CA SER C 235 5.96 -24.36 41.16
C SER C 235 5.40 -23.17 41.88
N ARG C 236 6.12 -22.63 42.87
CA ARG C 236 5.60 -21.49 43.64
C ARG C 236 5.57 -20.22 42.80
N SER C 237 6.00 -20.30 41.55
CA SER C 237 5.99 -19.11 40.70
C SER C 237 5.48 -19.50 39.32
N HIS C 238 4.82 -20.64 39.22
CA HIS C 238 4.34 -21.11 37.93
C HIS C 238 3.03 -21.89 38.14
N LEU C 239 1.93 -21.33 37.67
CA LEU C 239 0.61 -21.94 37.83
C LEU C 239 -0.03 -22.22 36.48
N LYS C 240 -0.75 -23.33 36.39
CA LYS C 240 -1.47 -23.71 35.17
C LYS C 240 -2.94 -23.67 35.50
N MET C 241 -3.77 -23.18 34.58
CA MET C 241 -5.19 -23.08 34.89
C MET C 241 -6.07 -23.21 33.67
N ARG C 242 -7.34 -23.41 33.96
CA ARG C 242 -8.41 -23.48 32.97
C ARG C 242 -9.54 -22.72 33.63
N VAL C 243 -10.40 -22.09 32.85
CA VAL C 243 -11.47 -21.30 33.44
C VAL C 243 -12.79 -21.51 32.78
N TRP C 244 -13.85 -21.43 33.59
CA TRP C 244 -15.22 -21.49 33.11
C TRP C 244 -15.75 -20.13 33.52
N GLU C 245 -15.92 -19.24 32.55
CA GLU C 245 -16.36 -17.86 32.83
C GLU C 245 -17.83 -17.74 32.96
N ARG C 246 -18.22 -16.74 33.76
CA ARG C 246 -19.60 -16.40 33.94
C ARG C 246 -20.02 -15.87 32.60
N GLY C 247 -21.14 -16.40 32.08
CA GLY C 247 -21.66 -15.97 30.79
C GLY C 247 -20.79 -16.06 29.55
N ALA C 248 -19.69 -16.80 29.58
CA ALA C 248 -18.85 -16.88 28.38
C ALA C 248 -18.35 -18.30 28.19
N GLY C 249 -18.46 -19.13 29.22
CA GLY C 249 -18.02 -20.52 29.11
C GLY C 249 -16.53 -20.76 29.25
N ALA C 250 -16.05 -21.80 28.59
CA ALA C 250 -14.64 -22.19 28.64
C ALA C 250 -13.89 -21.40 27.60
N THR C 251 -13.25 -20.32 28.01
CA THR C 251 -12.50 -19.46 27.10
C THR C 251 -11.03 -19.86 27.15
N LEU C 252 -10.25 -19.32 26.22
CA LEU C 252 -8.83 -19.64 26.14
C LEU C 252 -8.02 -18.87 27.17
N ALA C 253 -8.61 -17.85 27.80
CA ALA C 253 -7.87 -17.07 28.79
C ALA C 253 -8.79 -16.10 29.50
N CYS C 254 -8.39 -15.69 30.69
CA CYS C 254 -9.14 -14.73 31.50
C CYS C 254 -8.17 -13.95 32.34
N GLY C 255 -8.01 -12.67 32.02
CA GLY C 255 -7.09 -11.80 32.73
C GLY C 255 -7.40 -11.57 34.20
N THR C 256 -8.63 -11.19 34.49
CA THR C 256 -9.04 -10.97 35.88
C THR C 256 -8.96 -12.28 36.62
N GLY C 257 -9.21 -13.37 35.91
CA GLY C 257 -9.15 -14.68 36.54
C GLY C 257 -7.74 -15.07 36.93
N ALA C 258 -6.77 -14.71 36.08
CA ALA C 258 -5.37 -15.03 36.34
C ALA C 258 -4.90 -14.24 37.55
N CYS C 259 -5.39 -13.01 37.68
CA CYS C 259 -5.03 -12.17 38.82
C CYS C 259 -5.63 -12.76 40.08
N ALA C 260 -6.90 -13.11 40.02
CA ALA C 260 -7.60 -13.66 41.18
C ALA C 260 -6.99 -14.96 41.67
N LEU C 261 -6.59 -15.84 40.75
CA LEU C 261 -6.04 -17.13 41.16
C LEU C 261 -4.67 -16.98 41.80
N VAL C 262 -3.90 -15.97 41.41
CA VAL C 262 -2.60 -15.77 42.03
C VAL C 262 -2.84 -15.30 43.46
N VAL C 263 -3.83 -14.42 43.63
CA VAL C 263 -4.19 -13.92 44.95
C VAL C 263 -4.57 -15.11 45.81
N ALA C 264 -5.38 -16.00 45.26
CA ALA C 264 -5.85 -17.17 45.99
C ALA C 264 -4.69 -18.07 46.33
N ALA C 265 -3.77 -18.25 45.37
CA ALA C 265 -2.61 -19.10 45.57
C ALA C 265 -1.78 -18.58 46.73
N VAL C 266 -1.62 -17.26 46.80
CA VAL C 266 -0.83 -16.65 47.87
C VAL C 266 -1.55 -16.85 49.19
N LEU C 267 -2.84 -16.51 49.24
CA LEU C 267 -3.63 -16.63 50.47
C LEU C 267 -3.60 -18.07 50.99
N GLU C 268 -3.58 -19.06 50.09
CA GLU C 268 -3.56 -20.45 50.53
C GLU C 268 -2.14 -20.90 50.77
N GLY C 269 -1.18 -20.01 50.55
CA GLY C 269 0.22 -20.34 50.76
C GLY C 269 0.81 -21.35 49.78
N ARG C 270 0.26 -21.43 48.57
CA ARG C 270 0.74 -22.38 47.57
C ARG C 270 1.72 -21.74 46.60
N ALA C 271 1.74 -20.42 46.50
CA ALA C 271 2.66 -19.78 45.56
C ALA C 271 3.04 -18.42 46.06
N ASP C 272 4.00 -17.81 45.36
CA ASP C 272 4.48 -16.48 45.72
C ASP C 272 3.72 -15.45 44.92
N ARG C 273 3.92 -14.18 45.30
CA ARG C 273 3.21 -13.05 44.70
C ARG C 273 3.55 -12.80 43.24
N LYS C 274 4.64 -13.36 42.74
CA LYS C 274 4.99 -13.16 41.34
C LYS C 274 4.92 -14.51 40.66
N CYS C 275 4.00 -14.64 39.69
CA CYS C 275 3.84 -15.91 39.01
C CYS C 275 3.63 -15.73 37.54
N THR C 276 3.91 -16.82 36.84
CA THR C 276 3.66 -16.92 35.43
C THR C 276 2.44 -17.82 35.45
N VAL C 277 1.38 -17.43 34.76
CA VAL C 277 0.17 -18.23 34.73
C VAL C 277 -0.02 -18.75 33.34
N ASP C 278 -0.17 -20.07 33.21
CA ASP C 278 -0.38 -20.68 31.91
C ASP C 278 -1.86 -20.88 31.70
N LEU C 279 -2.41 -20.16 30.72
CA LEU C 279 -3.82 -20.30 30.40
C LEU C 279 -3.86 -21.06 29.08
N PRO C 280 -4.99 -21.67 28.76
CA PRO C 280 -5.08 -22.43 27.50
C PRO C 280 -4.53 -21.69 26.28
N GLY C 281 -4.78 -20.40 26.21
CA GLY C 281 -4.31 -19.63 25.07
C GLY C 281 -2.90 -19.08 25.18
N GLY C 282 -2.27 -19.28 26.34
CA GLY C 282 -0.93 -18.75 26.51
C GLY C 282 -0.65 -18.25 27.92
N PRO C 283 0.55 -17.70 28.16
CA PRO C 283 0.95 -17.20 29.48
C PRO C 283 0.74 -15.73 29.77
N LEU C 284 0.60 -15.45 31.06
CA LEU C 284 0.45 -14.08 31.56
C LEU C 284 1.40 -13.94 32.72
N GLU C 285 1.95 -12.74 32.88
CA GLU C 285 2.85 -12.47 34.00
C GLU C 285 2.03 -11.70 34.99
N ILE C 286 1.88 -12.25 36.20
CA ILE C 286 1.07 -11.62 37.23
C ILE C 286 1.94 -11.35 38.44
N GLU C 287 1.67 -10.25 39.12
CA GLU C 287 2.42 -9.90 40.32
C GLU C 287 1.54 -9.12 41.27
N TRP C 288 1.36 -9.64 42.47
CA TRP C 288 0.57 -8.97 43.49
C TRP C 288 1.58 -8.33 44.43
N LYS C 289 1.94 -7.07 44.14
CA LYS C 289 2.93 -6.33 44.92
C LYS C 289 2.45 -6.09 46.32
N GLN C 290 3.21 -6.59 47.30
CA GLN C 290 2.88 -6.44 48.71
C GLN C 290 3.10 -4.99 49.12
N GLU C 291 3.89 -4.28 48.33
CA GLU C 291 4.24 -2.89 48.61
C GLU C 291 3.00 -2.01 48.57
N ASP C 292 2.14 -2.21 47.56
CA ASP C 292 0.93 -1.37 47.44
C ASP C 292 -0.33 -2.20 47.41
N ASN C 293 -0.21 -3.53 47.42
CA ASN C 293 -1.38 -4.41 47.42
C ASN C 293 -2.04 -4.38 46.04
N HIS C 294 -1.34 -3.85 45.03
CA HIS C 294 -1.88 -3.80 43.67
C HIS C 294 -1.43 -5.03 42.91
N ILE C 295 -2.17 -5.40 41.88
CA ILE C 295 -1.85 -6.56 41.08
C ILE C 295 -1.54 -6.08 39.70
N TYR C 296 -0.44 -6.57 39.13
CA TYR C 296 -0.07 -6.17 37.78
C TYR C 296 -0.14 -7.38 36.88
N MET C 297 -0.76 -7.21 35.73
CA MET C 297 -0.92 -8.27 34.75
C MET C 297 -0.32 -7.82 33.46
N THR C 298 0.57 -8.64 32.90
CA THR C 298 1.21 -8.30 31.63
C THR C 298 0.94 -9.42 30.65
N GLY C 299 0.55 -9.04 29.44
CA GLY C 299 0.26 -10.00 28.39
C GLY C 299 0.04 -9.31 27.06
N PRO C 300 -0.10 -10.07 25.97
CA PRO C 300 -0.31 -9.56 24.62
C PRO C 300 -1.75 -9.20 24.31
N ALA C 301 -1.94 -8.53 23.18
CA ALA C 301 -3.25 -8.12 22.66
C ALA C 301 -3.03 -7.84 21.20
N GLU C 302 -3.78 -8.49 20.32
CA GLU C 302 -3.54 -8.32 18.87
C GLU C 302 -4.82 -8.08 18.08
N ALA C 303 -4.70 -7.20 17.09
CA ALA C 303 -5.80 -6.85 16.20
C ALA C 303 -5.92 -7.99 15.20
N VAL C 304 -7.15 -8.37 14.86
CA VAL C 304 -7.36 -9.49 13.94
C VAL C 304 -7.92 -8.98 12.63
N PHE C 305 -9.01 -8.23 12.69
CA PHE C 305 -9.61 -7.68 11.48
C PHE C 305 -10.56 -6.60 11.89
N TYR C 306 -11.00 -5.79 10.93
CA TYR C 306 -11.97 -4.76 11.24
C TYR C 306 -13.07 -4.90 10.24
N GLY C 307 -14.30 -4.68 10.69
CA GLY C 307 -15.44 -4.81 9.81
C GLY C 307 -16.70 -4.10 10.25
N SER C 308 -17.80 -4.43 9.58
CA SER C 308 -19.11 -3.86 9.86
C SER C 308 -20.08 -5.00 9.87
N ALA C 309 -20.90 -5.06 10.91
CA ALA C 309 -21.86 -6.13 11.04
C ALA C 309 -23.26 -5.58 10.95
N LEU C 310 -24.15 -6.38 10.39
CA LEU C 310 -25.55 -6.01 10.25
C LEU C 310 -26.22 -6.16 11.60
N LEU C 311 -27.02 -5.17 11.99
CA LEU C 311 -27.71 -5.21 13.28
C LEU C 311 -29.18 -5.53 13.04
N GLU D 11 -27.19 4.69 7.92
CA GLU D 11 -26.27 3.81 7.13
C GLU D 11 -26.87 2.47 6.87
N LYS D 12 -26.72 2.00 5.64
CA LYS D 12 -27.28 0.73 5.26
C LYS D 12 -26.15 -0.23 5.09
N PHE D 13 -26.41 -1.48 5.45
CA PHE D 13 -25.44 -2.55 5.34
C PHE D 13 -25.32 -2.90 3.87
N SER D 14 -24.19 -2.59 3.25
CA SER D 14 -23.99 -2.87 1.82
C SER D 14 -22.66 -3.51 1.60
N PRO D 15 -22.64 -4.84 1.38
CA PRO D 15 -21.40 -5.57 1.14
C PRO D 15 -20.75 -5.17 -0.17
N ALA D 16 -21.59 -4.85 -1.15
CA ALA D 16 -21.12 -4.46 -2.47
C ALA D 16 -20.37 -3.15 -2.39
N SER D 17 -21.03 -2.12 -1.88
CA SER D 17 -20.42 -0.80 -1.75
C SER D 17 -19.10 -0.91 -1.02
N PHE D 18 -19.08 -1.75 0.02
CA PHE D 18 -17.89 -1.95 0.82
C PHE D 18 -16.75 -2.48 -0.03
N LEU D 19 -17.02 -3.55 -0.78
CA LEU D 19 -15.99 -4.17 -1.60
C LEU D 19 -15.52 -3.24 -2.70
N ASP D 20 -16.42 -2.45 -3.27
CA ASP D 20 -16.02 -1.54 -4.34
C ASP D 20 -15.02 -0.55 -3.81
N LYS D 21 -15.32 0.05 -2.66
CA LYS D 21 -14.44 1.04 -2.06
C LYS D 21 -13.03 0.60 -1.74
N LYS D 22 -12.85 -0.66 -1.33
CA LYS D 22 -11.53 -1.16 -0.95
C LYS D 22 -10.79 -1.62 -2.18
N GLU D 23 -11.51 -1.83 -3.28
CA GLU D 23 -10.87 -2.25 -4.51
C GLU D 23 -10.63 -1.04 -5.39
N THR D 24 -9.64 -0.23 -5.02
CA THR D 24 -9.33 0.99 -5.76
C THR D 24 -7.91 0.95 -6.27
N GLY D 25 -7.68 1.67 -7.36
CA GLY D 25 -6.36 1.75 -7.96
C GLY D 25 -5.89 3.19 -8.01
N VAL D 26 -4.83 3.45 -8.75
CA VAL D 26 -4.29 4.81 -8.85
C VAL D 26 -3.80 5.00 -10.26
N LEU D 27 -3.88 6.24 -10.73
CA LEU D 27 -3.42 6.58 -12.08
C LEU D 27 -2.55 7.81 -11.98
N HIS D 28 -1.31 7.68 -12.43
CA HIS D 28 -0.37 8.79 -12.42
C HIS D 28 -0.52 9.47 -13.74
N PHE D 29 -0.52 10.80 -13.76
CA PHE D 29 -0.72 11.52 -15.01
C PHE D 29 -0.18 12.91 -14.90
N VAL D 30 -0.23 13.62 -16.02
CA VAL D 30 0.22 15.00 -16.10
C VAL D 30 -0.89 15.74 -16.83
N LYS D 31 -1.26 16.91 -16.31
CA LYS D 31 -2.33 17.71 -16.92
C LYS D 31 -1.73 18.70 -17.89
N TYR D 32 -2.29 18.74 -19.09
CA TYR D 32 -1.86 19.66 -20.14
C TYR D 32 -3.10 20.31 -20.71
N HIS D 33 -2.90 21.36 -21.50
CA HIS D 33 -4.02 22.01 -22.14
C HIS D 33 -3.50 22.68 -23.37
N GLY D 34 -4.32 22.64 -24.42
CA GLY D 34 -3.96 23.27 -25.68
C GLY D 34 -5.03 24.32 -25.94
N LEU D 35 -4.72 25.58 -25.64
CA LEU D 35 -5.67 26.68 -25.82
C LEU D 35 -6.91 26.47 -24.97
N GLY D 36 -6.75 25.86 -23.79
CA GLY D 36 -7.91 25.66 -22.94
C GLY D 36 -8.58 24.31 -23.04
N ASN D 37 -8.25 23.56 -24.10
CA ASN D 37 -8.77 22.22 -24.30
C ASN D 37 -7.81 21.40 -23.46
N ASP D 38 -8.22 21.06 -22.23
CA ASP D 38 -7.34 20.37 -21.26
C ASP D 38 -7.51 18.88 -21.25
N PHE D 39 -6.38 18.18 -21.07
CA PHE D 39 -6.38 16.72 -21.06
C PHE D 39 -5.53 16.14 -19.97
N ILE D 40 -5.82 14.88 -19.67
CA ILE D 40 -5.09 14.09 -18.69
C ILE D 40 -4.20 13.18 -19.52
N LEU D 41 -2.89 13.42 -19.49
CA LEU D 41 -1.97 12.58 -20.28
C LEU D 41 -1.36 11.51 -19.40
N VAL D 42 -1.33 10.28 -19.92
CA VAL D 42 -0.76 9.18 -19.16
C VAL D 42 0.26 8.43 -19.99
N ASP D 43 1.36 8.06 -19.33
CA ASP D 43 2.45 7.32 -19.96
C ASP D 43 1.98 5.89 -20.05
N ASN D 44 1.65 5.45 -21.25
CA ASN D 44 1.14 4.09 -21.46
C ASN D 44 2.06 3.40 -22.48
N ARG D 45 3.34 3.74 -22.43
CA ARG D 45 4.31 3.20 -23.38
C ARG D 45 4.71 1.77 -23.04
N ASP D 46 4.29 1.27 -21.89
CA ASP D 46 4.67 -0.09 -21.47
C ASP D 46 3.58 -1.09 -21.78
N SER D 47 2.61 -0.71 -22.62
CA SER D 47 1.52 -1.62 -22.94
C SER D 47 0.73 -1.07 -24.09
N SER D 48 0.12 -1.96 -24.86
CA SER D 48 -0.67 -1.56 -26.01
C SER D 48 -2.11 -1.43 -25.59
N GLU D 49 -2.38 -1.66 -24.31
CA GLU D 49 -3.73 -1.54 -23.79
C GLU D 49 -3.79 -0.40 -22.80
N PRO D 50 -4.81 0.46 -22.92
CA PRO D 50 -4.97 1.62 -22.02
C PRO D 50 -5.06 1.18 -20.57
N LYS D 51 -4.35 1.89 -19.70
CA LYS D 51 -4.31 1.58 -18.27
C LYS D 51 -5.69 1.67 -17.63
N ILE D 52 -6.59 2.50 -18.15
CA ILE D 52 -7.92 2.61 -17.55
C ILE D 52 -8.97 2.36 -18.59
N THR D 53 -10.19 2.09 -18.12
CA THR D 53 -11.32 1.82 -19.00
C THR D 53 -11.94 3.14 -19.41
N GLN D 54 -12.82 3.09 -20.40
CA GLN D 54 -13.47 4.29 -20.89
C GLN D 54 -14.38 4.84 -19.80
N GLU D 55 -14.99 3.96 -19.02
CA GLU D 55 -15.88 4.37 -17.94
C GLU D 55 -15.08 5.12 -16.89
N GLN D 56 -13.89 4.63 -16.59
CA GLN D 56 -13.04 5.26 -15.59
C GLN D 56 -12.62 6.61 -16.09
N ALA D 57 -12.37 6.73 -17.39
CA ALA D 57 -11.94 7.99 -17.97
C ALA D 57 -13.04 9.01 -17.82
N ALA D 58 -14.27 8.59 -18.06
CA ALA D 58 -15.42 9.49 -17.95
C ALA D 58 -15.50 10.04 -16.54
N LYS D 59 -15.28 9.18 -15.54
CA LYS D 59 -15.36 9.62 -14.15
C LYS D 59 -14.22 10.56 -13.81
N LEU D 60 -13.01 10.26 -14.29
CA LEU D 60 -11.86 11.11 -14.00
C LEU D 60 -12.04 12.47 -14.63
N CYS D 61 -12.74 12.54 -15.74
CA CYS D 61 -12.93 13.81 -16.43
C CYS D 61 -13.97 14.69 -15.75
N ASP D 62 -14.81 14.15 -14.87
CA ASP D 62 -15.80 14.98 -14.18
C ASP D 62 -15.02 16.07 -13.47
N ARG D 63 -15.39 17.31 -13.69
CA ARG D 63 -14.65 18.43 -13.10
C ARG D 63 -14.87 18.64 -11.61
N ASN D 64 -15.94 18.10 -11.05
CA ASN D 64 -16.18 18.31 -9.63
C ASN D 64 -15.91 17.08 -8.82
N PHE D 65 -16.24 15.91 -9.36
CA PHE D 65 -16.04 14.68 -8.62
C PHE D 65 -14.76 13.98 -9.07
N GLY D 66 -14.12 14.48 -10.13
CA GLY D 66 -12.90 13.85 -10.60
C GLY D 66 -11.75 14.82 -10.76
N VAL D 67 -10.84 14.52 -11.69
CA VAL D 67 -9.68 15.38 -11.94
C VAL D 67 -10.14 16.56 -12.77
N GLY D 68 -11.02 16.29 -13.73
CA GLY D 68 -11.54 17.36 -14.58
C GLY D 68 -10.73 17.54 -15.86
N ALA D 69 -11.34 17.25 -17.00
CA ALA D 69 -10.64 17.39 -18.27
C ALA D 69 -11.62 17.15 -19.39
N ASP D 70 -11.21 17.49 -20.62
CA ASP D 70 -12.06 17.28 -21.78
C ASP D 70 -11.79 15.87 -22.29
N GLY D 71 -10.75 15.22 -21.78
CA GLY D 71 -10.43 13.87 -22.19
C GLY D 71 -9.15 13.33 -21.61
N VAL D 72 -8.90 12.04 -21.82
CA VAL D 72 -7.69 11.36 -21.35
C VAL D 72 -6.93 10.90 -22.58
N ILE D 73 -5.63 11.21 -22.61
CA ILE D 73 -4.79 10.85 -23.75
C ILE D 73 -3.69 9.91 -23.28
N PHE D 74 -3.54 8.79 -23.99
CA PHE D 74 -2.54 7.78 -23.64
C PHE D 74 -1.39 7.78 -24.65
N ALA D 75 -0.16 7.81 -24.13
CA ALA D 75 1.03 7.74 -24.98
C ALA D 75 1.31 6.25 -25.05
N MET D 76 1.07 5.65 -26.21
CA MET D 76 1.24 4.21 -26.38
C MET D 76 2.43 3.89 -27.25
N PRO D 77 2.83 2.61 -27.28
CA PRO D 77 3.98 2.19 -28.09
C PRO D 77 3.67 2.33 -29.57
N GLY D 78 4.71 2.60 -30.35
CA GLY D 78 4.56 2.76 -31.78
C GLY D 78 3.89 1.59 -32.47
N VAL D 79 3.35 1.86 -33.65
CA VAL D 79 2.65 0.85 -34.44
C VAL D 79 3.15 0.91 -35.86
N ASN D 80 3.59 -0.24 -36.35
CA ASN D 80 4.08 -0.43 -37.71
C ASN D 80 4.97 0.71 -38.14
N GLY D 81 6.02 0.98 -37.38
CA GLY D 81 6.96 2.01 -37.77
C GLY D 81 6.76 3.46 -37.31
N THR D 82 5.96 3.68 -36.26
CA THR D 82 5.80 5.04 -35.77
C THR D 82 6.50 5.11 -34.44
N ASP D 83 6.92 6.30 -34.05
CA ASP D 83 7.59 6.48 -32.77
C ASP D 83 6.64 6.13 -31.65
N TYR D 84 5.38 6.54 -31.79
CA TYR D 84 4.39 6.26 -30.76
C TYR D 84 3.01 6.15 -31.36
N ALA D 85 2.07 5.81 -30.51
CA ALA D 85 0.67 5.69 -30.90
C ALA D 85 -0.10 6.51 -29.88
N MET D 86 -1.22 7.09 -30.30
CA MET D 86 -2.02 7.87 -29.38
C MET D 86 -3.46 7.41 -29.43
N ARG D 87 -4.06 7.30 -28.25
CA ARG D 87 -5.45 6.93 -28.12
C ARG D 87 -6.04 7.92 -27.14
N ILE D 88 -7.30 8.27 -27.33
CA ILE D 88 -7.93 9.23 -26.45
C ILE D 88 -9.36 8.83 -26.16
N PHE D 89 -9.80 9.17 -24.96
CA PHE D 89 -11.16 8.91 -24.51
C PHE D 89 -11.76 10.28 -24.22
N ASN D 90 -12.94 10.55 -24.77
CA ASN D 90 -13.63 11.82 -24.53
C ASN D 90 -14.07 11.84 -23.08
N SER D 91 -14.49 13.01 -22.59
CA SER D 91 -14.92 13.11 -21.21
C SER D 91 -16.22 12.33 -21.01
N ASP D 92 -16.84 11.87 -22.09
CA ASP D 92 -18.07 11.10 -21.95
C ASP D 92 -17.71 9.63 -22.08
N GLY D 93 -16.43 9.35 -22.26
CA GLY D 93 -15.98 7.98 -22.37
C GLY D 93 -15.80 7.41 -23.77
N SER D 94 -16.44 8.02 -24.77
CA SER D 94 -16.33 7.53 -26.14
C SER D 94 -14.90 7.73 -26.60
N GLU D 95 -14.49 7.02 -27.65
CA GLU D 95 -13.14 7.12 -28.16
C GLU D 95 -13.12 7.66 -29.57
N PRO D 96 -12.64 8.90 -29.73
CA PRO D 96 -12.55 9.57 -31.05
C PRO D 96 -11.29 9.06 -31.73
N GLU D 97 -11.13 9.36 -33.01
CA GLU D 97 -9.97 8.83 -33.74
C GLU D 97 -8.80 9.79 -33.79
N MET D 98 -8.95 11.02 -33.30
CA MET D 98 -7.84 11.97 -33.31
C MET D 98 -8.18 13.15 -32.46
N CYS D 99 -7.17 13.94 -32.13
CA CYS D 99 -7.35 15.14 -31.32
C CYS D 99 -6.19 16.07 -31.59
N GLY D 100 -6.50 17.20 -32.22
CA GLY D 100 -5.50 18.19 -32.56
C GLY D 100 -4.81 18.87 -31.39
N ASN D 101 -5.58 19.43 -30.47
CA ASN D 101 -5.00 20.11 -29.31
C ASN D 101 -4.29 19.07 -28.48
N GLY D 102 -4.84 17.88 -28.43
CA GLY D 102 -4.24 16.81 -27.64
C GLY D 102 -2.90 16.32 -28.18
N VAL D 103 -2.76 16.23 -29.49
CA VAL D 103 -1.52 15.74 -30.04
C VAL D 103 -0.43 16.78 -29.81
N ARG D 104 -0.79 18.05 -29.69
CA ARG D 104 0.21 19.07 -29.42
C ARG D 104 0.70 18.90 -27.99
N CYS D 105 -0.22 18.54 -27.09
CA CYS D 105 0.14 18.32 -25.68
C CYS D 105 0.95 17.04 -25.61
N PHE D 106 0.60 16.08 -26.46
CA PHE D 106 1.27 14.78 -26.54
C PHE D 106 2.75 15.01 -26.88
N ALA D 107 3.00 15.93 -27.82
CA ALA D 107 4.36 16.23 -28.26
C ALA D 107 5.20 16.77 -27.11
N ARG D 108 4.67 17.72 -26.35
CA ARG D 108 5.42 18.29 -25.24
C ARG D 108 5.60 17.26 -24.15
N PHE D 109 4.61 16.39 -24.00
CA PHE D 109 4.65 15.35 -22.99
C PHE D 109 5.84 14.45 -23.29
N ILE D 110 5.96 14.03 -24.54
CA ILE D 110 7.05 13.14 -24.94
C ILE D 110 8.37 13.87 -24.79
N ALA D 111 8.44 15.09 -25.29
CA ALA D 111 9.67 15.88 -25.21
C ALA D 111 10.11 16.00 -23.75
N GLU D 112 9.14 16.08 -22.84
CA GLU D 112 9.46 16.23 -21.42
C GLU D 112 9.89 14.91 -20.82
N LEU D 113 9.26 13.83 -21.26
CA LEU D 113 9.58 12.50 -20.74
C LEU D 113 10.92 12.04 -21.27
N GLU D 114 11.26 12.42 -22.50
CA GLU D 114 12.51 12.00 -23.11
C GLU D 114 13.57 13.07 -22.95
N ASN D 115 13.24 14.12 -22.21
CA ASN D 115 14.19 15.19 -21.97
C ASN D 115 14.73 15.69 -23.30
N LEU D 116 13.84 15.87 -24.27
CA LEU D 116 14.24 16.36 -25.58
C LEU D 116 14.11 17.86 -25.55
N GLN D 117 15.15 18.55 -26.02
CA GLN D 117 15.16 20.01 -26.04
C GLN D 117 15.15 20.46 -27.48
N GLY D 118 14.70 21.69 -27.71
CA GLY D 118 14.67 22.24 -29.06
C GLY D 118 13.70 21.57 -30.01
N LYS D 119 13.92 21.77 -31.31
CA LYS D 119 13.08 21.20 -32.35
C LYS D 119 13.13 19.69 -32.28
N HIS D 120 11.98 19.06 -32.48
CA HIS D 120 11.85 17.61 -32.47
C HIS D 120 10.53 17.27 -33.09
N SER D 121 10.50 16.19 -33.88
CA SER D 121 9.27 15.76 -34.51
C SER D 121 9.14 14.27 -34.24
N PHE D 122 7.90 13.81 -34.12
CA PHE D 122 7.64 12.40 -33.86
C PHE D 122 6.54 11.96 -34.78
N THR D 123 6.50 10.66 -35.06
CA THR D 123 5.46 10.11 -35.90
C THR D 123 4.51 9.45 -34.95
N ILE D 124 3.22 9.73 -35.11
CA ILE D 124 2.24 9.16 -34.19
C ILE D 124 1.16 8.42 -34.95
N HIS D 125 0.86 7.21 -34.48
CA HIS D 125 -0.18 6.39 -35.06
C HIS D 125 -1.47 6.71 -34.32
N THR D 126 -2.51 7.09 -35.06
CA THR D 126 -3.79 7.43 -34.45
C THR D 126 -4.90 6.73 -35.21
N GLY D 127 -6.13 6.94 -34.76
CA GLY D 127 -7.27 6.33 -35.41
C GLY D 127 -7.57 7.00 -36.74
N ALA D 128 -6.89 8.12 -37.00
CA ALA D 128 -7.08 8.87 -38.24
C ALA D 128 -5.88 8.63 -39.12
N GLY D 129 -4.95 7.81 -38.65
CA GLY D 129 -3.76 7.55 -39.45
C GLY D 129 -2.50 8.17 -38.87
N LEU D 130 -1.58 8.52 -39.77
CA LEU D 130 -0.30 9.08 -39.37
C LEU D 130 -0.40 10.57 -39.10
N ILE D 131 0.01 10.96 -37.90
CA ILE D 131 0.02 12.36 -37.50
C ILE D 131 1.47 12.68 -37.12
N VAL D 132 1.98 13.83 -37.55
CA VAL D 132 3.37 14.15 -37.26
C VAL D 132 3.53 15.51 -36.62
N PRO D 133 3.59 15.56 -35.28
CA PRO D 133 3.76 16.85 -34.60
C PRO D 133 5.22 17.23 -34.57
N GLU D 134 5.52 18.52 -34.66
CA GLU D 134 6.91 18.95 -34.63
C GLU D 134 7.04 20.21 -33.78
N ILE D 135 7.81 20.10 -32.71
CA ILE D 135 8.03 21.23 -31.82
C ILE D 135 8.92 22.21 -32.57
N GLN D 136 8.51 23.47 -32.62
CA GLN D 136 9.25 24.49 -33.34
C GLN D 136 10.30 25.12 -32.45
N ASP D 137 11.10 26.01 -33.05
CA ASP D 137 12.18 26.70 -32.35
C ASP D 137 11.59 27.69 -31.38
N ASP D 138 10.37 28.14 -31.66
CA ASP D 138 9.71 29.12 -30.81
C ASP D 138 8.95 28.41 -29.71
N GLY D 139 8.97 27.08 -29.70
CA GLY D 139 8.25 26.34 -28.68
C GLY D 139 6.85 25.87 -29.05
N GLN D 140 6.28 26.45 -30.10
CA GLN D 140 4.95 26.05 -30.54
C GLN D 140 5.06 24.71 -31.20
N VAL D 141 3.91 24.06 -31.40
CA VAL D 141 3.90 22.75 -32.03
C VAL D 141 3.13 22.85 -33.34
N LYS D 142 3.80 22.50 -34.43
CA LYS D 142 3.20 22.51 -35.76
C LYS D 142 2.95 21.07 -36.08
N VAL D 143 1.70 20.73 -36.40
CA VAL D 143 1.37 19.33 -36.65
C VAL D 143 0.90 19.09 -38.07
N ASP D 144 1.40 18.01 -38.64
CA ASP D 144 0.99 17.56 -39.97
C ASP D 144 -0.23 16.74 -39.64
N MET D 145 -1.40 17.33 -39.87
CA MET D 145 -2.67 16.70 -39.52
C MET D 145 -3.17 15.75 -40.60
N GLY D 146 -2.36 15.49 -41.61
CA GLY D 146 -2.80 14.58 -42.66
C GLY D 146 -3.70 15.23 -43.67
N THR D 147 -4.41 14.41 -44.45
CA THR D 147 -5.30 14.89 -45.49
C THR D 147 -6.74 14.71 -45.06
N PRO D 148 -7.63 15.64 -45.43
CA PRO D 148 -9.04 15.56 -45.06
C PRO D 148 -9.79 14.53 -45.86
N ILE D 149 -10.79 13.92 -45.23
CA ILE D 149 -11.63 12.94 -45.88
C ILE D 149 -12.92 13.66 -46.21
N LEU D 150 -13.26 13.72 -47.50
CA LEU D 150 -14.44 14.45 -47.95
C LEU D 150 -15.57 13.54 -48.43
N LYS D 151 -15.29 12.27 -48.71
CA LYS D 151 -16.35 11.39 -49.21
C LYS D 151 -17.42 11.29 -48.15
N ALA D 152 -18.64 11.68 -48.52
CA ALA D 152 -19.81 11.70 -47.66
C ALA D 152 -19.94 10.48 -46.78
N GLN D 153 -20.06 9.28 -47.37
CA GLN D 153 -20.26 8.08 -46.57
C GLN D 153 -19.07 7.74 -45.68
N ASP D 154 -17.92 8.35 -45.92
CA ASP D 154 -16.75 8.04 -45.09
C ASP D 154 -16.56 9.05 -43.97
N VAL D 155 -17.32 10.16 -43.98
CA VAL D 155 -17.18 11.19 -42.96
C VAL D 155 -17.38 10.65 -41.55
N PRO D 156 -18.48 9.92 -41.28
CA PRO D 156 -19.59 9.54 -42.14
C PRO D 156 -20.85 10.38 -41.92
N THR D 157 -21.65 10.51 -42.97
CA THR D 157 -22.90 11.24 -42.90
C THR D 157 -23.83 10.58 -43.90
N LYS D 158 -25.14 10.68 -43.66
CA LYS D 158 -26.11 10.09 -44.57
C LYS D 158 -26.59 11.12 -45.56
N LEU D 159 -26.04 12.33 -45.47
CA LEU D 159 -26.40 13.39 -46.40
C LEU D 159 -25.80 13.00 -47.73
N SER D 160 -26.47 13.37 -48.82
CA SER D 160 -25.97 13.03 -50.15
C SER D 160 -24.96 14.04 -50.59
N GLY D 161 -23.94 13.59 -51.31
CA GLY D 161 -22.93 14.50 -51.81
C GLY D 161 -23.59 15.42 -52.83
N ASN D 162 -23.24 16.70 -52.81
CA ASN D 162 -23.82 17.64 -53.76
C ASN D 162 -22.73 18.34 -54.54
N LYS D 163 -21.49 17.92 -54.32
CA LYS D 163 -20.34 18.47 -55.03
C LYS D 163 -19.35 17.34 -55.12
N GLY D 164 -19.67 16.39 -55.99
CA GLY D 164 -18.82 15.22 -56.15
C GLY D 164 -19.33 14.25 -55.10
N GLU D 165 -18.44 13.70 -54.29
CA GLU D 165 -18.88 12.78 -53.24
C GLU D 165 -18.89 13.55 -51.93
N ALA D 166 -18.65 14.86 -52.01
CA ALA D 166 -18.57 15.70 -50.82
C ALA D 166 -19.85 16.47 -50.57
N VAL D 167 -20.12 16.72 -49.28
CA VAL D 167 -21.28 17.48 -48.84
C VAL D 167 -20.81 18.89 -48.58
N VAL D 168 -21.15 19.81 -49.47
CA VAL D 168 -20.70 21.20 -49.32
C VAL D 168 -21.89 22.14 -49.35
N GLU D 169 -22.06 22.89 -48.26
CA GLU D 169 -23.15 23.85 -48.14
C GLU D 169 -24.46 23.19 -48.53
N ALA D 170 -24.71 22.01 -47.96
CA ALA D 170 -25.93 21.26 -48.25
C ALA D 170 -26.92 21.50 -47.13
N GLU D 171 -28.20 21.34 -47.45
CA GLU D 171 -29.28 21.58 -46.47
C GLU D 171 -29.37 20.44 -45.46
N LEU D 172 -29.46 20.84 -44.19
CA LEU D 172 -29.58 19.91 -43.07
C LEU D 172 -30.73 20.44 -42.24
N VAL D 173 -31.78 19.65 -42.08
CA VAL D 173 -32.93 20.11 -41.31
C VAL D 173 -32.71 19.73 -39.87
N VAL D 174 -32.49 20.74 -39.04
CA VAL D 174 -32.23 20.53 -37.61
C VAL D 174 -33.42 21.02 -36.82
N ASP D 175 -34.12 20.09 -36.18
CA ASP D 175 -35.28 20.40 -35.36
C ASP D 175 -36.23 21.28 -36.17
N GLY D 176 -36.47 20.87 -37.42
CA GLY D 176 -37.38 21.62 -38.27
C GLY D 176 -36.85 22.86 -38.96
N VAL D 177 -35.63 23.27 -38.62
CA VAL D 177 -35.04 24.48 -39.22
C VAL D 177 -33.96 24.06 -40.22
N SER D 178 -33.95 24.69 -41.38
CA SER D 178 -32.99 24.36 -42.43
C SER D 178 -31.69 25.11 -42.29
N TRP D 179 -30.61 24.37 -42.11
CA TRP D 179 -29.27 24.94 -42.02
C TRP D 179 -28.49 24.43 -43.21
N ASN D 180 -27.42 25.12 -43.57
CA ASN D 180 -26.55 24.67 -44.64
C ASN D 180 -25.28 24.23 -43.95
N VAL D 181 -24.78 23.04 -44.30
CA VAL D 181 -23.58 22.54 -43.65
C VAL D 181 -22.64 21.91 -44.66
N THR D 182 -21.38 21.78 -44.27
CA THR D 182 -20.35 21.15 -45.06
C THR D 182 -19.76 20.09 -44.15
N CYS D 183 -19.57 18.87 -44.65
CA CYS D 183 -19.06 17.79 -43.82
C CYS D 183 -17.66 17.40 -44.25
N VAL D 184 -16.76 17.28 -43.27
CA VAL D 184 -15.40 16.87 -43.55
C VAL D 184 -14.89 16.07 -42.37
N SER D 185 -14.06 15.08 -42.65
CA SER D 185 -13.50 14.24 -41.60
C SER D 185 -12.01 14.43 -41.52
N MET D 186 -11.51 14.46 -40.29
CA MET D 186 -10.08 14.57 -40.00
C MET D 186 -9.79 13.33 -39.21
N GLY D 187 -10.55 12.28 -39.55
CA GLY D 187 -10.45 11.02 -38.85
C GLY D 187 -11.78 10.97 -38.12
N ASN D 188 -12.07 12.05 -37.39
CA ASN D 188 -13.33 12.18 -36.66
C ASN D 188 -14.24 13.05 -37.52
N PRO D 189 -15.57 12.94 -37.34
CA PRO D 189 -16.54 13.71 -38.11
C PRO D 189 -16.75 15.17 -37.70
N HIS D 190 -16.91 16.02 -38.71
CA HIS D 190 -17.12 17.44 -38.46
C HIS D 190 -18.21 17.96 -39.37
N CYS D 191 -19.08 18.78 -38.79
CA CYS D 191 -20.20 19.41 -39.49
C CYS D 191 -19.97 20.89 -39.31
N ILE D 192 -19.60 21.57 -40.39
CA ILE D 192 -19.33 23.01 -40.34
C ILE D 192 -20.45 23.79 -40.98
N THR D 193 -20.84 24.89 -40.32
CA THR D 193 -21.92 25.73 -40.85
C THR D 193 -21.55 27.18 -40.70
N PHE D 194 -21.91 27.97 -41.71
CA PHE D 194 -21.64 29.41 -41.69
C PHE D 194 -22.98 30.12 -41.57
N GLY D 195 -24.03 29.35 -41.27
CA GLY D 195 -25.35 29.95 -41.12
C GLY D 195 -26.51 29.09 -41.61
N LYS D 196 -27.72 29.55 -41.37
CA LYS D 196 -28.92 28.83 -41.78
C LYS D 196 -29.09 28.99 -43.27
N LYS D 197 -29.85 28.08 -43.88
CA LYS D 197 -30.08 28.16 -45.31
C LYS D 197 -30.86 29.42 -45.59
N GLY D 198 -30.37 30.21 -46.54
CA GLY D 198 -31.04 31.45 -46.88
C GLY D 198 -30.97 32.47 -45.75
N GLY D 199 -30.02 32.29 -44.85
CA GLY D 199 -29.89 33.22 -43.73
C GLY D 199 -28.64 34.07 -43.81
N PRO D 200 -28.48 35.03 -42.89
CA PRO D 200 -27.32 35.92 -42.85
C PRO D 200 -26.13 35.26 -42.17
N ASN D 201 -24.98 35.94 -42.17
CA ASN D 201 -23.78 35.42 -41.52
C ASN D 201 -24.11 35.25 -40.05
N LEU D 202 -23.28 34.49 -39.35
CA LEU D 202 -23.50 34.22 -37.94
C LEU D 202 -22.68 35.13 -37.07
N LYS D 203 -23.24 35.40 -35.88
CA LYS D 203 -22.60 36.15 -34.83
C LYS D 203 -22.44 35.05 -33.80
N VAL D 204 -21.42 34.22 -34.04
CA VAL D 204 -21.12 33.04 -33.24
C VAL D 204 -21.34 33.22 -31.75
N ASP D 205 -20.94 34.34 -31.17
CA ASP D 205 -21.13 34.52 -29.73
C ASP D 205 -22.59 34.65 -29.34
N ASP D 206 -23.49 34.86 -30.29
CA ASP D 206 -24.92 35.01 -29.94
C ASP D 206 -25.61 33.66 -29.94
N LEU D 207 -24.91 32.61 -30.32
CA LEU D 207 -25.53 31.28 -30.37
C LEU D 207 -25.64 30.69 -28.98
N ASN D 208 -26.65 29.87 -28.79
CA ASN D 208 -26.87 29.18 -27.52
C ASN D 208 -26.46 27.74 -27.80
N LEU D 209 -25.16 27.47 -27.69
CA LEU D 209 -24.59 26.16 -27.99
C LEU D 209 -25.22 25.02 -27.23
N PRO D 210 -25.35 25.13 -25.90
CA PRO D 210 -25.97 24.00 -25.20
C PRO D 210 -27.37 23.66 -25.65
N GLU D 211 -27.98 24.56 -26.42
CA GLU D 211 -29.33 24.34 -26.90
C GLU D 211 -29.28 23.79 -28.32
N ILE D 212 -28.53 24.44 -29.20
CA ILE D 212 -28.47 24.04 -30.60
C ILE D 212 -27.46 22.92 -30.83
N GLY D 213 -26.36 22.92 -30.08
CA GLY D 213 -25.33 21.90 -30.25
C GLY D 213 -25.78 20.45 -30.26
N PRO D 214 -26.48 19.99 -29.21
CA PRO D 214 -26.96 18.60 -29.13
C PRO D 214 -27.80 18.15 -30.29
N LYS D 215 -28.45 19.09 -30.97
CA LYS D 215 -29.33 18.75 -32.09
C LYS D 215 -28.49 18.36 -33.30
N PHE D 216 -27.28 18.91 -33.38
CA PHE D 216 -26.39 18.55 -34.49
C PHE D 216 -25.65 17.29 -34.11
N GLU D 217 -25.11 17.27 -32.90
CA GLU D 217 -24.33 16.14 -32.39
C GLU D 217 -25.01 14.81 -32.57
N HIS D 218 -26.28 14.72 -32.19
CA HIS D 218 -27.00 13.44 -32.28
C HIS D 218 -27.92 13.39 -33.47
N HIS D 219 -27.70 14.25 -34.46
CA HIS D 219 -28.57 14.26 -35.62
C HIS D 219 -28.54 12.90 -36.30
N GLU D 220 -29.69 12.48 -36.83
CA GLU D 220 -29.86 11.19 -37.50
C GLU D 220 -29.00 11.10 -38.75
N MET D 221 -28.55 12.23 -39.29
CA MET D 221 -27.74 12.19 -40.50
C MET D 221 -26.28 11.91 -40.17
N PHE D 222 -25.95 11.76 -38.89
CA PHE D 222 -24.59 11.49 -38.47
C PHE D 222 -24.58 10.24 -37.59
N PRO D 223 -24.42 9.06 -38.22
CA PRO D 223 -24.39 7.74 -37.58
C PRO D 223 -23.45 7.59 -36.40
N ALA D 224 -22.33 8.30 -36.42
CA ALA D 224 -21.35 8.20 -35.34
C ALA D 224 -21.32 9.51 -34.58
N ARG D 225 -22.40 10.28 -34.67
CA ARG D 225 -22.52 11.59 -34.03
C ARG D 225 -21.51 12.45 -34.75
N THR D 226 -21.43 13.72 -34.39
CA THR D 226 -20.47 14.59 -35.07
C THR D 226 -20.09 15.75 -34.19
N ASN D 227 -18.99 16.39 -34.57
CA ASN D 227 -18.51 17.58 -33.91
C ASN D 227 -19.12 18.66 -34.77
N THR D 228 -19.43 19.81 -34.20
CA THR D 228 -20.05 20.87 -34.99
C THR D 228 -19.36 22.16 -34.73
N GLU D 229 -18.93 22.85 -35.78
CA GLU D 229 -18.30 24.13 -35.58
C GLU D 229 -19.07 25.20 -36.33
N PHE D 230 -19.37 26.28 -35.61
CA PHE D 230 -20.11 27.42 -36.14
C PHE D 230 -19.07 28.47 -36.47
N VAL D 231 -19.12 29.01 -37.68
CA VAL D 231 -18.08 29.93 -38.11
C VAL D 231 -18.61 31.24 -38.65
N GLU D 232 -17.85 32.30 -38.40
CA GLU D 232 -18.15 33.62 -38.91
C GLU D 232 -16.86 34.11 -39.51
N VAL D 233 -16.91 34.46 -40.79
CA VAL D 233 -15.73 34.91 -41.52
C VAL D 233 -15.45 36.37 -41.19
N LEU D 234 -14.20 36.64 -40.81
CA LEU D 234 -13.77 38.01 -40.49
C LEU D 234 -13.05 38.54 -41.71
N SER D 235 -12.36 37.64 -42.42
CA SER D 235 -11.64 37.97 -43.66
C SER D 235 -11.33 36.65 -44.32
N ARG D 236 -10.83 36.67 -45.55
CA ARG D 236 -10.55 35.43 -46.26
C ARG D 236 -9.37 34.70 -45.65
N SER D 237 -8.80 35.23 -44.57
CA SER D 237 -7.66 34.57 -43.93
C SER D 237 -7.82 34.67 -42.44
N HIS D 238 -9.03 34.95 -41.97
CA HIS D 238 -9.28 35.12 -40.54
C HIS D 238 -10.70 34.64 -40.25
N LEU D 239 -10.82 33.54 -39.51
CA LEU D 239 -12.12 32.97 -39.19
C LEU D 239 -12.29 32.88 -37.69
N LYS D 240 -13.52 33.11 -37.22
CA LYS D 240 -13.85 33.02 -35.79
C LYS D 240 -14.82 31.88 -35.65
N MET D 241 -14.68 31.07 -34.59
CA MET D 241 -15.56 29.92 -34.45
C MET D 241 -15.80 29.55 -33.01
N ARG D 242 -16.81 28.70 -32.84
CA ARG D 242 -17.20 28.13 -31.57
C ARG D 242 -17.53 26.69 -31.92
N VAL D 243 -17.40 25.77 -30.98
CA VAL D 243 -17.64 24.38 -31.33
C VAL D 243 -18.38 23.64 -30.26
N TRP D 244 -19.20 22.70 -30.70
CA TRP D 244 -19.92 21.80 -29.82
C TRP D 244 -19.38 20.45 -30.23
N GLU D 245 -18.52 19.89 -29.38
CA GLU D 245 -17.86 18.62 -29.69
C GLU D 245 -18.69 17.44 -29.37
N ARG D 246 -18.45 16.38 -30.13
CA ARG D 246 -19.09 15.10 -29.92
C ARG D 246 -18.56 14.63 -28.56
N GLY D 247 -19.46 14.27 -27.66
CA GLY D 247 -19.08 13.78 -26.35
C GLY D 247 -18.23 14.66 -25.44
N ALA D 248 -18.11 15.95 -25.73
CA ALA D 248 -17.30 16.80 -24.87
C ALA D 248 -17.97 18.14 -24.66
N GLY D 249 -18.97 18.44 -25.48
CA GLY D 249 -19.69 19.71 -25.32
C GLY D 249 -18.99 20.93 -25.87
N ALA D 250 -19.29 22.09 -25.26
CA ALA D 250 -18.72 23.36 -25.70
C ALA D 250 -17.36 23.55 -25.05
N THR D 251 -16.31 23.25 -25.80
CA THR D 251 -14.94 23.36 -25.29
C THR D 251 -14.38 24.68 -25.74
N LEU D 252 -13.22 25.03 -25.19
CA LEU D 252 -12.57 26.29 -25.51
C LEU D 252 -11.82 26.21 -26.83
N ALA D 253 -11.62 25.02 -27.37
CA ALA D 253 -10.89 24.88 -28.64
C ALA D 253 -10.96 23.45 -29.16
N CYS D 254 -10.78 23.30 -30.47
CA CYS D 254 -10.78 21.99 -31.12
C CYS D 254 -9.86 22.08 -32.31
N GLY D 255 -8.73 21.37 -32.24
CA GLY D 255 -7.76 21.38 -33.33
C GLY D 255 -8.23 20.75 -34.63
N THR D 256 -8.81 19.55 -34.56
CA THR D 256 -9.31 18.89 -35.76
C THR D 256 -10.45 19.73 -36.31
N GLY D 257 -11.17 20.40 -35.41
CA GLY D 257 -12.29 21.24 -35.82
C GLY D 257 -11.84 22.45 -36.59
N ALA D 258 -10.74 23.06 -36.14
CA ALA D 258 -10.21 24.25 -36.80
C ALA D 258 -9.72 23.88 -38.19
N CYS D 259 -9.17 22.67 -38.33
CA CYS D 259 -8.68 22.21 -39.63
C CYS D 259 -9.86 21.97 -40.55
N ALA D 260 -10.87 21.28 -40.04
CA ALA D 260 -12.05 20.95 -40.84
C ALA D 260 -12.79 22.19 -41.30
N LEU D 261 -12.90 23.21 -40.46
CA LEU D 261 -13.64 24.40 -40.85
C LEU D 261 -12.89 25.22 -41.88
N VAL D 262 -11.57 25.12 -41.92
CA VAL D 262 -10.81 25.86 -42.93
C VAL D 262 -11.05 25.16 -44.26
N VAL D 263 -11.10 23.84 -44.22
CA VAL D 263 -11.34 23.04 -45.42
C VAL D 263 -12.69 23.41 -45.97
N ALA D 264 -13.68 23.50 -45.08
CA ALA D 264 -15.05 23.84 -45.48
C ALA D 264 -15.09 25.24 -46.04
N ALA D 265 -14.41 26.17 -45.38
CA ALA D 265 -14.39 27.56 -45.82
C ALA D 265 -13.84 27.63 -47.24
N VAL D 266 -12.79 26.86 -47.52
CA VAL D 266 -12.19 26.86 -48.85
C VAL D 266 -13.16 26.28 -49.86
N LEU D 267 -13.73 25.12 -49.53
CA LEU D 267 -14.68 24.44 -50.42
C LEU D 267 -15.86 25.34 -50.74
N GLU D 268 -16.29 26.15 -49.78
CA GLU D 268 -17.44 27.03 -50.00
C GLU D 268 -16.98 28.34 -50.60
N GLY D 269 -15.69 28.46 -50.85
CA GLY D 269 -15.14 29.68 -51.43
C GLY D 269 -15.21 30.92 -50.56
N ARG D 270 -15.23 30.73 -49.24
CA ARG D 270 -15.33 31.88 -48.33
C ARG D 270 -13.96 32.32 -47.82
N ALA D 271 -12.94 31.47 -47.88
CA ALA D 271 -11.63 31.88 -47.37
C ALA D 271 -10.53 31.15 -48.10
N ASP D 272 -9.30 31.62 -47.89
CA ASP D 272 -8.10 31.06 -48.51
C ASP D 272 -7.69 29.81 -47.76
N ARG D 273 -6.66 29.12 -48.27
CA ARG D 273 -6.16 27.89 -47.66
C ARG D 273 -5.28 28.13 -46.44
N LYS D 274 -4.87 29.37 -46.22
CA LYS D 274 -4.04 29.70 -45.05
C LYS D 274 -4.84 30.66 -44.18
N CYS D 275 -5.24 30.20 -43.00
CA CYS D 275 -6.07 31.02 -42.12
C CYS D 275 -5.60 31.02 -40.70
N THR D 276 -5.96 32.09 -40.01
CA THR D 276 -5.72 32.23 -38.58
C THR D 276 -7.11 31.94 -38.05
N VAL D 277 -7.24 30.93 -37.20
CA VAL D 277 -8.56 30.62 -36.67
C VAL D 277 -8.64 31.05 -35.22
N ASP D 278 -9.69 31.79 -34.90
CA ASP D 278 -9.87 32.25 -33.52
C ASP D 278 -10.87 31.34 -32.84
N LEU D 279 -10.39 30.63 -31.82
CA LEU D 279 -11.25 29.74 -31.05
C LEU D 279 -11.43 30.42 -29.70
N PRO D 280 -12.43 30.01 -28.91
CA PRO D 280 -12.64 30.64 -27.61
C PRO D 280 -11.37 30.81 -26.79
N GLY D 281 -10.56 29.77 -26.73
CA GLY D 281 -9.34 29.83 -25.93
C GLY D 281 -8.12 30.48 -26.57
N GLY D 282 -8.23 30.86 -27.83
CA GLY D 282 -7.09 31.47 -28.49
C GLY D 282 -7.03 31.12 -29.97
N PRO D 283 -5.99 31.59 -30.68
CA PRO D 283 -5.80 31.35 -32.11
C PRO D 283 -4.96 30.15 -32.49
N LEU D 284 -5.18 29.66 -33.72
CA LEU D 284 -4.43 28.55 -34.28
C LEU D 284 -4.11 28.92 -35.72
N GLU D 285 -2.92 28.57 -36.18
CA GLU D 285 -2.54 28.83 -37.57
C GLU D 285 -2.82 27.56 -38.32
N ILE D 286 -3.65 27.65 -39.35
CA ILE D 286 -4.02 26.48 -40.13
C ILE D 286 -3.71 26.73 -41.58
N GLU D 287 -3.20 25.70 -42.24
CA GLU D 287 -2.89 25.78 -43.67
C GLU D 287 -3.17 24.45 -44.33
N TRP D 288 -3.98 24.50 -45.37
CA TRP D 288 -4.32 23.32 -46.15
C TRP D 288 -3.53 23.47 -47.42
N LYS D 289 -2.33 22.89 -47.44
CA LYS D 289 -1.42 22.98 -48.58
C LYS D 289 -2.01 22.31 -49.81
N GLN D 290 -2.15 23.08 -50.89
CA GLN D 290 -2.69 22.56 -52.15
C GLN D 290 -1.65 21.67 -52.77
N GLU D 291 -0.40 21.93 -52.39
CA GLU D 291 0.74 21.19 -52.90
C GLU D 291 0.62 19.70 -52.60
N ASP D 292 0.29 19.34 -51.36
CA ASP D 292 0.22 17.92 -51.01
C ASP D 292 -1.13 17.53 -50.39
N ASN D 293 -2.06 18.47 -50.29
CA ASN D 293 -3.40 18.22 -49.75
C ASN D 293 -3.34 17.92 -48.25
N HIS D 294 -2.21 18.21 -47.60
CA HIS D 294 -2.09 17.97 -46.15
C HIS D 294 -2.49 19.24 -45.42
N ILE D 295 -2.91 19.09 -44.17
CA ILE D 295 -3.31 20.24 -43.36
C ILE D 295 -2.34 20.37 -42.21
N TYR D 296 -1.87 21.59 -41.98
CA TYR D 296 -0.92 21.85 -40.90
C TYR D 296 -1.54 22.79 -39.90
N MET D 297 -1.43 22.41 -38.64
CA MET D 297 -1.99 23.18 -37.54
C MET D 297 -0.89 23.54 -36.57
N THR D 298 -0.79 24.83 -36.23
CA THR D 298 0.23 25.29 -35.30
C THR D 298 -0.43 25.99 -34.14
N GLY D 299 -0.05 25.59 -32.94
CA GLY D 299 -0.61 26.19 -31.74
C GLY D 299 0.23 25.87 -30.52
N PRO D 300 -0.19 26.31 -29.31
CA PRO D 300 0.58 26.04 -28.08
C PRO D 300 0.12 24.81 -27.33
N ALA D 301 0.82 24.50 -26.25
CA ALA D 301 0.51 23.36 -25.38
C ALA D 301 1.26 23.61 -24.10
N GLU D 302 0.63 23.43 -22.95
CA GLU D 302 1.30 23.71 -21.68
C GLU D 302 0.95 22.72 -20.61
N ALA D 303 1.94 22.36 -19.81
CA ALA D 303 1.74 21.45 -18.69
C ALA D 303 1.16 22.33 -17.59
N VAL D 304 0.34 21.76 -16.70
CA VAL D 304 -0.29 22.57 -15.65
C VAL D 304 0.02 22.00 -14.30
N PHE D 305 -0.11 20.69 -14.15
CA PHE D 305 0.18 20.06 -12.88
C PHE D 305 0.25 18.58 -13.11
N TYR D 306 0.68 17.82 -12.11
CA TYR D 306 0.73 16.37 -12.24
C TYR D 306 0.29 15.77 -10.92
N GLY D 307 -0.12 14.50 -10.95
CA GLY D 307 -0.57 13.89 -9.72
C GLY D 307 -1.01 12.45 -9.85
N SER D 308 -1.68 11.95 -8.81
CA SER D 308 -2.13 10.57 -8.79
C SER D 308 -3.58 10.57 -8.39
N ALA D 309 -4.41 9.97 -9.23
CA ALA D 309 -5.86 9.94 -8.98
C ALA D 309 -6.29 8.57 -8.51
N LEU D 310 -7.27 8.57 -7.62
CA LEU D 310 -7.81 7.31 -7.10
C LEU D 310 -8.79 6.79 -8.13
N LEU D 311 -8.77 5.49 -8.37
CA LEU D 311 -9.68 4.89 -9.35
C LEU D 311 -10.79 4.16 -8.62
N GLY E 25 -0.16 -8.14 4.38
CA GLY E 25 -1.34 -8.13 3.47
C GLY E 25 -2.66 -7.96 4.20
N VAL E 26 -3.73 -7.79 3.42
CA VAL E 26 -5.07 -7.60 3.96
C VAL E 26 -6.04 -8.26 3.00
N LEU E 27 -7.04 -8.95 3.54
CA LEU E 27 -8.02 -9.64 2.71
C LEU E 27 -9.38 -9.06 2.98
N HIS E 28 -10.05 -8.61 1.92
CA HIS E 28 -11.40 -8.06 2.04
C HIS E 28 -12.33 -9.21 1.78
N PHE E 29 -13.40 -9.32 2.56
CA PHE E 29 -14.32 -10.45 2.41
C PHE E 29 -15.66 -10.09 2.98
N VAL E 30 -16.60 -11.00 2.78
CA VAL E 30 -17.96 -10.86 3.31
C VAL E 30 -18.27 -12.18 3.98
N LYS E 31 -18.82 -12.12 5.19
CA LYS E 31 -19.17 -13.34 5.93
C LYS E 31 -20.59 -13.73 5.62
N TYR E 32 -20.79 -15.01 5.31
CA TYR E 32 -22.12 -15.55 5.04
C TYR E 32 -22.24 -16.84 5.82
N HIS E 33 -23.45 -17.36 5.89
CA HIS E 33 -23.66 -18.63 6.56
C HIS E 33 -24.89 -19.26 5.97
N GLY E 34 -24.84 -20.58 5.81
CA GLY E 34 -25.97 -21.33 5.29
C GLY E 34 -26.37 -22.31 6.38
N LEU E 35 -27.41 -21.97 7.11
CA LEU E 35 -27.90 -22.80 8.20
C LEU E 35 -26.83 -22.95 9.28
N GLY E 36 -25.98 -21.94 9.46
CA GLY E 36 -24.97 -22.05 10.51
C GLY E 36 -23.60 -22.47 10.02
N ASN E 37 -23.55 -23.00 8.79
CA ASN E 37 -22.30 -23.41 8.17
C ASN E 37 -21.81 -22.08 7.62
N ASP E 38 -20.91 -21.41 8.34
CA ASP E 38 -20.45 -20.07 7.97
C ASP E 38 -19.16 -20.08 7.18
N PHE E 39 -19.06 -19.14 6.23
CA PHE E 39 -17.89 -19.05 5.37
C PHE E 39 -17.44 -17.63 5.16
N ILE E 40 -16.20 -17.53 4.71
CA ILE E 40 -15.58 -16.25 4.36
C ILE E 40 -15.59 -16.24 2.86
N LEU E 41 -16.35 -15.32 2.25
CA LEU E 41 -16.44 -15.25 0.80
C LEU E 41 -15.57 -14.13 0.28
N VAL E 42 -14.78 -14.42 -0.75
CA VAL E 42 -13.90 -13.41 -1.31
C VAL E 42 -14.11 -13.30 -2.81
N ASP E 43 -14.11 -12.06 -3.29
CA ASP E 43 -14.28 -11.76 -4.71
C ASP E 43 -12.93 -12.01 -5.35
N ASN E 44 -12.83 -13.12 -6.09
CA ASN E 44 -11.58 -13.51 -6.73
C ASN E 44 -11.82 -13.61 -8.23
N ARG E 45 -12.74 -12.80 -8.73
CA ARG E 45 -13.10 -12.82 -10.15
C ARG E 45 -12.00 -12.21 -11.01
N ASP E 46 -11.03 -11.57 -10.38
CA ASP E 46 -9.94 -10.91 -11.10
C ASP E 46 -8.79 -11.84 -11.41
N SER E 47 -8.79 -13.04 -10.83
CA SER E 47 -7.68 -13.96 -11.07
C SER E 47 -8.14 -15.38 -11.01
N SER E 48 -7.34 -16.29 -11.56
CA SER E 48 -7.65 -17.70 -11.57
C SER E 48 -6.95 -18.36 -10.40
N GLU E 49 -6.13 -17.58 -9.70
CA GLU E 49 -5.40 -18.11 -8.56
C GLU E 49 -5.92 -17.47 -7.28
N PRO E 50 -6.24 -18.28 -6.27
CA PRO E 50 -6.76 -17.80 -4.99
C PRO E 50 -5.87 -16.74 -4.37
N LYS E 51 -6.48 -15.67 -3.86
CA LYS E 51 -5.76 -14.55 -3.26
C LYS E 51 -4.94 -14.98 -2.05
N ILE E 52 -5.35 -16.02 -1.34
CA ILE E 52 -4.58 -16.46 -0.16
C ILE E 52 -4.23 -17.91 -0.29
N THR E 53 -3.27 -18.34 0.52
CA THR E 53 -2.84 -19.74 0.51
C THR E 53 -3.74 -20.55 1.40
N GLN E 54 -3.62 -21.87 1.33
CA GLN E 54 -4.44 -22.75 2.14
C GLN E 54 -4.07 -22.56 3.60
N GLU E 55 -2.79 -22.33 3.87
CA GLU E 55 -2.31 -22.14 5.23
C GLU E 55 -2.92 -20.89 5.81
N GLN E 56 -2.99 -19.83 5.01
CA GLN E 56 -3.56 -18.57 5.47
C GLN E 56 -5.04 -18.77 5.75
N ALA E 57 -5.69 -19.56 4.92
CA ALA E 57 -7.12 -19.80 5.10
C ALA E 57 -7.35 -20.49 6.43
N ALA E 58 -6.52 -21.48 6.73
CA ALA E 58 -6.64 -22.22 7.99
C ALA E 58 -6.55 -21.25 9.15
N LYS E 59 -5.62 -20.32 9.09
CA LYS E 59 -5.45 -19.36 10.19
C LYS E 59 -6.64 -18.42 10.27
N LEU E 60 -7.13 -17.95 9.13
CA LEU E 60 -8.27 -17.03 9.12
C LEU E 60 -9.51 -17.70 9.67
N CYS E 61 -9.62 -19.02 9.49
CA CYS E 61 -10.78 -19.75 9.97
C CYS E 61 -10.74 -20.00 11.48
N ASP E 62 -9.58 -19.83 12.13
CA ASP E 62 -9.53 -20.06 13.58
C ASP E 62 -10.53 -19.08 14.18
N ARG E 63 -11.42 -19.58 15.04
CA ARG E 63 -12.46 -18.73 15.59
C ARG E 63 -12.00 -17.77 16.68
N ASN E 64 -10.86 -18.03 17.32
CA ASN E 64 -10.42 -17.13 18.38
C ASN E 64 -9.28 -16.26 17.91
N PHE E 65 -8.38 -16.82 17.12
CA PHE E 65 -7.22 -16.05 16.66
C PHE E 65 -7.44 -15.49 15.27
N GLY E 66 -8.51 -15.90 14.60
CA GLY E 66 -8.76 -15.40 13.26
C GLY E 66 -10.16 -14.83 13.09
N VAL E 67 -10.66 -14.85 11.86
CA VAL E 67 -12.00 -14.33 11.56
C VAL E 67 -13.02 -15.33 12.07
N GLY E 68 -12.73 -16.62 11.88
CA GLY E 68 -13.63 -17.67 12.33
C GLY E 68 -14.62 -18.11 11.26
N ALA E 69 -14.52 -19.35 10.79
CA ALA E 69 -15.41 -19.86 9.75
C ALA E 69 -15.12 -21.32 9.53
N ASP E 70 -16.01 -21.98 8.79
CA ASP E 70 -15.85 -23.40 8.48
C ASP E 70 -15.04 -23.50 7.20
N GLY E 71 -14.85 -22.37 6.53
CA GLY E 71 -14.07 -22.37 5.31
C GLY E 71 -14.03 -21.04 4.58
N VAL E 72 -13.22 -20.97 3.54
CA VAL E 72 -13.09 -19.77 2.73
C VAL E 72 -13.53 -20.15 1.32
N ILE E 73 -14.39 -19.32 0.73
CA ILE E 73 -14.92 -19.59 -0.61
C ILE E 73 -14.54 -18.46 -1.54
N PHE E 74 -13.94 -18.81 -2.68
CA PHE E 74 -13.50 -17.82 -3.65
C PHE E 74 -14.39 -17.81 -4.87
N ALA E 75 -14.83 -16.62 -5.27
CA ALA E 75 -15.63 -16.48 -6.49
C ALA E 75 -14.59 -16.25 -7.56
N MET E 76 -14.42 -17.23 -8.45
CA MET E 76 -13.39 -17.13 -9.49
C MET E 76 -14.01 -16.98 -10.86
N PRO E 77 -13.18 -16.64 -11.86
CA PRO E 77 -13.68 -16.46 -13.24
C PRO E 77 -14.16 -17.78 -13.83
N GLY E 78 -15.15 -17.68 -14.71
CA GLY E 78 -15.71 -18.87 -15.33
C GLY E 78 -14.69 -19.76 -16.02
N VAL E 79 -15.08 -21.03 -16.22
CA VAL E 79 -14.21 -22.01 -16.86
C VAL E 79 -15.02 -22.78 -17.87
N ASN E 80 -14.47 -22.93 -19.07
CA ASN E 80 -15.13 -23.65 -20.16
C ASN E 80 -16.54 -23.15 -20.36
N GLY E 81 -16.73 -21.84 -20.29
CA GLY E 81 -18.06 -21.29 -20.51
C GLY E 81 -18.98 -21.01 -19.33
N THR E 82 -18.65 -21.49 -18.14
CA THR E 82 -19.51 -21.26 -16.98
C THR E 82 -19.43 -19.80 -16.61
N ASP E 83 -20.46 -19.31 -15.90
CA ASP E 83 -20.48 -17.92 -15.48
C ASP E 83 -19.37 -17.68 -14.49
N TYR E 84 -19.14 -18.63 -13.59
CA TYR E 84 -18.09 -18.48 -12.58
C TYR E 84 -17.55 -19.84 -12.22
N ALA E 85 -16.53 -19.82 -11.37
CA ALA E 85 -15.90 -21.03 -10.86
C ALA E 85 -15.83 -20.82 -9.36
N MET E 86 -15.85 -21.91 -8.60
CA MET E 86 -15.78 -21.78 -7.16
C MET E 86 -14.75 -22.72 -6.63
N ARG E 87 -13.97 -22.23 -5.67
CA ARG E 87 -12.97 -23.04 -5.00
C ARG E 87 -13.14 -22.74 -3.53
N ILE E 88 -12.88 -23.74 -2.71
CA ILE E 88 -13.05 -23.57 -1.27
C ILE E 88 -11.94 -24.28 -0.52
N PHE E 89 -11.57 -23.68 0.62
CA PHE E 89 -10.56 -24.23 1.51
C PHE E 89 -11.25 -24.50 2.82
N ASN E 90 -11.12 -25.72 3.33
CA ASN E 90 -11.74 -26.07 4.61
C ASN E 90 -11.03 -25.26 5.69
N SER E 91 -11.58 -25.26 6.91
CA SER E 91 -10.97 -24.51 8.01
C SER E 91 -9.66 -25.17 8.41
N ASP E 92 -9.35 -26.35 7.87
CA ASP E 92 -8.09 -27.00 8.22
C ASP E 92 -7.12 -26.76 7.09
N GLY E 93 -7.57 -26.05 6.06
CA GLY E 93 -6.70 -25.76 4.93
C GLY E 93 -6.85 -26.63 3.70
N SER E 94 -7.35 -27.85 3.88
CA SER E 94 -7.52 -28.77 2.75
C SER E 94 -8.54 -28.17 1.78
N GLU E 95 -8.53 -28.63 0.53
CA GLU E 95 -9.45 -28.11 -0.48
C GLU E 95 -10.39 -29.20 -0.96
N PRO E 96 -11.68 -29.10 -0.60
CA PRO E 96 -12.72 -30.06 -0.99
C PRO E 96 -13.14 -29.72 -2.40
N GLU E 97 -13.88 -30.61 -3.06
CA GLU E 97 -14.28 -30.34 -4.45
C GLU E 97 -15.64 -29.67 -4.58
N MET E 98 -16.39 -29.51 -3.49
CA MET E 98 -17.69 -28.84 -3.59
C MET E 98 -18.18 -28.52 -2.20
N CYS E 99 -19.19 -27.65 -2.13
CA CYS E 99 -19.77 -27.24 -0.86
C CYS E 99 -21.18 -26.75 -1.10
N GLY E 100 -22.16 -27.49 -0.61
CA GLY E 100 -23.56 -27.15 -0.80
C GLY E 100 -24.02 -25.86 -0.17
N ASN E 101 -23.82 -25.71 1.14
CA ASN E 101 -24.22 -24.51 1.83
C ASN E 101 -23.42 -23.35 1.28
N GLY E 102 -22.17 -23.63 0.93
CA GLY E 102 -21.32 -22.58 0.40
C GLY E 102 -21.74 -22.05 -0.96
N VAL E 103 -22.21 -22.94 -1.83
CA VAL E 103 -22.60 -22.50 -3.16
C VAL E 103 -23.86 -21.66 -3.05
N ARG E 104 -24.67 -21.88 -2.03
CA ARG E 104 -25.89 -21.08 -1.86
C ARG E 104 -25.47 -19.68 -1.44
N CYS E 105 -24.44 -19.59 -0.61
CA CYS E 105 -23.94 -18.29 -0.15
C CYS E 105 -23.29 -17.62 -1.34
N PHE E 106 -22.65 -18.43 -2.18
CA PHE E 106 -21.95 -17.95 -3.37
C PHE E 106 -22.96 -17.25 -4.28
N ALA E 107 -24.15 -17.83 -4.40
CA ALA E 107 -25.20 -17.29 -5.26
C ALA E 107 -25.61 -15.92 -4.77
N ARG E 108 -25.82 -15.78 -3.47
CA ARG E 108 -26.23 -14.48 -2.94
C ARG E 108 -25.13 -13.49 -3.08
N PHE E 109 -23.90 -13.96 -2.91
CA PHE E 109 -22.72 -13.10 -3.01
C PHE E 109 -22.71 -12.43 -4.37
N ILE E 110 -22.72 -13.25 -5.42
CA ILE E 110 -22.70 -12.77 -6.80
C ILE E 110 -23.87 -11.83 -7.04
N ALA E 111 -25.07 -12.25 -6.62
CA ALA E 111 -26.26 -11.44 -6.81
C ALA E 111 -26.06 -10.10 -6.14
N GLU E 112 -25.35 -10.10 -5.02
CA GLU E 112 -25.11 -8.87 -4.28
C GLU E 112 -24.08 -8.01 -4.99
N LEU E 113 -23.04 -8.66 -5.51
CA LEU E 113 -21.97 -7.96 -6.21
C LEU E 113 -22.45 -7.40 -7.54
N GLU E 114 -23.31 -8.13 -8.24
CA GLU E 114 -23.81 -7.70 -9.54
C GLU E 114 -25.10 -6.92 -9.40
N ASN E 115 -25.63 -6.86 -8.19
CA ASN E 115 -26.86 -6.13 -7.93
C ASN E 115 -27.99 -6.76 -8.73
N LEU E 116 -28.15 -8.07 -8.60
CA LEU E 116 -29.20 -8.80 -9.31
C LEU E 116 -30.36 -8.99 -8.37
N GLN E 117 -31.55 -8.60 -8.82
CA GLN E 117 -32.74 -8.71 -7.99
C GLN E 117 -33.63 -9.76 -8.59
N GLY E 118 -34.29 -10.54 -7.74
CA GLY E 118 -35.20 -11.57 -8.23
C GLY E 118 -34.57 -12.89 -8.60
N LYS E 119 -35.32 -13.70 -9.33
CA LYS E 119 -34.90 -15.02 -9.77
C LYS E 119 -33.69 -14.87 -10.64
N HIS E 120 -32.67 -15.67 -10.38
CA HIS E 120 -31.42 -15.65 -11.15
C HIS E 120 -30.74 -16.99 -10.93
N SER E 121 -29.99 -17.43 -11.94
CA SER E 121 -29.26 -18.70 -11.82
C SER E 121 -27.95 -18.54 -12.58
N PHE E 122 -26.89 -19.14 -12.05
CA PHE E 122 -25.58 -19.05 -12.69
C PHE E 122 -24.99 -20.42 -12.80
N THR E 123 -24.14 -20.61 -13.79
CA THR E 123 -23.46 -21.87 -13.96
C THR E 123 -22.15 -21.71 -13.22
N ILE E 124 -21.81 -22.67 -12.39
CA ILE E 124 -20.59 -22.58 -11.61
C ILE E 124 -19.77 -23.81 -11.80
N HIS E 125 -18.49 -23.60 -12.13
CA HIS E 125 -17.54 -24.70 -12.31
C HIS E 125 -16.93 -24.98 -10.95
N THR E 126 -16.90 -26.25 -10.55
CA THR E 126 -16.34 -26.65 -9.27
C THR E 126 -15.58 -27.94 -9.47
N GLY E 127 -14.95 -28.41 -8.41
CA GLY E 127 -14.21 -29.67 -8.51
C GLY E 127 -15.14 -30.87 -8.61
N ALA E 128 -16.44 -30.62 -8.53
CA ALA E 128 -17.42 -31.69 -8.64
C ALA E 128 -18.07 -31.59 -10.01
N GLY E 129 -17.67 -30.59 -10.78
CA GLY E 129 -18.24 -30.41 -12.10
C GLY E 129 -19.18 -29.22 -12.08
N LEU E 130 -20.13 -29.18 -13.02
CA LEU E 130 -21.06 -28.08 -13.12
C LEU E 130 -22.06 -28.14 -11.97
N ILE E 131 -22.29 -26.98 -11.36
CA ILE E 131 -23.25 -26.82 -10.25
C ILE E 131 -24.08 -25.60 -10.63
N VAL E 132 -25.40 -25.65 -10.46
CA VAL E 132 -26.21 -24.51 -10.89
C VAL E 132 -27.18 -24.04 -9.84
N PRO E 133 -26.83 -22.98 -9.10
CA PRO E 133 -27.72 -22.46 -8.07
C PRO E 133 -28.70 -21.49 -8.69
N GLU E 134 -29.93 -21.47 -8.16
CA GLU E 134 -30.94 -20.56 -8.69
C GLU E 134 -31.65 -19.92 -7.53
N ILE E 135 -31.57 -18.59 -7.45
CA ILE E 135 -32.23 -17.84 -6.39
C ILE E 135 -33.71 -17.84 -6.74
N GLN E 136 -34.54 -18.23 -5.78
CA GLN E 136 -35.98 -18.31 -5.98
C GLN E 136 -36.64 -16.98 -5.69
N ASP E 137 -37.96 -16.95 -5.89
CA ASP E 137 -38.77 -15.75 -5.67
C ASP E 137 -38.82 -15.44 -4.20
N ASP E 138 -38.82 -16.47 -3.36
CA ASP E 138 -38.90 -16.30 -1.92
C ASP E 138 -37.55 -15.98 -1.33
N GLY E 139 -36.50 -15.97 -2.17
CA GLY E 139 -35.18 -15.66 -1.66
C GLY E 139 -34.27 -16.85 -1.38
N GLN E 140 -34.85 -18.02 -1.15
CA GLN E 140 -34.06 -19.22 -0.90
C GLN E 140 -33.36 -19.60 -2.17
N VAL E 141 -32.35 -20.46 -2.06
CA VAL E 141 -31.59 -20.88 -3.22
C VAL E 141 -31.78 -22.35 -3.48
N LYS E 142 -32.22 -22.67 -4.70
CA LYS E 142 -32.41 -24.06 -5.11
C LYS E 142 -31.20 -24.37 -5.96
N VAL E 143 -30.51 -25.47 -5.67
CA VAL E 143 -29.29 -25.75 -6.43
C VAL E 143 -29.32 -27.10 -7.10
N ASP E 144 -28.83 -27.13 -8.33
CA ASP E 144 -28.69 -28.35 -9.10
C ASP E 144 -27.32 -28.81 -8.69
N MET E 145 -27.27 -29.77 -7.77
CA MET E 145 -26.01 -30.26 -7.23
C MET E 145 -25.38 -31.35 -8.06
N GLY E 146 -25.75 -31.46 -9.33
CA GLY E 146 -25.16 -32.52 -10.13
C GLY E 146 -25.67 -33.91 -9.78
N THR E 147 -24.96 -34.95 -10.22
CA THR E 147 -25.38 -36.33 -9.99
C THR E 147 -24.44 -37.00 -9.01
N PRO E 148 -24.94 -37.97 -8.23
CA PRO E 148 -24.12 -38.69 -7.26
C PRO E 148 -23.21 -39.73 -7.87
N ILE E 149 -22.02 -39.89 -7.28
CA ILE E 149 -21.04 -40.86 -7.74
C ILE E 149 -21.12 -42.02 -6.77
N LEU E 150 -21.37 -43.22 -7.28
CA LEU E 150 -21.53 -44.38 -6.41
C LEU E 150 -20.45 -45.42 -6.58
N LYS E 151 -19.69 -45.37 -7.68
CA LYS E 151 -18.63 -46.36 -7.88
C LYS E 151 -17.63 -46.22 -6.74
N ALA E 152 -17.45 -47.29 -5.99
CA ALA E 152 -16.58 -47.33 -4.80
C ALA E 152 -15.25 -46.61 -4.98
N GLN E 153 -14.44 -47.07 -5.93
CA GLN E 153 -13.11 -46.48 -6.11
C GLN E 153 -13.14 -45.01 -6.49
N ASP E 154 -14.28 -44.49 -6.93
CA ASP E 154 -14.33 -43.08 -7.30
C ASP E 154 -14.84 -42.22 -6.16
N VAL E 155 -15.38 -42.84 -5.11
CA VAL E 155 -15.91 -42.06 -3.98
C VAL E 155 -14.86 -41.10 -3.42
N PRO E 156 -13.65 -41.60 -3.08
CA PRO E 156 -13.17 -42.97 -3.16
C PRO E 156 -13.17 -43.67 -1.83
N THR E 157 -13.23 -44.99 -1.86
CA THR E 157 -13.19 -45.81 -0.66
C THR E 157 -12.56 -47.13 -1.04
N LYS E 158 -11.94 -47.79 -0.07
CA LYS E 158 -11.31 -49.07 -0.36
C LYS E 158 -12.30 -50.17 -0.07
N LEU E 159 -13.47 -49.81 0.45
CA LEU E 159 -14.50 -50.83 0.73
C LEU E 159 -14.91 -51.41 -0.61
N SER E 160 -15.29 -52.68 -0.61
CA SER E 160 -15.70 -53.37 -1.83
C SER E 160 -17.17 -53.16 -2.07
N GLY E 161 -17.52 -52.85 -3.32
CA GLY E 161 -18.92 -52.64 -3.66
C GLY E 161 -19.70 -53.93 -3.45
N ASN E 162 -20.87 -53.83 -2.82
CA ASN E 162 -21.69 -55.01 -2.57
C ASN E 162 -23.04 -54.88 -3.27
N LYS E 163 -23.24 -53.77 -3.97
CA LYS E 163 -24.47 -53.54 -4.74
C LYS E 163 -24.00 -52.92 -6.04
N GLY E 164 -23.56 -53.77 -6.95
CA GLY E 164 -23.02 -53.27 -8.21
C GLY E 164 -21.63 -52.86 -7.77
N GLU E 165 -21.20 -51.65 -8.12
CA GLU E 165 -19.88 -51.20 -7.72
C GLU E 165 -20.04 -50.21 -6.58
N ALA E 166 -21.25 -50.14 -6.03
CA ALA E 166 -21.55 -49.22 -4.94
C ALA E 166 -21.48 -49.93 -3.61
N VAL E 167 -21.11 -49.16 -2.59
CA VAL E 167 -21.00 -49.66 -1.21
C VAL E 167 -22.27 -49.25 -0.51
N VAL E 168 -23.14 -50.20 -0.24
CA VAL E 168 -24.43 -49.89 0.40
C VAL E 168 -24.63 -50.76 1.61
N GLU E 169 -24.78 -50.11 2.76
CA GLU E 169 -24.99 -50.79 4.04
C GLU E 169 -23.96 -51.89 4.19
N ALA E 170 -22.70 -51.55 3.93
CA ALA E 170 -21.60 -52.49 4.02
C ALA E 170 -20.91 -52.33 5.37
N GLU E 171 -20.29 -53.41 5.85
CA GLU E 171 -19.61 -53.40 7.15
C GLU E 171 -18.32 -52.61 7.10
N LEU E 172 -18.14 -51.76 8.10
CA LEU E 172 -16.96 -50.92 8.25
C LEU E 172 -16.55 -51.09 9.70
N VAL E 173 -15.34 -51.59 9.94
CA VAL E 173 -14.89 -51.79 11.31
C VAL E 173 -14.20 -50.53 11.77
N VAL E 174 -14.83 -49.82 12.71
CA VAL E 174 -14.31 -48.58 13.25
C VAL E 174 -13.85 -48.82 14.67
N ASP E 175 -12.55 -48.69 14.89
CA ASP E 175 -11.95 -48.89 16.21
C ASP E 175 -12.46 -50.18 16.81
N GLY E 176 -12.46 -51.25 16.02
CA GLY E 176 -12.91 -52.54 16.50
C GLY E 176 -14.40 -52.79 16.58
N VAL E 177 -15.20 -51.78 16.25
CA VAL E 177 -16.67 -51.93 16.30
C VAL E 177 -17.19 -51.95 14.86
N SER E 178 -18.13 -52.85 14.58
CA SER E 178 -18.67 -52.98 13.23
C SER E 178 -19.85 -52.07 13.00
N TRP E 179 -19.72 -51.19 12.02
CA TRP E 179 -20.78 -50.27 11.64
C TRP E 179 -21.18 -50.62 10.22
N ASN E 180 -22.37 -50.21 9.81
CA ASN E 180 -22.82 -50.42 8.43
C ASN E 180 -22.85 -49.05 7.82
N VAL E 181 -22.25 -48.90 6.64
CA VAL E 181 -22.20 -47.60 6.01
C VAL E 181 -22.49 -47.71 4.54
N THR E 182 -22.83 -46.58 3.95
CA THR E 182 -23.09 -46.46 2.52
C THR E 182 -22.20 -45.32 2.08
N CYS E 183 -21.50 -45.48 0.96
CA CYS E 183 -20.59 -44.45 0.49
C CYS E 183 -21.10 -43.82 -0.80
N VAL E 184 -21.08 -42.50 -0.84
CA VAL E 184 -21.50 -41.79 -2.03
C VAL E 184 -20.72 -40.51 -2.12
N SER E 185 -20.41 -40.10 -3.35
CA SER E 185 -19.65 -38.89 -3.57
C SER E 185 -20.50 -37.85 -4.29
N MET E 186 -20.32 -36.60 -3.89
CA MET E 186 -20.99 -35.45 -4.48
C MET E 186 -19.86 -34.59 -4.93
N GLY E 187 -18.78 -35.26 -5.31
CA GLY E 187 -17.57 -34.59 -5.72
C GLY E 187 -16.64 -34.92 -4.57
N ASN E 188 -17.11 -34.62 -3.36
CA ASN E 188 -16.36 -34.92 -2.14
C ASN E 188 -16.93 -36.22 -1.59
N PRO E 189 -16.13 -36.95 -0.80
CA PRO E 189 -16.57 -38.22 -0.22
C PRO E 189 -17.49 -38.16 0.97
N HIS E 190 -18.42 -39.10 1.06
CA HIS E 190 -19.37 -39.14 2.17
C HIS E 190 -19.57 -40.56 2.60
N CYS E 191 -19.61 -40.76 3.91
CA CYS E 191 -19.83 -42.06 4.52
C CYS E 191 -21.08 -41.86 5.36
N ILE E 192 -22.18 -42.51 4.96
CA ILE E 192 -23.45 -42.36 5.66
C ILE E 192 -23.77 -43.63 6.42
N THR E 193 -24.21 -43.48 7.67
CA THR E 193 -24.55 -44.64 8.49
C THR E 193 -25.85 -44.38 9.22
N PHE E 194 -26.66 -45.42 9.34
CA PHE E 194 -27.93 -45.34 10.04
C PHE E 194 -27.82 -46.18 11.29
N GLY E 195 -26.61 -46.58 11.65
CA GLY E 195 -26.41 -47.38 12.84
C GLY E 195 -25.33 -48.43 12.72
N LYS E 196 -25.03 -49.09 13.82
CA LYS E 196 -24.02 -50.14 13.86
C LYS E 196 -24.58 -51.39 13.23
N LYS E 197 -23.70 -52.27 12.81
CA LYS E 197 -24.13 -53.52 12.18
C LYS E 197 -24.88 -54.31 13.22
N GLY E 198 -26.07 -54.78 12.85
CA GLY E 198 -26.87 -55.55 13.79
C GLY E 198 -27.31 -54.72 14.99
N GLY E 199 -27.35 -53.40 14.83
CA GLY E 199 -27.74 -52.53 15.92
C GLY E 199 -29.05 -51.81 15.67
N PRO E 200 -29.59 -51.11 16.67
CA PRO E 200 -30.85 -50.38 16.54
C PRO E 200 -30.66 -49.05 15.83
N ASN E 201 -31.76 -48.33 15.61
CA ASN E 201 -31.70 -47.02 14.96
C ASN E 201 -30.91 -46.11 15.84
N LEU E 202 -30.44 -45.01 15.29
CA LEU E 202 -29.64 -44.06 16.04
C LEU E 202 -30.45 -42.92 16.60
N LYS E 203 -29.99 -42.44 17.75
CA LYS E 203 -30.52 -41.25 18.41
C LYS E 203 -29.35 -40.32 18.23
N VAL E 204 -29.26 -39.78 17.02
CA VAL E 204 -28.19 -38.91 16.60
C VAL E 204 -27.70 -37.94 17.68
N ASP E 205 -28.60 -37.33 18.45
CA ASP E 205 -28.16 -36.38 19.46
C ASP E 205 -27.42 -37.05 20.61
N ASP E 206 -27.48 -38.37 20.72
CA ASP E 206 -26.81 -39.06 21.82
C ASP E 206 -25.38 -39.42 21.45
N LEU E 207 -24.99 -39.17 20.20
CA LEU E 207 -23.64 -39.51 19.75
C LEU E 207 -22.65 -38.50 20.25
N ASN E 208 -21.41 -38.96 20.45
CA ASN E 208 -20.32 -38.09 20.88
C ASN E 208 -19.47 -37.92 19.64
N LEU E 209 -19.85 -36.97 18.79
CA LEU E 209 -19.16 -36.75 17.51
C LEU E 209 -17.68 -36.52 17.64
N PRO E 210 -17.25 -35.61 18.52
CA PRO E 210 -15.79 -35.41 18.61
C PRO E 210 -15.00 -36.65 18.97
N GLU E 211 -15.68 -37.68 19.42
CA GLU E 211 -15.03 -38.92 19.81
C GLU E 211 -15.09 -39.92 18.66
N ILE E 212 -16.28 -40.15 18.12
CA ILE E 212 -16.48 -41.13 17.05
C ILE E 212 -16.13 -40.55 15.68
N GLY E 213 -16.42 -39.28 15.46
CA GLY E 213 -16.16 -38.66 14.18
C GLY E 213 -14.78 -38.84 13.57
N PRO E 214 -13.70 -38.49 14.30
CA PRO E 214 -12.33 -38.63 13.79
C PRO E 214 -11.96 -40.04 13.35
N LYS E 215 -12.62 -41.03 13.94
CA LYS E 215 -12.34 -42.43 13.61
C LYS E 215 -12.85 -42.75 12.22
N PHE E 216 -13.88 -42.05 11.77
CA PHE E 216 -14.42 -42.27 10.43
C PHE E 216 -13.62 -41.41 9.47
N GLU E 217 -13.43 -40.16 9.84
CA GLU E 217 -12.74 -39.19 8.99
C GLU E 217 -11.40 -39.69 8.48
N HIS E 218 -10.58 -40.24 9.38
CA HIS E 218 -9.25 -40.68 9.00
C HIS E 218 -9.17 -42.17 8.83
N HIS E 219 -10.32 -42.84 8.66
CA HIS E 219 -10.30 -44.29 8.52
C HIS E 219 -9.45 -44.68 7.33
N GLU E 220 -8.76 -45.79 7.46
CA GLU E 220 -7.87 -46.31 6.42
C GLU E 220 -8.65 -46.66 5.16
N MET E 221 -9.95 -46.89 5.27
CA MET E 221 -10.76 -47.25 4.10
C MET E 221 -11.10 -46.02 3.28
N PHE E 222 -10.69 -44.83 3.71
CA PHE E 222 -10.99 -43.60 2.98
C PHE E 222 -9.69 -42.87 2.72
N PRO E 223 -9.05 -43.17 1.58
CA PRO E 223 -7.77 -42.58 1.15
C PRO E 223 -7.70 -41.07 1.17
N ALA E 224 -8.82 -40.40 0.89
CA ALA E 224 -8.83 -38.94 0.88
C ALA E 224 -9.62 -38.43 2.07
N ARG E 225 -9.75 -39.27 3.09
CA ARG E 225 -10.53 -38.95 4.28
C ARG E 225 -11.97 -38.89 3.84
N THR E 226 -12.90 -38.62 4.75
CA THR E 226 -14.30 -38.58 4.34
C THR E 226 -15.11 -37.77 5.29
N ASN E 227 -16.27 -37.34 4.80
CA ASN E 227 -17.23 -36.62 5.61
C ASN E 227 -18.11 -37.73 6.12
N THR E 228 -18.65 -37.60 7.31
CA THR E 228 -19.48 -38.67 7.84
C THR E 228 -20.78 -38.11 8.34
N GLU E 229 -21.91 -38.68 7.92
CA GLU E 229 -23.18 -38.20 8.42
C GLU E 229 -23.93 -39.34 9.08
N PHE E 230 -24.42 -39.06 10.29
CA PHE E 230 -25.17 -40.02 11.09
C PHE E 230 -26.63 -39.67 10.90
N VAL E 231 -27.45 -40.67 10.59
CA VAL E 231 -28.85 -40.37 10.30
C VAL E 231 -29.83 -41.20 11.07
N GLU E 232 -30.96 -40.58 11.38
CA GLU E 232 -32.05 -41.26 12.06
C GLU E 232 -33.29 -40.90 11.25
N VAL E 233 -33.98 -41.92 10.78
CA VAL E 233 -35.16 -41.74 9.95
C VAL E 233 -36.37 -41.39 10.79
N LEU E 234 -37.03 -40.29 10.44
CA LEU E 234 -38.23 -39.86 11.18
C LEU E 234 -39.44 -40.36 10.41
N SER E 235 -39.31 -40.38 9.09
CA SER E 235 -40.35 -40.87 8.18
C SER E 235 -39.66 -41.07 6.85
N ARG E 236 -40.35 -41.65 5.88
CA ARG E 236 -39.74 -41.91 4.58
C ARG E 236 -39.51 -40.61 3.81
N SER E 237 -39.86 -39.47 4.39
CA SER E 237 -39.64 -38.20 3.70
C SER E 237 -39.10 -37.19 4.68
N HIS E 238 -38.61 -37.66 5.82
CA HIS E 238 -38.10 -36.77 6.87
C HIS E 238 -36.95 -37.45 7.58
N LEU E 239 -35.75 -36.88 7.42
CA LEU E 239 -34.54 -37.46 8.02
C LEU E 239 -33.86 -36.43 8.91
N LYS E 240 -33.28 -36.91 10.01
CA LYS E 240 -32.56 -36.06 10.95
C LYS E 240 -31.11 -36.50 10.93
N MET E 241 -30.18 -35.56 10.97
CA MET E 241 -28.77 -35.95 10.88
C MET E 241 -27.87 -35.02 11.62
N ARG E 242 -26.63 -35.49 11.79
CA ARG E 242 -25.53 -34.75 12.38
C ARG E 242 -24.35 -35.13 11.53
N VAL E 243 -23.36 -34.26 11.42
CA VAL E 243 -22.24 -34.58 10.54
C VAL E 243 -20.91 -34.20 11.14
N TRP E 244 -19.91 -35.02 10.81
CA TRP E 244 -18.54 -34.77 11.20
C TRP E 244 -17.84 -34.64 9.87
N GLU E 245 -17.53 -33.40 9.50
CA GLU E 245 -16.93 -33.12 8.20
C GLU E 245 -15.46 -33.34 8.18
N ARG E 246 -14.98 -33.66 6.98
CA ARG E 246 -13.57 -33.83 6.74
C ARG E 246 -12.98 -32.45 6.88
N GLY E 247 -11.93 -32.35 7.69
CA GLY E 247 -11.27 -31.07 7.89
C GLY E 247 -12.08 -29.89 8.43
N ALA E 248 -13.27 -30.12 8.99
CA ALA E 248 -14.04 -29.00 9.52
C ALA E 248 -14.73 -29.37 10.82
N GLY E 249 -14.77 -30.66 11.12
CA GLY E 249 -15.39 -31.09 12.37
C GLY E 249 -16.91 -31.15 12.37
N ALA E 250 -17.49 -30.94 13.55
CA ALA E 250 -18.94 -30.98 13.73
C ALA E 250 -19.51 -29.63 13.40
N THR E 251 -20.02 -29.47 12.20
CA THR E 251 -20.60 -28.21 11.75
C THR E 251 -22.09 -28.25 11.96
N LEU E 252 -22.75 -27.11 11.78
CA LEU E 252 -24.19 -27.02 11.99
C LEU E 252 -24.96 -27.52 10.77
N ALA E 253 -24.27 -27.71 9.64
CA ALA E 253 -24.97 -28.19 8.44
C ALA E 253 -23.97 -28.49 7.35
N CYS E 254 -24.37 -29.38 6.44
CA CYS E 254 -23.55 -29.77 5.30
C CYS E 254 -24.47 -30.09 4.13
N GLY E 255 -24.44 -29.23 3.11
CA GLY E 255 -25.30 -29.42 1.95
C GLY E 255 -25.01 -30.66 1.13
N THR E 256 -23.74 -30.90 0.80
CA THR E 256 -23.38 -32.08 0.01
C THR E 256 -23.67 -33.30 0.86
N GLY E 257 -23.53 -33.15 2.17
CA GLY E 257 -23.80 -34.26 3.07
C GLY E 257 -25.28 -34.61 3.11
N ALA E 258 -26.14 -33.61 3.07
CA ALA E 258 -27.59 -33.82 3.09
C ALA E 258 -28.00 -34.51 1.80
N CYS E 259 -27.34 -34.17 0.69
CA CYS E 259 -27.66 -34.77 -0.60
C CYS E 259 -27.24 -36.22 -0.57
N ALA E 260 -26.03 -36.48 -0.10
CA ALA E 260 -25.48 -37.84 -0.05
C ALA E 260 -26.30 -38.75 0.84
N LEU E 261 -26.77 -38.26 1.98
CA LEU E 261 -27.49 -39.13 2.90
C LEU E 261 -28.87 -39.48 2.36
N VAL E 262 -29.46 -38.63 1.53
CA VAL E 262 -30.76 -38.94 0.96
C VAL E 262 -30.53 -40.05 -0.06
N VAL E 263 -29.44 -39.93 -0.81
CA VAL E 263 -29.08 -40.94 -1.81
C VAL E 263 -28.92 -42.27 -1.10
N ALA E 264 -28.20 -42.26 0.01
CA ALA E 264 -27.95 -43.47 0.78
C ALA E 264 -29.27 -44.01 1.35
N ALA E 265 -30.12 -43.12 1.84
CA ALA E 265 -31.41 -43.55 2.42
C ALA E 265 -32.22 -44.25 1.35
N VAL E 266 -32.19 -43.73 0.13
CA VAL E 266 -32.95 -44.34 -0.97
C VAL E 266 -32.35 -45.70 -1.30
N LEU E 267 -31.03 -45.75 -1.49
CA LEU E 267 -30.34 -46.99 -1.84
C LEU E 267 -30.60 -48.06 -0.81
N GLU E 268 -30.69 -47.69 0.46
CA GLU E 268 -30.93 -48.67 1.52
C GLU E 268 -32.43 -48.93 1.68
N GLY E 269 -33.24 -48.24 0.89
CA GLY E 269 -34.68 -48.42 0.95
C GLY E 269 -35.34 -47.90 2.23
N ARG E 270 -34.73 -46.91 2.86
CA ARG E 270 -35.28 -46.37 4.10
C ARG E 270 -36.10 -45.11 3.85
N ALA E 271 -35.92 -44.45 2.71
CA ALA E 271 -36.69 -43.24 2.46
C ALA E 271 -36.94 -43.02 0.99
N ASP E 272 -37.77 -42.02 0.68
CA ASP E 272 -38.11 -41.68 -0.70
C ASP E 272 -37.10 -40.71 -1.23
N ARG E 273 -37.19 -40.41 -2.53
CA ARG E 273 -36.26 -39.54 -3.21
C ARG E 273 -36.42 -38.08 -2.82
N LYS E 274 -37.55 -37.70 -2.27
CA LYS E 274 -37.77 -36.31 -1.86
C LYS E 274 -37.89 -36.31 -0.35
N CYS E 275 -37.00 -35.57 0.31
CA CYS E 275 -37.00 -35.52 1.77
C CYS E 275 -36.68 -34.16 2.29
N THR E 276 -37.08 -33.97 3.54
CA THR E 276 -36.77 -32.77 4.29
C THR E 276 -35.67 -33.27 5.23
N VAL E 277 -34.52 -32.63 5.21
CA VAL E 277 -33.44 -33.07 6.08
C VAL E 277 -33.25 -32.04 7.16
N ASP E 278 -33.26 -32.49 8.41
CA ASP E 278 -33.07 -31.61 9.54
C ASP E 278 -31.64 -31.69 9.99
N LEU E 279 -30.91 -30.59 9.85
CA LEU E 279 -29.52 -30.54 10.28
C LEU E 279 -29.51 -29.67 11.52
N PRO E 280 -28.45 -29.77 12.34
CA PRO E 280 -28.41 -28.95 13.56
C PRO E 280 -28.83 -27.50 13.40
N GLY E 281 -28.40 -26.85 12.32
CA GLY E 281 -28.75 -25.46 12.13
C GLY E 281 -30.08 -25.18 11.44
N GLY E 282 -30.74 -26.22 10.94
CA GLY E 282 -31.99 -26.03 10.25
C GLY E 282 -32.28 -27.10 9.21
N PRO E 283 -33.38 -26.94 8.45
CA PRO E 283 -33.74 -27.93 7.42
C PRO E 283 -33.35 -27.59 6.00
N LEU E 284 -33.24 -28.63 5.19
CA LEU E 284 -32.93 -28.46 3.78
C LEU E 284 -33.89 -29.35 3.02
N GLU E 285 -34.29 -28.93 1.83
CA GLU E 285 -35.18 -29.74 0.99
C GLU E 285 -34.30 -30.40 -0.03
N ILE E 286 -34.34 -31.71 -0.07
CA ILE E 286 -33.49 -32.46 -0.99
C ILE E 286 -34.33 -33.35 -1.87
N GLU E 287 -33.98 -33.44 -3.15
CA GLU E 287 -34.72 -34.30 -4.06
C GLU E 287 -33.76 -34.92 -5.06
N TRP E 288 -33.74 -36.25 -5.08
CA TRP E 288 -32.90 -36.98 -6.03
C TRP E 288 -33.85 -37.42 -7.12
N LYS E 289 -33.88 -36.65 -8.20
CA LYS E 289 -34.76 -36.89 -9.35
C LYS E 289 -34.36 -38.12 -10.11
N GLN E 290 -35.24 -39.11 -10.15
CA GLN E 290 -34.97 -40.33 -10.91
C GLN E 290 -35.03 -39.95 -12.39
N GLU E 291 -35.74 -38.87 -12.68
CA GLU E 291 -35.92 -38.40 -14.05
C GLU E 291 -34.60 -38.07 -14.71
N ASP E 292 -33.64 -37.52 -13.96
CA ASP E 292 -32.35 -37.16 -14.57
C ASP E 292 -31.17 -37.49 -13.66
N ASN E 293 -31.42 -38.19 -12.56
CA ASN E 293 -30.37 -38.61 -11.63
C ASN E 293 -29.78 -37.42 -10.89
N HIS E 294 -30.24 -36.21 -11.20
CA HIS E 294 -29.72 -35.02 -10.54
C HIS E 294 -30.33 -34.88 -9.15
N ILE E 295 -29.61 -34.18 -8.28
CA ILE E 295 -30.09 -33.93 -6.92
C ILE E 295 -30.26 -32.46 -6.76
N TYR E 296 -31.38 -32.05 -6.17
CA TYR E 296 -31.65 -30.63 -5.97
C TYR E 296 -31.78 -30.38 -4.48
N MET E 297 -31.14 -29.31 -4.02
CA MET E 297 -31.11 -28.94 -2.61
C MET E 297 -31.56 -27.50 -2.49
N THR E 298 -32.56 -27.25 -1.64
CA THR E 298 -33.06 -25.89 -1.47
C THR E 298 -32.85 -25.47 -0.03
N GLY E 299 -32.25 -24.30 0.15
CA GLY E 299 -32.00 -23.80 1.50
C GLY E 299 -31.67 -22.32 1.51
N PRO E 300 -31.49 -21.72 2.70
CA PRO E 300 -31.17 -20.30 2.84
C PRO E 300 -29.68 -19.98 2.78
N ALA E 301 -29.39 -18.69 2.82
CA ALA E 301 -28.03 -18.14 2.81
C ALA E 301 -28.16 -16.71 3.27
N GLU E 302 -27.32 -16.26 4.20
CA GLU E 302 -27.46 -14.89 4.70
C GLU E 302 -26.11 -14.25 4.97
N ALA E 303 -26.01 -12.97 4.63
CA ALA E 303 -24.79 -12.20 4.88
C ALA E 303 -24.85 -11.81 6.34
N VAL E 304 -23.70 -11.74 7.00
CA VAL E 304 -23.65 -11.42 8.42
C VAL E 304 -22.84 -10.15 8.64
N PHE E 305 -21.67 -10.06 8.01
CA PHE E 305 -20.84 -8.87 8.17
C PHE E 305 -19.78 -8.90 7.11
N TYR E 306 -18.99 -7.84 7.03
CA TYR E 306 -17.91 -7.80 6.06
C TYR E 306 -16.77 -7.04 6.66
N GLY E 307 -15.56 -7.23 6.14
CA GLY E 307 -14.41 -6.52 6.68
C GLY E 307 -13.09 -6.82 6.00
N SER E 308 -12.01 -6.46 6.67
CA SER E 308 -10.67 -6.67 6.14
C SER E 308 -9.84 -7.34 7.20
N ALA E 309 -9.28 -8.50 6.86
CA ALA E 309 -8.46 -9.26 7.79
C ALA E 309 -7.01 -9.03 7.51
N LEU E 310 -6.19 -9.15 8.54
CA LEU E 310 -4.75 -8.97 8.43
C LEU E 310 -4.16 -10.32 8.09
N LEU E 311 -3.27 -10.35 7.11
CA LEU E 311 -2.64 -11.61 6.73
C LEU E 311 -1.23 -11.64 7.28
N GLU F 11 12.31 23.83 -5.11
CA GLU F 11 11.81 22.68 -5.94
C GLU F 11 11.40 23.11 -7.32
N LYS F 12 11.67 22.26 -8.30
CA LYS F 12 11.33 22.55 -9.67
C LYS F 12 10.19 21.66 -10.09
N PHE F 13 9.35 22.20 -10.98
CA PHE F 13 8.21 21.49 -11.52
C PHE F 13 8.80 20.57 -12.57
N SER F 14 8.75 19.27 -12.32
CA SER F 14 9.31 18.31 -13.27
C SER F 14 8.41 17.10 -13.37
N PRO F 15 7.58 17.05 -14.42
CA PRO F 15 6.67 15.92 -14.64
C PRO F 15 7.43 14.64 -14.89
N ALA F 16 8.60 14.78 -15.52
CA ALA F 16 9.44 13.63 -15.83
C ALA F 16 9.88 12.95 -14.55
N SER F 17 10.46 13.73 -13.64
CA SER F 17 10.95 13.17 -12.38
C SER F 17 9.81 12.49 -11.65
N PHE F 18 8.66 13.15 -11.61
CA PHE F 18 7.48 12.63 -10.94
C PHE F 18 7.14 11.24 -11.45
N LEU F 19 6.99 11.11 -12.76
CA LEU F 19 6.62 9.83 -13.37
C LEU F 19 7.71 8.80 -13.16
N ASP F 20 8.97 9.22 -13.21
CA ASP F 20 10.07 8.27 -13.00
C ASP F 20 9.90 7.63 -11.65
N LYS F 21 9.79 8.44 -10.60
CA LYS F 21 9.62 7.89 -9.27
C LYS F 21 8.32 7.14 -9.08
N LYS F 22 7.63 6.79 -10.17
CA LYS F 22 6.37 6.06 -10.09
C LYS F 22 6.50 4.72 -10.76
N GLU F 23 7.09 4.70 -11.95
CA GLU F 23 7.28 3.44 -12.66
C GLU F 23 8.12 2.52 -11.80
N THR F 24 7.46 1.60 -11.09
CA THR F 24 8.16 0.68 -10.21
C THR F 24 8.16 -0.72 -10.77
N GLY F 25 9.19 -1.47 -10.38
CA GLY F 25 9.36 -2.85 -10.77
C GLY F 25 10.14 -3.46 -9.63
N VAL F 26 10.10 -4.78 -9.49
CA VAL F 26 10.84 -5.42 -8.41
C VAL F 26 11.49 -6.68 -8.93
N LEU F 27 12.70 -6.95 -8.44
CA LEU F 27 13.43 -8.14 -8.84
C LEU F 27 13.75 -8.93 -7.61
N HIS F 28 13.30 -10.18 -7.57
CA HIS F 28 13.56 -11.05 -6.44
C HIS F 28 14.84 -11.79 -6.75
N PHE F 29 15.72 -11.94 -5.76
CA PHE F 29 17.00 -12.60 -6.02
C PHE F 29 17.56 -13.11 -4.73
N VAL F 30 18.66 -13.84 -4.87
CA VAL F 30 19.39 -14.39 -3.73
C VAL F 30 20.84 -14.01 -3.95
N LYS F 31 21.50 -13.52 -2.90
CA LYS F 31 22.90 -13.10 -3.01
C LYS F 31 23.78 -14.27 -2.64
N TYR F 32 24.77 -14.54 -3.49
CA TYR F 32 25.74 -15.62 -3.25
C TYR F 32 27.11 -15.05 -3.50
N HIS F 33 28.13 -15.78 -3.09
CA HIS F 33 29.50 -15.36 -3.35
C HIS F 33 30.37 -16.59 -3.38
N GLY F 34 31.34 -16.57 -4.29
CA GLY F 34 32.29 -17.67 -4.41
C GLY F 34 33.65 -17.08 -4.12
N LEU F 35 34.14 -17.28 -2.90
CA LEU F 35 35.45 -16.75 -2.49
C LEU F 35 35.47 -15.24 -2.57
N GLY F 36 34.33 -14.59 -2.33
CA GLY F 36 34.31 -13.14 -2.36
C GLY F 36 33.82 -12.54 -3.67
N ASN F 37 33.77 -13.35 -4.71
CA ASN F 37 33.26 -12.92 -6.02
C ASN F 37 31.76 -13.08 -5.82
N ASP F 38 31.08 -11.99 -5.50
CA ASP F 38 29.65 -12.03 -5.17
C ASP F 38 28.75 -11.73 -6.35
N PHE F 39 27.60 -12.42 -6.38
CA PHE F 39 26.66 -12.26 -7.48
C PHE F 39 25.23 -12.23 -7.01
N ILE F 40 24.39 -11.72 -7.89
CA ILE F 40 22.95 -11.63 -7.67
C ILE F 40 22.38 -12.74 -8.53
N LEU F 41 21.80 -13.76 -7.91
CA LEU F 41 21.23 -14.87 -8.66
C LEU F 41 19.74 -14.72 -8.75
N VAL F 42 19.21 -14.91 -9.96
CA VAL F 42 17.77 -14.78 -10.17
C VAL F 42 17.24 -16.02 -10.86
N ASP F 43 16.07 -16.46 -10.40
CA ASP F 43 15.38 -17.63 -10.96
C ASP F 43 14.73 -17.18 -12.24
N ASN F 44 15.31 -17.57 -13.37
CA ASN F 44 14.80 -17.15 -14.67
C ASN F 44 14.44 -18.41 -15.47
N ARG F 45 14.04 -19.46 -14.76
CA ARG F 45 13.69 -20.74 -15.38
C ARG F 45 12.37 -20.64 -16.12
N ASP F 46 11.66 -19.55 -15.90
CA ASP F 46 10.36 -19.31 -16.51
C ASP F 46 10.50 -18.75 -17.92
N SER F 47 11.73 -18.62 -18.40
CA SER F 47 11.93 -18.05 -19.74
C SER F 47 13.39 -18.10 -20.13
N SER F 48 13.65 -17.90 -21.42
CA SER F 48 15.01 -17.92 -21.94
C SER F 48 15.44 -16.49 -22.17
N GLU F 49 14.60 -15.56 -21.73
CA GLU F 49 14.92 -14.15 -21.87
C GLU F 49 15.09 -13.57 -20.48
N PRO F 50 16.28 -12.99 -20.21
CA PRO F 50 16.59 -12.39 -18.90
C PRO F 50 15.53 -11.41 -18.42
N LYS F 51 15.16 -11.54 -17.15
CA LYS F 51 14.13 -10.69 -16.55
C LYS F 51 14.51 -9.22 -16.57
N ILE F 52 15.81 -8.91 -16.56
CA ILE F 52 16.22 -7.50 -16.57
C ILE F 52 17.18 -7.27 -17.71
N THR F 53 17.37 -5.99 -18.06
CA THR F 53 18.27 -5.60 -19.13
C THR F 53 19.67 -5.49 -18.58
N GLN F 54 20.64 -5.39 -19.47
CA GLN F 54 22.04 -5.29 -19.06
C GLN F 54 22.25 -3.98 -18.32
N GLU F 55 21.55 -2.93 -18.76
CA GLU F 55 21.66 -1.62 -18.12
C GLU F 55 21.16 -1.70 -16.70
N GLN F 56 20.05 -2.40 -16.49
CA GLN F 56 19.48 -2.54 -15.16
C GLN F 56 20.44 -3.32 -14.28
N ALA F 57 21.09 -4.33 -14.85
CA ALA F 57 22.02 -5.16 -14.09
C ALA F 57 23.17 -4.30 -13.62
N ALA F 58 23.64 -3.41 -14.49
CA ALA F 58 24.77 -2.55 -14.15
C ALA F 58 24.38 -1.69 -12.95
N LYS F 59 23.16 -1.17 -12.95
CA LYS F 59 22.70 -0.32 -11.86
C LYS F 59 22.56 -1.11 -10.58
N LEU F 60 22.03 -2.33 -10.68
CA LEU F 60 21.83 -3.15 -9.50
C LEU F 60 23.16 -3.53 -8.89
N CYS F 61 24.19 -3.63 -9.69
CA CYS F 61 25.51 -4.02 -9.21
C CYS F 61 26.23 -2.89 -8.50
N ASP F 62 25.79 -1.64 -8.68
CA ASP F 62 26.45 -0.53 -7.99
C ASP F 62 26.37 -0.84 -6.52
N ARG F 63 27.50 -0.78 -5.81
CA ARG F 63 27.51 -1.15 -4.41
C ARG F 63 26.93 -0.12 -3.47
N ASN F 64 26.83 1.14 -3.89
CA ASN F 64 26.27 2.15 -3.00
C ASN F 64 24.86 2.51 -3.37
N PHE F 65 24.58 2.59 -4.67
CA PHE F 65 23.25 3.00 -5.11
C PHE F 65 22.40 1.81 -5.47
N GLY F 66 22.98 0.62 -5.49
CA GLY F 66 22.21 -0.56 -5.83
C GLY F 66 22.37 -1.70 -4.82
N VAL F 67 22.20 -2.93 -5.28
CA VAL F 67 22.33 -4.09 -4.40
C VAL F 67 23.80 -4.32 -4.15
N GLY F 68 24.60 -4.20 -5.20
CA GLY F 68 26.04 -4.40 -5.07
C GLY F 68 26.47 -5.82 -5.36
N ALA F 69 27.23 -6.01 -6.43
CA ALA F 69 27.70 -7.35 -6.80
C ALA F 69 28.66 -7.22 -7.96
N ASP F 70 29.36 -8.31 -8.26
CA ASP F 70 30.29 -8.35 -9.38
C ASP F 70 29.54 -8.71 -10.65
N GLY F 71 28.29 -9.15 -10.49
CA GLY F 71 27.48 -9.51 -11.63
C GLY F 71 26.15 -10.11 -11.27
N VAL F 72 25.30 -10.32 -12.28
CA VAL F 72 23.98 -10.91 -12.11
C VAL F 72 23.96 -12.20 -12.89
N ILE F 73 23.52 -13.29 -12.25
CA ILE F 73 23.49 -14.61 -12.90
C ILE F 73 22.06 -15.09 -12.99
N PHE F 74 21.64 -15.51 -14.18
CA PHE F 74 20.27 -15.99 -14.39
C PHE F 74 20.25 -17.49 -14.61
N ALA F 75 19.36 -18.17 -13.87
CA ALA F 75 19.18 -19.61 -14.03
C ALA F 75 18.10 -19.72 -15.07
N MET F 76 18.48 -20.17 -16.27
CA MET F 76 17.55 -20.25 -17.39
C MET F 76 17.21 -21.70 -17.71
N PRO F 77 16.19 -21.90 -18.57
CA PRO F 77 15.77 -23.24 -18.98
C PRO F 77 16.83 -23.92 -19.83
N GLY F 78 16.91 -25.24 -19.74
CA GLY F 78 17.89 -26.00 -20.49
C GLY F 78 17.87 -25.75 -21.99
N VAL F 79 18.99 -26.07 -22.63
CA VAL F 79 19.13 -25.89 -24.07
C VAL F 79 19.80 -27.14 -24.61
N ASN F 80 19.18 -27.76 -25.62
CA ASN F 80 19.70 -28.97 -26.24
C ASN F 80 19.72 -30.10 -25.23
N GLY F 81 18.78 -30.09 -24.29
CA GLY F 81 18.72 -31.17 -23.32
C GLY F 81 19.50 -31.00 -22.03
N THR F 82 20.22 -29.89 -21.86
CA THR F 82 20.95 -29.68 -20.61
C THR F 82 19.90 -29.43 -19.56
N ASP F 83 20.24 -29.66 -18.29
CA ASP F 83 19.30 -29.45 -17.21
C ASP F 83 18.93 -27.98 -17.15
N TYR F 84 19.93 -27.10 -17.31
CA TYR F 84 19.68 -25.66 -17.28
C TYR F 84 20.66 -24.95 -18.16
N ALA F 85 20.47 -23.63 -18.25
CA ALA F 85 21.33 -22.76 -19.02
C ALA F 85 21.67 -21.61 -18.09
N MET F 86 22.85 -21.03 -18.27
CA MET F 86 23.24 -19.93 -17.41
C MET F 86 23.73 -18.78 -18.25
N ARG F 87 23.29 -17.57 -17.88
CA ARG F 87 23.72 -16.36 -18.54
C ARG F 87 24.11 -15.41 -17.42
N ILE F 88 25.09 -14.57 -17.69
CA ILE F 88 25.55 -13.64 -16.67
C ILE F 88 25.87 -12.30 -17.27
N PHE F 89 25.63 -11.26 -16.50
CA PHE F 89 25.92 -9.88 -16.88
C PHE F 89 26.96 -9.38 -15.89
N ASN F 90 28.06 -8.82 -16.39
CA ASN F 90 29.10 -8.27 -15.51
C ASN F 90 28.52 -7.05 -14.83
N SER F 91 29.22 -6.55 -13.82
CA SER F 91 28.75 -5.38 -13.09
C SER F 91 28.79 -4.16 -13.98
N ASP F 92 29.40 -4.28 -15.16
CA ASP F 92 29.47 -3.14 -16.07
C ASP F 92 28.41 -3.32 -17.13
N GLY F 93 27.66 -4.42 -17.04
CA GLY F 93 26.61 -4.67 -18.00
C GLY F 93 26.92 -5.61 -19.15
N SER F 94 28.21 -5.77 -19.47
CA SER F 94 28.61 -6.65 -20.57
C SER F 94 28.25 -8.08 -20.21
N GLU F 95 28.15 -8.94 -21.21
CA GLU F 95 27.80 -10.34 -20.96
C GLU F 95 28.93 -11.26 -21.35
N PRO F 96 29.58 -11.88 -20.34
CA PRO F 96 30.69 -12.81 -20.55
C PRO F 96 30.10 -14.16 -20.93
N GLU F 97 30.93 -15.09 -21.39
CA GLU F 97 30.39 -16.38 -21.81
C GLU F 97 30.46 -17.45 -20.71
N MET F 98 31.07 -17.16 -19.57
CA MET F 98 31.12 -18.15 -18.49
C MET F 98 31.60 -17.50 -17.22
N CYS F 99 31.40 -18.18 -16.10
CA CYS F 99 31.81 -17.67 -14.80
C CYS F 99 31.98 -18.86 -13.87
N GLY F 100 33.22 -19.10 -13.46
CA GLY F 100 33.52 -20.21 -12.59
C GLY F 100 32.95 -20.14 -11.19
N ASN F 101 33.22 -19.04 -10.48
CA ASN F 101 32.71 -18.88 -9.14
C ASN F 101 31.20 -18.82 -9.22
N GLY F 102 30.70 -18.19 -10.28
CA GLY F 102 29.26 -18.08 -10.44
C GLY F 102 28.55 -19.40 -10.66
N VAL F 103 29.14 -20.29 -11.46
CA VAL F 103 28.48 -21.56 -11.72
C VAL F 103 28.45 -22.38 -10.45
N ARG F 104 29.39 -22.16 -9.54
CA ARG F 104 29.38 -22.91 -8.28
C ARG F 104 28.22 -22.42 -7.44
N CYS F 105 27.95 -21.12 -7.49
CA CYS F 105 26.84 -20.53 -6.73
C CYS F 105 25.56 -21.00 -7.39
N PHE F 106 25.59 -21.10 -8.71
CA PHE F 106 24.45 -21.53 -9.51
C PHE F 106 24.02 -22.90 -9.04
N ALA F 107 25.00 -23.78 -8.84
CA ALA F 107 24.74 -25.15 -8.42
C ALA F 107 24.00 -25.15 -7.10
N ARG F 108 24.47 -24.39 -6.13
CA ARG F 108 23.84 -24.36 -4.81
C ARG F 108 22.50 -23.68 -4.90
N PHE F 109 22.36 -22.71 -5.79
CA PHE F 109 21.11 -22.00 -5.96
C PHE F 109 20.06 -22.98 -6.43
N ILE F 110 20.47 -23.89 -7.32
CA ILE F 110 19.56 -24.88 -7.88
C ILE F 110 19.17 -25.89 -6.83
N ALA F 111 20.14 -26.37 -6.07
CA ALA F 111 19.89 -27.36 -5.03
C ALA F 111 18.91 -26.82 -4.02
N GLU F 112 18.91 -25.51 -3.82
CA GLU F 112 18.02 -24.88 -2.86
C GLU F 112 16.63 -24.75 -3.44
N LEU F 113 16.54 -24.36 -4.71
CA LEU F 113 15.25 -24.19 -5.35
C LEU F 113 14.55 -25.52 -5.54
N GLU F 114 15.31 -26.62 -5.57
CA GLU F 114 14.72 -27.94 -5.78
C GLU F 114 14.83 -28.77 -4.53
N ASN F 115 15.39 -28.19 -3.47
CA ASN F 115 15.53 -28.89 -2.21
C ASN F 115 16.21 -30.22 -2.47
N LEU F 116 17.42 -30.17 -3.02
CA LEU F 116 18.19 -31.37 -3.32
C LEU F 116 19.20 -31.51 -2.22
N GLN F 117 19.35 -32.73 -1.69
CA GLN F 117 20.30 -32.97 -0.62
C GLN F 117 21.43 -33.83 -1.13
N GLY F 118 22.63 -33.59 -0.62
CA GLY F 118 23.78 -34.36 -1.01
C GLY F 118 24.38 -34.04 -2.36
N LYS F 119 25.20 -34.96 -2.87
CA LYS F 119 25.88 -34.80 -4.15
C LYS F 119 24.85 -34.72 -5.27
N HIS F 120 25.05 -33.76 -6.15
CA HIS F 120 24.17 -33.55 -7.29
C HIS F 120 24.96 -32.85 -8.35
N SER F 121 24.75 -33.22 -9.60
CA SER F 121 25.45 -32.59 -10.70
C SER F 121 24.39 -32.16 -11.69
N PHE F 122 24.67 -31.07 -12.40
CA PHE F 122 23.73 -30.56 -13.38
C PHE F 122 24.49 -30.23 -14.62
N THR F 123 23.82 -30.33 -15.76
CA THR F 123 24.44 -29.99 -17.03
C THR F 123 23.97 -28.59 -17.30
N ILE F 124 24.92 -27.67 -17.49
CA ILE F 124 24.55 -26.28 -17.72
C ILE F 124 25.05 -25.82 -19.06
N HIS F 125 24.16 -25.18 -19.81
CA HIS F 125 24.50 -24.63 -21.11
C HIS F 125 24.97 -23.22 -20.87
N THR F 126 26.13 -22.87 -21.42
CA THR F 126 26.69 -21.54 -21.24
C THR F 126 27.30 -21.10 -22.55
N GLY F 127 27.60 -19.82 -22.67
CA GLY F 127 28.21 -19.32 -23.88
C GLY F 127 29.60 -19.91 -24.12
N ALA F 128 30.06 -20.74 -23.18
CA ALA F 128 31.38 -21.35 -23.29
C ALA F 128 31.21 -22.83 -23.57
N GLY F 129 29.98 -23.28 -23.68
CA GLY F 129 29.74 -24.69 -23.93
C GLY F 129 29.11 -25.37 -22.74
N LEU F 130 29.30 -26.68 -22.64
CA LEU F 130 28.73 -27.46 -21.55
C LEU F 130 29.61 -27.38 -20.34
N ILE F 131 29.00 -27.00 -19.21
CA ILE F 131 29.69 -26.92 -17.94
C ILE F 131 28.95 -27.88 -17.03
N VAL F 132 29.68 -28.60 -16.18
CA VAL F 132 29.02 -29.58 -15.33
C VAL F 132 29.52 -29.50 -13.90
N PRO F 133 28.75 -28.84 -13.03
CA PRO F 133 29.14 -28.71 -11.61
C PRO F 133 28.54 -29.86 -10.83
N GLU F 134 29.25 -30.32 -9.80
CA GLU F 134 28.77 -31.41 -8.96
C GLU F 134 29.03 -31.05 -7.52
N ILE F 135 27.97 -30.95 -6.73
CA ILE F 135 28.09 -30.62 -5.32
C ILE F 135 28.71 -31.79 -4.59
N GLN F 136 29.86 -31.56 -3.98
CA GLN F 136 30.57 -32.61 -3.25
C GLN F 136 29.87 -32.85 -1.93
N ASP F 137 30.41 -33.77 -1.15
CA ASP F 137 29.83 -34.12 0.14
C ASP F 137 30.11 -33.01 1.12
N ASP F 138 31.32 -32.47 1.10
CA ASP F 138 31.70 -31.39 2.00
C ASP F 138 30.93 -30.14 1.67
N GLY F 139 30.01 -30.23 0.71
CA GLY F 139 29.23 -29.07 0.34
C GLY F 139 29.90 -28.19 -0.70
N GLN F 140 31.15 -28.48 -1.01
CA GLN F 140 31.89 -27.71 -2.00
C GLN F 140 31.38 -28.09 -3.35
N VAL F 141 31.92 -27.46 -4.38
CA VAL F 141 31.48 -27.75 -5.74
C VAL F 141 32.67 -27.98 -6.62
N LYS F 142 32.66 -29.10 -7.32
CA LYS F 142 33.72 -29.44 -8.27
C LYS F 142 33.07 -29.27 -9.61
N VAL F 143 33.67 -28.48 -10.49
CA VAL F 143 33.05 -28.22 -11.77
C VAL F 143 33.94 -28.65 -12.92
N ASP F 144 33.28 -29.17 -13.95
CA ASP F 144 33.93 -29.61 -15.18
C ASP F 144 33.85 -28.41 -16.08
N MET F 145 34.90 -27.60 -16.06
CA MET F 145 34.96 -26.35 -16.81
C MET F 145 35.16 -26.59 -18.30
N GLY F 146 35.22 -27.85 -18.72
CA GLY F 146 35.39 -28.12 -20.13
C GLY F 146 36.84 -28.10 -20.57
N THR F 147 37.07 -27.88 -21.87
CA THR F 147 38.42 -27.85 -22.42
C THR F 147 38.83 -26.43 -22.75
N PRO F 148 40.10 -26.10 -22.51
CA PRO F 148 40.62 -24.75 -22.78
C PRO F 148 40.91 -24.54 -24.24
N ILE F 149 40.71 -23.31 -24.72
CA ILE F 149 40.95 -22.96 -26.11
C ILE F 149 42.27 -22.23 -26.16
N LEU F 150 43.21 -22.76 -26.92
CA LEU F 150 44.53 -22.16 -27.00
C LEU F 150 44.77 -21.47 -28.32
N LYS F 151 43.96 -21.77 -29.33
CA LYS F 151 44.17 -21.15 -30.63
C LYS F 151 44.03 -19.65 -30.50
N ALA F 152 45.10 -18.95 -30.84
CA ALA F 152 45.20 -17.50 -30.75
C ALA F 152 43.93 -16.78 -31.20
N GLN F 153 43.57 -16.94 -32.47
CA GLN F 153 42.42 -16.23 -33.02
C GLN F 153 41.11 -16.61 -32.35
N ASP F 154 41.08 -17.67 -31.56
CA ASP F 154 39.81 -18.06 -30.93
C ASP F 154 39.77 -17.66 -29.48
N VAL F 155 40.80 -16.98 -28.99
CA VAL F 155 40.85 -16.58 -27.57
C VAL F 155 39.79 -15.53 -27.27
N PRO F 156 39.69 -14.45 -28.07
CA PRO F 156 40.47 -14.10 -29.25
C PRO F 156 41.53 -13.05 -28.94
N THR F 157 42.65 -13.13 -29.65
CA THR F 157 43.72 -12.17 -29.49
C THR F 157 44.35 -11.98 -30.83
N LYS F 158 44.88 -10.78 -31.08
CA LYS F 158 45.52 -10.49 -32.35
C LYS F 158 47.00 -10.83 -32.28
N LEU F 159 47.45 -11.30 -31.12
CA LEU F 159 48.85 -11.70 -30.97
C LEU F 159 49.03 -12.94 -31.82
N SER F 160 50.23 -13.13 -32.36
CA SER F 160 50.53 -14.28 -33.20
C SER F 160 50.97 -15.44 -32.37
N GLY F 161 50.45 -16.63 -32.66
CA GLY F 161 50.84 -17.81 -31.91
C GLY F 161 52.33 -18.03 -32.06
N ASN F 162 53.01 -18.29 -30.95
CA ASN F 162 54.46 -18.47 -31.00
C ASN F 162 54.81 -19.86 -30.51
N LYS F 163 53.80 -20.71 -30.39
CA LYS F 163 54.00 -22.09 -29.96
C LYS F 163 52.81 -22.84 -30.48
N GLY F 164 52.88 -23.19 -31.76
CA GLY F 164 51.76 -23.86 -32.39
C GLY F 164 50.89 -22.70 -32.82
N GLU F 165 49.63 -22.72 -32.42
CA GLU F 165 48.73 -21.63 -32.78
C GLU F 165 48.42 -20.88 -31.51
N ALA F 166 49.07 -21.30 -30.43
CA ALA F 166 48.88 -20.72 -29.11
C ALA F 166 49.89 -19.64 -28.84
N VAL F 167 49.48 -18.67 -28.02
CA VAL F 167 50.32 -17.56 -27.61
C VAL F 167 50.85 -17.92 -26.23
N VAL F 168 52.12 -18.27 -26.15
CA VAL F 168 52.71 -18.66 -24.87
C VAL F 168 53.93 -17.82 -24.59
N GLU F 169 53.92 -17.15 -23.45
CA GLU F 169 55.02 -16.31 -23.03
C GLU F 169 55.47 -15.43 -24.20
N ALA F 170 54.52 -14.79 -24.86
CA ALA F 170 54.82 -13.92 -26.00
C ALA F 170 54.86 -12.49 -25.52
N GLU F 171 55.57 -11.64 -26.25
CA GLU F 171 55.73 -10.24 -25.89
C GLU F 171 54.47 -9.44 -26.19
N LEU F 172 54.05 -8.64 -25.21
CA LEU F 172 52.87 -7.78 -25.33
C LEU F 172 53.33 -6.43 -24.85
N VAL F 173 53.27 -5.42 -25.71
CA VAL F 173 53.71 -4.09 -25.32
C VAL F 173 52.52 -3.36 -24.71
N VAL F 174 52.60 -3.13 -23.40
CA VAL F 174 51.54 -2.45 -22.65
C VAL F 174 52.01 -1.08 -22.24
N ASP F 175 51.39 -0.04 -22.80
CA ASP F 175 51.74 1.35 -22.53
C ASP F 175 53.24 1.54 -22.65
N GLY F 176 53.81 0.99 -23.73
CA GLY F 176 55.23 1.14 -23.97
C GLY F 176 56.17 0.19 -23.25
N VAL F 177 55.64 -0.63 -22.35
CA VAL F 177 56.46 -1.56 -21.59
C VAL F 177 56.20 -2.97 -22.08
N SER F 178 57.26 -3.74 -22.29
CA SER F 178 57.14 -5.10 -22.80
C SER F 178 56.92 -6.11 -21.70
N TRP F 179 55.78 -6.80 -21.80
CA TRP F 179 55.42 -7.85 -20.86
C TRP F 179 55.37 -9.14 -21.65
N ASN F 180 55.44 -10.27 -20.95
CA ASN F 180 55.32 -11.58 -21.61
C ASN F 180 54.01 -12.13 -21.12
N VAL F 181 53.17 -12.62 -22.03
CA VAL F 181 51.87 -13.14 -21.62
C VAL F 181 51.55 -14.40 -22.37
N THR F 182 50.60 -15.15 -21.82
CA THR F 182 50.10 -16.38 -22.40
C THR F 182 48.60 -16.19 -22.49
N CYS F 183 47.99 -16.54 -23.62
CA CYS F 183 46.57 -16.34 -23.80
C CYS F 183 45.83 -17.66 -23.86
N VAL F 184 44.75 -17.76 -23.10
CA VAL F 184 43.94 -18.97 -23.10
C VAL F 184 42.51 -18.57 -22.84
N SER F 185 41.59 -19.29 -23.47
CA SER F 185 40.17 -19.01 -23.31
C SER F 185 39.49 -20.16 -22.62
N MET F 186 38.56 -19.82 -21.74
CA MET F 186 37.74 -20.79 -21.01
C MET F 186 36.34 -20.43 -21.40
N GLY F 187 36.22 -19.92 -22.62
CA GLY F 187 34.95 -19.45 -23.13
C GLY F 187 35.21 -17.95 -23.22
N ASN F 188 35.64 -17.39 -22.10
CA ASN F 188 35.97 -15.98 -22.03
C ASN F 188 37.48 -15.87 -22.15
N PRO F 189 37.98 -14.71 -22.60
CA PRO F 189 39.42 -14.47 -22.78
C PRO F 189 40.23 -14.20 -21.53
N HIS F 190 41.44 -14.75 -21.50
CA HIS F 190 42.34 -14.57 -20.36
C HIS F 190 43.74 -14.32 -20.86
N CYS F 191 44.40 -13.36 -20.23
CA CYS F 191 45.76 -12.98 -20.54
C CYS F 191 46.53 -13.19 -19.24
N ILE F 192 47.39 -14.21 -19.20
CA ILE F 192 48.14 -14.53 -17.99
C ILE F 192 49.58 -14.09 -18.13
N THR F 193 50.14 -13.48 -17.08
CA THR F 193 51.53 -13.03 -17.11
C THR F 193 52.20 -13.36 -15.80
N PHE F 194 53.47 -13.76 -15.90
CA PHE F 194 54.26 -14.11 -14.72
C PHE F 194 55.33 -13.06 -14.57
N GLY F 195 55.20 -11.97 -15.32
CA GLY F 195 56.17 -10.90 -15.22
C GLY F 195 56.47 -10.22 -16.54
N LYS F 196 57.26 -9.14 -16.49
CA LYS F 196 57.64 -8.38 -17.67
C LYS F 196 58.69 -9.15 -18.45
N LYS F 197 58.82 -8.82 -19.73
CA LYS F 197 59.80 -9.49 -20.56
C LYS F 197 61.17 -9.17 -20.03
N GLY F 198 61.98 -10.21 -19.81
CA GLY F 198 63.32 -10.01 -19.29
C GLY F 198 63.31 -9.46 -17.87
N GLY F 199 62.21 -9.67 -17.16
CA GLY F 199 62.11 -9.18 -15.80
C GLY F 199 62.05 -10.30 -14.78
N PRO F 200 62.09 -9.97 -13.48
CA PRO F 200 62.04 -10.96 -12.39
C PRO F 200 60.63 -11.44 -12.12
N ASN F 201 60.50 -12.37 -11.18
CA ASN F 201 59.18 -12.89 -10.82
C ASN F 201 58.41 -11.75 -10.21
N LEU F 202 57.09 -11.91 -10.14
CA LEU F 202 56.23 -10.87 -9.60
C LEU F 202 55.90 -11.07 -8.15
N LYS F 203 55.73 -9.94 -7.47
CA LYS F 203 55.28 -9.87 -6.10
C LYS F 203 53.91 -9.27 -6.30
N VAL F 204 52.99 -10.13 -6.70
CA VAL F 204 51.62 -9.77 -7.04
C VAL F 204 51.01 -8.71 -6.15
N ASP F 205 51.22 -8.78 -4.84
CA ASP F 205 50.61 -7.79 -3.95
C ASP F 205 51.23 -6.40 -4.12
N ASP F 206 52.35 -6.29 -4.82
CA ASP F 206 52.98 -4.98 -4.99
C ASP F 206 52.46 -4.29 -6.24
N LEU F 207 51.64 -4.98 -7.04
CA LEU F 207 51.12 -4.38 -8.26
C LEU F 207 50.01 -3.41 -7.94
N ASN F 208 49.87 -2.40 -8.79
CA ASN F 208 48.82 -1.40 -8.66
C ASN F 208 47.83 -1.76 -9.76
N LEU F 209 46.92 -2.68 -9.45
CA LEU F 209 45.95 -3.18 -10.43
C LEU F 209 45.11 -2.11 -11.07
N PRO F 210 44.48 -1.23 -10.28
CA PRO F 210 43.66 -0.20 -10.94
C PRO F 210 44.41 0.67 -11.92
N GLU F 211 45.74 0.59 -11.88
CA GLU F 211 46.56 1.40 -12.78
C GLU F 211 46.97 0.57 -14.00
N ILE F 212 47.52 -0.62 -13.76
CA ILE F 212 48.01 -1.48 -14.84
C ILE F 212 46.88 -2.29 -15.47
N GLY F 213 45.93 -2.75 -14.66
CA GLY F 213 44.83 -3.54 -15.17
C GLY F 213 44.11 -3.05 -16.42
N PRO F 214 43.56 -1.82 -16.40
CA PRO F 214 42.85 -1.27 -17.56
C PRO F 214 43.64 -1.27 -18.85
N LYS F 215 44.96 -1.23 -18.74
CA LYS F 215 45.82 -1.20 -19.93
C LYS F 215 45.80 -2.56 -20.61
N PHE F 216 45.60 -3.61 -19.83
CA PHE F 216 45.53 -4.96 -20.40
C PHE F 216 44.12 -5.19 -20.89
N GLU F 217 43.15 -4.86 -20.05
CA GLU F 217 41.73 -5.08 -20.35
C GLU F 217 41.31 -4.52 -21.69
N HIS F 218 41.70 -3.29 -21.99
CA HIS F 218 41.28 -2.65 -23.24
C HIS F 218 42.39 -2.64 -24.27
N HIS F 219 43.37 -3.52 -24.11
CA HIS F 219 44.49 -3.54 -25.05
C HIS F 219 43.98 -3.84 -26.44
N GLU F 220 44.58 -3.19 -27.44
CA GLU F 220 44.20 -3.34 -28.84
C GLU F 220 44.40 -4.76 -29.33
N MET F 221 45.21 -5.55 -28.63
CA MET F 221 45.45 -6.93 -29.05
C MET F 221 44.35 -7.85 -28.57
N PHE F 222 43.36 -7.30 -27.88
CA PHE F 222 42.25 -8.12 -27.39
C PHE F 222 40.95 -7.48 -27.82
N PRO F 223 40.46 -7.86 -29.01
CA PRO F 223 39.23 -7.37 -29.64
C PRO F 223 37.99 -7.38 -28.77
N ALA F 224 37.89 -8.35 -27.88
CA ALA F 224 36.73 -8.45 -27.00
C ALA F 224 37.14 -8.16 -25.58
N ARG F 225 38.23 -7.41 -25.42
CA ARG F 225 38.79 -7.08 -24.11
C ARG F 225 39.25 -8.38 -23.51
N THR F 226 39.79 -8.35 -22.30
CA THR F 226 40.26 -9.59 -21.72
C THR F 226 40.34 -9.48 -20.22
N ASN F 227 40.39 -10.64 -19.57
CA ASN F 227 40.56 -10.74 -18.14
C ASN F 227 42.06 -10.90 -18.04
N THR F 228 42.68 -10.39 -16.97
CA THR F 228 44.12 -10.49 -16.85
C THR F 228 44.46 -11.02 -15.48
N GLU F 229 45.30 -12.04 -15.42
CA GLU F 229 45.70 -12.54 -14.11
C GLU F 229 47.21 -12.49 -13.99
N PHE F 230 47.65 -11.92 -12.87
CA PHE F 230 49.07 -11.77 -12.57
C PHE F 230 49.38 -12.91 -11.61
N VAL F 231 50.46 -13.64 -11.90
CA VAL F 231 50.77 -14.82 -11.09
C VAL F 231 52.19 -14.85 -10.58
N GLU F 232 52.35 -15.42 -9.39
CA GLU F 232 53.66 -15.60 -8.79
C GLU F 232 53.67 -17.03 -8.30
N VAL F 233 54.61 -17.82 -8.82
CA VAL F 233 54.72 -19.23 -8.49
C VAL F 233 55.33 -19.41 -7.12
N LEU F 234 54.67 -20.19 -6.28
CA LEU F 234 55.15 -20.47 -4.93
C LEU F 234 55.82 -21.82 -4.97
N SER F 235 55.29 -22.71 -5.79
CA SER F 235 55.83 -24.06 -5.98
C SER F 235 55.18 -24.58 -7.25
N ARG F 236 55.63 -25.71 -7.76
CA ARG F 236 55.07 -26.24 -9.00
C ARG F 236 53.66 -26.73 -8.81
N SER F 237 53.13 -26.61 -7.60
CA SER F 237 51.75 -27.03 -7.36
C SER F 237 51.04 -26.00 -6.48
N HIS F 238 51.60 -24.80 -6.41
CA HIS F 238 51.04 -23.75 -5.57
C HIS F 238 51.28 -22.40 -6.23
N LEU F 239 50.22 -21.77 -6.70
CA LEU F 239 50.31 -20.47 -7.39
C LEU F 239 49.49 -19.42 -6.67
N LYS F 240 50.00 -18.19 -6.62
CA LYS F 240 49.32 -17.06 -6.00
C LYS F 240 48.97 -16.12 -7.13
N MET F 241 47.81 -15.48 -7.07
CA MET F 241 47.42 -14.60 -8.17
C MET F 241 46.50 -13.49 -7.73
N ARG F 242 46.37 -12.50 -8.63
CA ARG F 242 45.48 -11.37 -8.49
C ARG F 242 44.92 -11.17 -9.88
N VAL F 243 43.69 -10.69 -9.99
CA VAL F 243 43.09 -10.55 -11.30
C VAL F 243 42.38 -9.24 -11.49
N TRP F 244 42.43 -8.77 -12.73
CA TRP F 244 41.73 -7.56 -13.14
C TRP F 244 40.80 -8.09 -14.21
N GLU F 245 39.53 -8.22 -13.87
CA GLU F 245 38.54 -8.80 -14.76
C GLU F 245 38.02 -7.82 -15.77
N ARG F 246 37.63 -8.38 -16.91
CA ARG F 246 37.01 -7.61 -17.96
C ARG F 246 35.69 -7.18 -17.38
N GLY F 247 35.40 -5.88 -17.47
CA GLY F 247 34.14 -5.36 -16.96
C GLY F 247 33.77 -5.55 -15.50
N ALA F 248 34.71 -5.93 -14.64
CA ALA F 248 34.37 -6.13 -13.23
C ALA F 248 35.47 -5.61 -12.33
N GLY F 249 36.64 -5.33 -12.89
CA GLY F 249 37.74 -4.81 -12.11
C GLY F 249 38.50 -5.80 -11.25
N ALA F 250 39.07 -5.33 -10.15
CA ALA F 250 39.85 -6.18 -9.25
C ALA F 250 38.91 -6.87 -8.30
N THR F 251 38.58 -8.12 -8.60
CA THR F 251 37.69 -8.91 -7.77
C THR F 251 38.51 -9.76 -6.82
N LEU F 252 37.83 -10.37 -5.86
CA LEU F 252 38.52 -11.20 -4.87
C LEU F 252 38.83 -12.59 -5.42
N ALA F 253 38.26 -12.95 -6.57
CA ALA F 253 38.52 -14.28 -7.12
C ALA F 253 37.91 -14.40 -8.49
N CYS F 254 38.45 -15.31 -9.29
CA CYS F 254 37.95 -15.57 -10.65
C CYS F 254 38.21 -17.03 -10.96
N GLY F 255 37.13 -17.80 -11.05
CA GLY F 255 37.24 -19.23 -11.34
C GLY F 255 37.83 -19.56 -12.69
N THR F 256 37.28 -18.99 -13.76
CA THR F 256 37.79 -19.26 -15.10
C THR F 256 39.22 -18.79 -15.17
N GLY F 257 39.53 -17.71 -14.44
CA GLY F 257 40.87 -17.17 -14.44
C GLY F 257 41.87 -18.09 -13.77
N ALA F 258 41.43 -18.78 -12.73
CA ALA F 258 42.30 -19.70 -12.00
C ALA F 258 42.57 -20.89 -12.89
N CYS F 259 41.59 -21.27 -13.70
CA CYS F 259 41.74 -22.41 -14.60
C CYS F 259 42.72 -22.03 -15.69
N ALA F 260 42.54 -20.85 -16.27
CA ALA F 260 43.38 -20.38 -17.36
C ALA F 260 44.84 -20.19 -16.93
N LEU F 261 45.07 -19.70 -15.72
CA LEU F 261 46.45 -19.47 -15.29
C LEU F 261 47.18 -20.76 -15.01
N VAL F 262 46.46 -21.82 -14.64
CA VAL F 262 47.12 -23.09 -14.41
C VAL F 262 47.53 -23.63 -15.76
N VAL F 263 46.67 -23.45 -16.75
CA VAL F 263 46.96 -23.90 -18.11
C VAL F 263 48.21 -23.20 -18.59
N ALA F 264 48.25 -21.89 -18.39
CA ALA F 264 49.39 -21.07 -18.81
C ALA F 264 50.64 -21.50 -18.07
N ALA F 265 50.52 -21.77 -16.78
CA ALA F 265 51.67 -22.18 -15.97
C ALA F 265 52.24 -23.48 -16.51
N VAL F 266 51.37 -24.38 -16.94
CA VAL F 266 51.81 -25.67 -17.48
C VAL F 266 52.49 -25.45 -18.80
N LEU F 267 51.84 -24.70 -19.69
CA LEU F 267 52.38 -24.42 -21.02
C LEU F 267 53.74 -23.76 -20.92
N GLU F 268 53.94 -22.91 -19.93
CA GLU F 268 55.23 -22.23 -19.78
C GLU F 268 56.20 -23.10 -18.98
N GLY F 269 55.72 -24.27 -18.56
CA GLY F 269 56.56 -25.19 -17.81
C GLY F 269 56.92 -24.73 -16.41
N ARG F 270 56.08 -23.90 -15.79
CA ARG F 270 56.37 -23.38 -14.45
C ARG F 270 55.65 -24.18 -13.39
N ALA F 271 54.64 -24.97 -13.74
CA ALA F 271 53.92 -25.74 -12.71
C ALA F 271 53.28 -26.98 -13.29
N ASP F 272 52.82 -27.86 -12.40
CA ASP F 272 52.19 -29.12 -12.78
C ASP F 272 50.75 -28.86 -13.21
N ARG F 273 50.06 -29.93 -13.59
CA ARG F 273 48.67 -29.83 -14.06
C ARG F 273 47.69 -29.76 -12.91
N LYS F 274 48.17 -30.00 -11.69
CA LYS F 274 47.29 -29.94 -10.52
C LYS F 274 47.90 -28.93 -9.59
N CYS F 275 47.17 -27.86 -9.30
CA CYS F 275 47.69 -26.81 -8.41
C CYS F 275 46.62 -26.32 -7.48
N THR F 276 47.10 -25.60 -6.47
CA THR F 276 46.26 -24.95 -5.50
C THR F 276 46.49 -23.50 -5.80
N VAL F 277 45.47 -22.82 -6.31
CA VAL F 277 45.61 -21.41 -6.65
C VAL F 277 45.08 -20.56 -5.52
N ASP F 278 45.94 -19.69 -4.99
CA ASP F 278 45.56 -18.78 -3.92
C ASP F 278 45.05 -17.50 -4.55
N LEU F 279 43.77 -17.21 -4.37
CA LEU F 279 43.21 -15.96 -4.90
C LEU F 279 43.02 -15.06 -3.70
N PRO F 280 42.86 -13.75 -3.93
CA PRO F 280 42.67 -12.82 -2.81
C PRO F 280 41.65 -13.27 -1.79
N GLY F 281 40.53 -13.81 -2.25
CA GLY F 281 39.50 -14.25 -1.33
C GLY F 281 39.61 -15.68 -0.82
N GLY F 282 40.61 -16.41 -1.30
CA GLY F 282 40.76 -17.78 -0.86
C GLY F 282 41.35 -18.70 -1.92
N PRO F 283 41.56 -19.99 -1.58
CA PRO F 283 42.12 -20.98 -2.51
C PRO F 283 41.12 -21.78 -3.31
N LEU F 284 41.55 -22.23 -4.48
CA LEU F 284 40.76 -23.05 -5.37
C LEU F 284 41.63 -24.20 -5.81
N GLU F 285 41.05 -25.38 -5.98
CA GLU F 285 41.82 -26.54 -6.43
C GLU F 285 41.56 -26.70 -7.91
N ILE F 286 42.62 -26.57 -8.71
CA ILE F 286 42.49 -26.66 -10.16
C ILE F 286 43.27 -27.86 -10.66
N GLU F 287 42.74 -28.51 -11.69
CA GLU F 287 43.40 -29.66 -12.27
C GLU F 287 43.07 -29.77 -13.74
N TRP F 288 44.12 -29.87 -14.55
CA TRP F 288 43.98 -29.99 -16.00
C TRP F 288 44.31 -31.44 -16.33
N LYS F 289 43.29 -32.29 -16.35
CA LYS F 289 43.46 -33.72 -16.65
C LYS F 289 43.96 -33.88 -18.06
N GLN F 290 45.16 -34.42 -18.20
CA GLN F 290 45.80 -34.65 -19.50
C GLN F 290 45.11 -35.79 -20.20
N GLU F 291 44.38 -36.60 -19.45
CA GLU F 291 43.67 -37.76 -19.98
C GLU F 291 42.54 -37.35 -20.90
N ASP F 292 41.89 -36.23 -20.62
CA ASP F 292 40.77 -35.80 -21.45
C ASP F 292 40.87 -34.33 -21.81
N ASN F 293 41.92 -33.67 -21.33
CA ASN F 293 42.14 -32.25 -21.61
C ASN F 293 41.06 -31.40 -20.97
N HIS F 294 40.46 -31.89 -19.90
CA HIS F 294 39.41 -31.13 -19.21
C HIS F 294 40.01 -30.53 -17.97
N ILE F 295 39.46 -29.39 -17.57
CA ILE F 295 39.93 -28.69 -16.38
C ILE F 295 38.85 -28.81 -15.33
N TYR F 296 39.24 -29.17 -14.12
CA TYR F 296 38.29 -29.31 -13.02
C TYR F 296 38.65 -28.29 -11.97
N MET F 297 37.64 -27.56 -11.50
CA MET F 297 37.83 -26.53 -10.48
C MET F 297 36.98 -26.86 -9.28
N THR F 298 37.59 -26.83 -8.10
CA THR F 298 36.87 -27.13 -6.86
C THR F 298 36.99 -25.95 -5.94
N GLY F 299 35.86 -25.49 -5.42
CA GLY F 299 35.85 -24.36 -4.50
C GLY F 299 34.52 -24.18 -3.79
N PRO F 300 34.45 -23.26 -2.80
CA PRO F 300 33.21 -23.03 -2.06
C PRO F 300 32.24 -22.11 -2.77
N ALA F 301 31.07 -21.95 -2.16
CA ALA F 301 30.00 -21.09 -2.67
C ALA F 301 29.02 -20.93 -1.52
N GLU F 302 28.65 -19.69 -1.18
CA GLU F 302 27.74 -19.50 -0.05
C GLU F 302 26.65 -18.48 -0.33
N ALA F 303 25.51 -18.70 0.32
CA ALA F 303 24.36 -17.81 0.22
C ALA F 303 24.57 -16.78 1.29
N VAL F 304 24.23 -15.52 1.00
CA VAL F 304 24.43 -14.47 1.98
C VAL F 304 23.10 -13.93 2.45
N PHE F 305 22.25 -13.54 1.50
CA PHE F 305 20.94 -13.02 1.85
C PHE F 305 20.08 -13.05 0.61
N TYR F 306 18.79 -12.85 0.78
CA TYR F 306 17.88 -12.82 -0.35
C TYR F 306 17.05 -11.58 -0.20
N GLY F 307 16.60 -11.01 -1.32
CA GLY F 307 15.80 -9.81 -1.24
C GLY F 307 15.06 -9.41 -2.49
N SER F 308 14.49 -8.21 -2.46
CA SER F 308 13.73 -7.68 -3.58
C SER F 308 14.22 -6.27 -3.79
N ALA F 309 14.68 -5.99 -5.00
CA ALA F 309 15.22 -4.67 -5.33
C ALA F 309 14.24 -3.94 -6.19
N LEU F 310 14.31 -2.61 -6.13
CA LEU F 310 13.44 -1.76 -6.94
C LEU F 310 14.12 -1.59 -8.28
N LEU F 311 13.32 -1.51 -9.34
CA LEU F 311 13.86 -1.34 -10.70
C LEU F 311 13.35 -0.03 -11.28
CAN ZDR G . 28.83 10.35 7.61
CAT ZDR G . 27.73 9.92 8.61
NAC ZDR G . 27.21 8.71 8.10
CAQ ZDR G . 26.70 11.00 8.66
OAF ZDR G . 26.64 11.89 9.56
OAH ZDR G . 25.89 11.01 7.69
CAM ZDR G . 28.39 9.70 9.95
CAJ ZDR G . 28.53 8.24 10.44
CAK ZDR G . 29.26 8.15 11.80
CAS ZDR G . 30.80 8.28 11.69
NAB ZDR G . 31.36 7.20 10.89
CAP ZDR G . 31.46 8.20 13.06
OAE ZDR G . 31.38 9.23 13.77
OAG ZDR G . 32.06 7.16 13.45
CAN ZDR H . -20.41 27.00 -0.20
CAT ZDR H . -19.20 27.04 0.75
NAC ZDR H . -18.13 26.44 0.03
CAQ ZDR H . -19.55 26.26 1.97
OAF ZDR H . -19.89 26.78 3.08
OAH ZDR H . -19.51 25.01 1.83
CAM ZDR H . -18.91 28.48 1.05
CAJ ZDR H . -17.64 29.10 0.43
CAK ZDR H . -17.48 30.59 0.79
CAS ZDR H . -18.35 31.53 -0.08
NAB ZDR H . -18.00 31.44 -1.48
CAP ZDR H . -18.16 32.99 0.35
OAE ZDR H . -18.70 33.34 1.41
OAG ZDR H . -17.49 33.80 -0.34
CAN ZDR I . -11.83 -13.51 31.29
CAT ZDR I . -12.11 -11.99 31.16
NAC ZDR I . -12.43 -11.79 29.79
CAQ ZDR I . -10.90 -11.25 31.56
OAF ZDR I . -10.72 -10.72 32.69
OAH ZDR I . -10.01 -11.17 30.67
CAM ZDR I . -13.29 -11.67 32.03
CAJ ZDR I . -14.64 -11.35 31.33
CAK ZDR I . -15.78 -11.09 32.33
CAS ZDR I . -16.40 -12.37 32.92
NAB ZDR I . -16.96 -13.22 31.90
CAP ZDR I . -17.51 -12.04 33.91
OAE ZDR I . -17.15 -11.61 35.03
OAG ZDR I . -18.73 -12.19 33.62
CAN ZDR J . -11.46 19.24 -30.25
CAT ZDR J . -10.48 18.04 -30.22
NAC ZDR J . -10.12 17.90 -28.87
CAQ ZDR J . -9.31 18.37 -31.08
OAF ZDR J . -9.15 17.94 -32.26
OAH ZDR J . -8.48 19.15 -30.55
CAM ZDR J . -11.23 16.84 -30.72
CAJ ZDR J . -11.59 15.76 -29.68
CAK ZDR J . -12.39 14.59 -30.29
CAS ZDR J . -13.89 14.90 -30.49
NAB ZDR J . -14.53 15.21 -29.22
CAP ZDR J . -14.62 13.73 -31.09
OAE ZDR J . -14.43 13.51 -32.30
OAG ZDR J . -15.37 13.01 -30.40
CAN ZDR K . -20.71 -29.36 4.56
CAT ZDR K . -20.21 -28.62 3.29
NAC ZDR K . -19.78 -27.34 3.73
CAQ ZDR K . -21.32 -28.53 2.31
OAF ZDR K . -21.47 -29.27 1.29
OAH ZDR K . -22.18 -27.63 2.57
CAM ZDR K . -19.04 -29.41 2.76
CAJ ZDR K . -17.63 -28.78 2.89
CAK ZDR K . -16.52 -29.70 2.32
CAS ZDR K . -16.11 -30.86 3.25
NAB ZDR K . -15.59 -30.37 4.50
CAP ZDR K . -15.04 -31.73 2.62
OAE ZDR K . -15.41 -32.52 1.72
OAG ZDR K . -13.84 -31.66 2.98
CAN ZDR L . 36.01 -14.25 -12.44
CAT ZDR L . 34.73 -14.90 -13.01
NAC ZDR L . 33.66 -14.38 -12.22
CAQ ZDR L . 34.82 -16.38 -12.85
OAF ZDR L . 35.09 -17.18 -13.80
OAH ZDR L . 34.64 -16.81 -11.68
CAM ZDR L . 34.59 -14.48 -14.44
CAJ ZDR L . 33.50 -13.44 -14.80
CAK ZDR L . 33.50 -13.08 -16.28
CAS ZDR L . 34.57 -12.04 -16.68
NAB ZDR L . 34.37 -10.78 -16.00
CAP ZDR L . 34.51 -11.74 -18.17
OAE ZDR L . 35.24 -12.57 -18.97
OAG ZDR L . 34.00 -10.69 -18.62
#